data_7E3V
#
_entry.id   7E3V
#
_cell.length_a   69.947
_cell.length_b   120.807
_cell.length_c   186.639
_cell.angle_alpha   90.000
_cell.angle_beta   90.000
_cell.angle_gamma   90.000
#
_symmetry.space_group_name_H-M   'P 21 21 21'
#
loop_
_entity.id
_entity.type
_entity.pdbx_description
1 polymer 'UPF0173 metal-dependent hydrolase C7P97_11315'
2 non-polymer 2-AMINO-2-HYDROXYMETHYL-PROPANE-1,3-DIOL
3 non-polymer 'CHLORIDE ION'
4 non-polymer 'NICKEL (II) ION'
5 non-polymer 'ZINC ION'
6 water water
#
_entity_poly.entity_id   1
_entity_poly.type   'polypeptide(L)'
_entity_poly.pdbx_seq_one_letter_code
;HHHHHHSSGLVPRGSHMMKLSFHGQSTIYLEGNNKKVIVDPFISNNPKCDLNIETVQVDYIVLTHGHFDHFGDVVELAKK
TGATVIGSAEMADYLSSYHGVENVHGMNIGGKANFDFGSVKFVQAFHSSSFTHENGIPVYLGMPMGIVFEVEGKTIYHTG
DTGLFSDMSLIAKRHPVDVCFVPIGDNFTMGIDDASYAINEFIKPKISVPIHYDTFPLIEQDPQQFKDAVNVGDVQILKP
GESVQF
;
_entity_poly.pdbx_strand_id   A,B,C,D,E,F
#
# COMPACT_ATOMS: atom_id res chain seq x y z
N MET A 17 31.34 -21.79 -5.40
CA MET A 17 29.88 -21.53 -5.51
C MET A 17 29.18 -22.22 -4.34
N MET A 18 28.30 -21.51 -3.65
CA MET A 18 27.55 -22.02 -2.48
C MET A 18 26.79 -23.31 -2.87
N LYS A 19 26.94 -24.38 -2.08
CA LYS A 19 26.28 -25.69 -2.33
C LYS A 19 24.85 -25.62 -1.77
N LEU A 20 23.86 -25.83 -2.65
CA LEU A 20 22.39 -25.80 -2.36
C LEU A 20 21.68 -26.72 -3.36
N SER A 21 21.07 -27.81 -2.88
CA SER A 21 20.42 -28.81 -3.77
C SER A 21 19.00 -29.13 -3.28
N PHE A 22 18.15 -29.61 -4.19
CA PHE A 22 16.74 -30.03 -3.95
C PHE A 22 16.64 -31.55 -4.06
N HIS A 23 15.85 -32.19 -3.20
CA HIS A 23 15.85 -33.67 -3.02
C HIS A 23 14.43 -34.25 -2.91
N GLY A 24 13.41 -33.55 -3.42
CA GLY A 24 12.01 -34.00 -3.45
C GLY A 24 11.17 -33.37 -2.35
N GLN A 25 9.85 -33.28 -2.57
CA GLN A 25 8.86 -32.61 -1.68
C GLN A 25 9.39 -31.22 -1.32
N SER A 26 9.76 -30.97 -0.06
CA SER A 26 10.32 -29.67 0.39
C SER A 26 11.73 -29.85 0.96
N THR A 27 12.38 -30.98 0.66
CA THR A 27 13.73 -31.31 1.16
C THR A 27 14.76 -30.52 0.35
N ILE A 28 15.49 -29.62 1.01
CA ILE A 28 16.66 -28.92 0.43
C ILE A 28 17.85 -29.22 1.32
N TYR A 29 19.04 -29.17 0.73
CA TYR A 29 20.33 -29.44 1.38
C TYR A 29 21.25 -28.28 1.02
N LEU A 30 22.08 -27.85 1.96
CA LEU A 30 23.08 -26.79 1.68
C LEU A 30 24.29 -26.94 2.60
N GLU A 31 25.41 -26.35 2.21
CA GLU A 31 26.65 -26.28 3.02
C GLU A 31 27.00 -24.80 3.25
N GLY A 32 27.37 -24.46 4.48
CA GLY A 32 27.95 -23.16 4.85
C GLY A 32 29.11 -23.38 5.82
N ASN A 33 30.30 -22.88 5.48
CA ASN A 33 31.55 -23.05 6.26
C ASN A 33 31.74 -24.53 6.59
N ASN A 34 31.61 -25.41 5.60
CA ASN A 34 31.93 -26.87 5.68
C ASN A 34 30.95 -27.59 6.62
N LYS A 35 29.80 -26.98 6.93
CA LYS A 35 28.74 -27.57 7.78
C LYS A 35 27.55 -27.90 6.88
N LYS A 36 26.97 -29.09 7.05
CA LYS A 36 25.90 -29.65 6.20
C LYS A 36 24.53 -29.43 6.88
N VAL A 37 23.57 -28.88 6.15
CA VAL A 37 22.20 -28.55 6.66
C VAL A 37 21.17 -29.21 5.74
N ILE A 38 20.20 -29.91 6.31
CA ILE A 38 19.02 -30.43 5.55
C ILE A 38 17.74 -29.82 6.14
N VAL A 39 16.74 -29.61 5.29
CA VAL A 39 15.41 -29.04 5.66
C VAL A 39 14.38 -30.13 5.36
N ASP A 40 13.45 -30.36 6.28
CA ASP A 40 12.27 -31.21 6.05
C ASP A 40 12.71 -32.54 5.45
N PRO A 41 13.49 -33.37 6.19
CA PRO A 41 14.11 -34.60 5.65
C PRO A 41 13.20 -35.82 5.49
N PHE A 42 12.26 -35.74 4.55
CA PHE A 42 11.37 -36.83 4.08
C PHE A 42 12.12 -37.71 3.07
N ILE A 43 12.96 -38.64 3.57
CA ILE A 43 13.93 -39.42 2.75
C ILE A 43 13.43 -40.85 2.52
N SER A 44 13.32 -41.68 3.57
CA SER A 44 13.10 -43.14 3.44
C SER A 44 11.73 -43.44 2.81
N ASN A 45 10.72 -42.57 2.98
CA ASN A 45 9.32 -42.86 2.57
C ASN A 45 8.92 -42.06 1.33
N ASN A 46 9.86 -41.36 0.69
CA ASN A 46 9.67 -40.66 -0.61
C ASN A 46 10.49 -41.41 -1.66
N PRO A 47 9.88 -42.27 -2.50
CA PRO A 47 10.62 -42.99 -3.54
C PRO A 47 11.29 -42.07 -4.59
N LYS A 48 10.78 -40.86 -4.79
CA LYS A 48 11.33 -39.87 -5.75
C LYS A 48 12.53 -39.12 -5.15
N CYS A 49 12.76 -39.23 -3.83
CA CYS A 49 13.94 -38.64 -3.13
C CYS A 49 15.16 -39.50 -3.42
N ASP A 50 16.24 -38.87 -3.89
CA ASP A 50 17.48 -39.53 -4.35
C ASP A 50 18.37 -39.84 -3.14
N LEU A 51 18.01 -39.35 -1.95
CA LEU A 51 18.84 -39.48 -0.72
C LEU A 51 18.59 -40.85 -0.08
N ASN A 52 19.55 -41.29 0.75
CA ASN A 52 19.52 -42.54 1.53
C ASN A 52 19.85 -42.20 2.98
N ILE A 53 18.97 -42.59 3.92
CA ILE A 53 19.14 -42.41 5.40
C ILE A 53 20.54 -42.90 5.82
N GLU A 54 21.05 -43.96 5.19
CA GLU A 54 22.28 -44.67 5.59
C GLU A 54 23.52 -43.79 5.32
N THR A 55 23.49 -42.95 4.28
CA THR A 55 24.70 -42.34 3.68
C THR A 55 24.72 -40.81 3.82
N VAL A 56 23.57 -40.15 4.00
CA VAL A 56 23.51 -38.65 4.11
C VAL A 56 24.20 -38.21 5.41
N GLN A 57 25.06 -37.19 5.29
CA GLN A 57 25.80 -36.56 6.41
C GLN A 57 25.22 -35.16 6.65
N VAL A 58 24.99 -34.81 7.92
CA VAL A 58 24.40 -33.49 8.29
C VAL A 58 24.86 -33.14 9.70
N ASP A 59 25.09 -31.85 9.93
CA ASP A 59 25.41 -31.25 11.25
C ASP A 59 24.16 -30.59 11.84
N TYR A 60 23.20 -30.21 10.98
CA TYR A 60 21.94 -29.52 11.38
C TYR A 60 20.76 -29.99 10.53
N ILE A 61 19.60 -30.03 11.16
CA ILE A 61 18.28 -30.28 10.53
C ILE A 61 17.35 -29.13 10.96
N VAL A 62 16.65 -28.53 9.99
CA VAL A 62 15.66 -27.44 10.22
C VAL A 62 14.31 -27.95 9.75
N LEU A 63 13.28 -27.83 10.58
CA LEU A 63 11.90 -28.26 10.25
C LEU A 63 10.99 -27.04 10.14
N THR A 64 10.31 -26.89 9.00
CA THR A 64 9.36 -25.78 8.76
C THR A 64 8.11 -26.00 9.61
N HIS A 65 7.78 -27.26 9.89
CA HIS A 65 6.52 -27.70 10.52
C HIS A 65 6.56 -29.22 10.68
N GLY A 66 5.54 -29.80 11.33
CA GLY A 66 5.62 -31.17 11.88
C GLY A 66 4.95 -32.22 11.01
N HIS A 67 4.32 -31.86 9.88
CA HIS A 67 3.61 -32.85 9.01
C HIS A 67 4.60 -33.95 8.62
N PHE A 68 4.11 -35.18 8.50
CA PHE A 68 4.89 -36.42 8.20
C PHE A 68 5.83 -36.21 7.01
N ASP A 69 5.37 -35.52 5.97
CA ASP A 69 6.10 -35.36 4.68
C ASP A 69 7.20 -34.29 4.84
N HIS A 70 7.41 -33.77 6.06
CA HIS A 70 8.50 -32.84 6.40
C HIS A 70 9.30 -33.38 7.59
N PHE A 71 8.58 -33.74 8.66
CA PHE A 71 9.13 -34.43 9.86
C PHE A 71 10.01 -35.57 9.37
N GLY A 72 9.43 -36.49 8.59
CA GLY A 72 10.15 -37.57 7.89
C GLY A 72 11.03 -38.36 8.84
N ASP A 73 12.32 -38.44 8.53
CA ASP A 73 13.34 -39.27 9.22
C ASP A 73 14.15 -38.46 10.24
N VAL A 74 13.70 -37.26 10.60
CA VAL A 74 14.47 -36.37 11.53
C VAL A 74 14.99 -37.20 12.71
N VAL A 75 14.15 -38.00 13.35
CA VAL A 75 14.52 -38.71 14.61
C VAL A 75 15.72 -39.63 14.32
N GLU A 76 15.56 -40.53 13.36
CA GLU A 76 16.62 -41.51 12.99
C GLU A 76 17.88 -40.77 12.51
N LEU A 77 17.71 -39.74 11.67
CA LEU A 77 18.84 -38.93 11.12
C LEU A 77 19.58 -38.23 12.26
N ALA A 78 18.84 -37.54 13.14
CA ALA A 78 19.39 -36.79 14.29
C ALA A 78 20.24 -37.71 15.17
N LYS A 79 19.70 -38.89 15.49
CA LYS A 79 20.32 -39.92 16.37
C LYS A 79 21.64 -40.42 15.77
N LYS A 80 21.60 -40.83 14.49
CA LYS A 80 22.77 -41.40 13.76
C LYS A 80 23.90 -40.37 13.63
N THR A 81 23.61 -39.14 13.21
CA THR A 81 24.63 -38.09 12.91
C THR A 81 24.97 -37.28 14.17
N GLY A 82 24.06 -37.17 15.14
CA GLY A 82 24.21 -36.22 16.27
C GLY A 82 23.95 -34.79 15.83
N ALA A 83 23.27 -34.60 14.69
CA ALA A 83 22.88 -33.27 14.17
C ALA A 83 22.02 -32.54 15.21
N THR A 84 22.10 -31.21 15.24
CA THR A 84 21.19 -30.33 16.03
C THR A 84 19.93 -30.07 15.20
N VAL A 85 18.75 -30.32 15.76
CA VAL A 85 17.44 -30.06 15.07
C VAL A 85 16.98 -28.68 15.49
N ILE A 86 16.78 -27.80 14.51
CA ILE A 86 16.29 -26.41 14.74
C ILE A 86 14.81 -26.39 14.37
N GLY A 87 13.96 -25.87 15.26
CA GLY A 87 12.52 -25.70 14.94
C GLY A 87 11.80 -24.88 16.00
N SER A 88 10.47 -24.88 15.94
CA SER A 88 9.60 -24.27 16.98
C SER A 88 9.97 -24.83 18.36
N ALA A 89 9.70 -24.07 19.42
CA ALA A 89 9.86 -24.48 20.83
C ALA A 89 9.10 -25.79 21.09
N GLU A 90 7.86 -25.90 20.60
CA GLU A 90 7.05 -27.13 20.74
C GLU A 90 7.77 -28.30 20.06
N MET A 91 8.32 -28.06 18.87
CA MET A 91 8.98 -29.12 18.06
C MET A 91 10.21 -29.60 18.85
N ALA A 92 11.01 -28.66 19.37
CA ALA A 92 12.23 -28.93 20.17
C ALA A 92 11.89 -29.79 21.41
N ASP A 93 10.83 -29.44 22.13
CA ASP A 93 10.36 -30.15 23.35
C ASP A 93 9.92 -31.57 22.97
N TYR A 94 9.21 -31.69 21.85
CA TYR A 94 8.65 -32.95 21.33
C TYR A 94 9.79 -33.91 20.98
N LEU A 95 10.75 -33.43 20.19
CA LEU A 95 11.92 -34.23 19.75
C LEU A 95 12.72 -34.67 20.99
N SER A 96 12.93 -33.73 21.91
CA SER A 96 13.69 -33.93 23.16
C SER A 96 12.98 -34.94 24.08
N SER A 97 11.77 -34.60 24.53
CA SER A 97 11.07 -35.29 25.64
C SER A 97 10.30 -36.51 25.15
N TYR A 98 9.75 -36.49 23.95
CA TYR A 98 8.97 -37.63 23.41
C TYR A 98 9.93 -38.58 22.69
N HIS A 99 10.82 -38.05 21.86
CA HIS A 99 11.69 -38.87 20.97
C HIS A 99 13.11 -39.08 21.53
N GLY A 100 13.55 -38.34 22.56
CA GLY A 100 14.91 -38.49 23.13
C GLY A 100 16.02 -38.02 22.19
N VAL A 101 15.77 -37.07 21.29
CA VAL A 101 16.84 -36.47 20.45
C VAL A 101 17.67 -35.55 21.37
N GLU A 102 19.00 -35.71 21.38
CA GLU A 102 19.90 -35.09 22.39
C GLU A 102 20.10 -33.61 22.08
N ASN A 103 20.17 -33.25 20.80
CA ASN A 103 20.63 -31.91 20.35
C ASN A 103 19.49 -31.25 19.59
N VAL A 104 18.84 -30.29 20.24
CA VAL A 104 17.72 -29.50 19.68
C VAL A 104 17.98 -28.02 19.99
N HIS A 105 17.52 -27.14 19.10
CA HIS A 105 17.48 -25.68 19.32
C HIS A 105 16.07 -25.16 18.99
N GLY A 106 15.33 -24.76 20.02
CA GLY A 106 13.98 -24.16 19.96
C GLY A 106 14.05 -22.69 19.57
N MET A 107 13.15 -22.27 18.67
CA MET A 107 13.04 -20.88 18.15
C MET A 107 11.54 -20.60 17.91
N ASN A 108 11.20 -19.41 17.45
CA ASN A 108 9.82 -19.15 17.00
C ASN A 108 9.89 -18.05 15.94
N ILE A 109 8.73 -17.68 15.42
CA ILE A 109 8.58 -16.78 14.25
C ILE A 109 9.21 -15.41 14.58
N GLY A 110 10.01 -14.90 13.66
CA GLY A 110 10.73 -13.62 13.81
C GLY A 110 12.10 -13.83 14.42
N GLY A 111 12.28 -14.96 15.12
CA GLY A 111 13.53 -15.33 15.78
C GLY A 111 14.63 -15.65 14.79
N LYS A 112 15.82 -15.13 15.04
CA LYS A 112 17.06 -15.36 14.27
C LYS A 112 18.11 -15.95 15.19
N ALA A 113 18.89 -16.89 14.67
CA ALA A 113 19.96 -17.60 15.40
C ALA A 113 21.17 -17.72 14.49
N ASN A 114 22.35 -17.43 15.04
CA ASN A 114 23.66 -17.51 14.37
C ASN A 114 24.32 -18.84 14.76
N PHE A 115 24.59 -19.67 13.76
CA PHE A 115 25.33 -20.94 13.89
C PHE A 115 26.61 -20.84 13.07
N ASP A 116 27.48 -21.83 13.18
CA ASP A 116 28.80 -21.87 12.48
C ASP A 116 28.57 -21.89 10.96
N PHE A 117 27.41 -22.37 10.47
CA PHE A 117 27.11 -22.49 9.02
C PHE A 117 26.61 -21.16 8.45
N GLY A 118 26.12 -20.26 9.31
CA GLY A 118 25.34 -19.07 8.92
C GLY A 118 24.15 -18.88 9.85
N SER A 119 23.13 -18.14 9.41
CA SER A 119 21.96 -17.76 10.24
C SER A 119 20.70 -18.47 9.75
N VAL A 120 19.83 -18.82 10.70
CA VAL A 120 18.42 -19.26 10.49
C VAL A 120 17.51 -18.19 11.08
N LYS A 121 16.54 -17.73 10.30
CA LYS A 121 15.43 -16.90 10.79
C LYS A 121 14.14 -17.57 10.36
N PHE A 122 13.26 -17.92 11.31
CA PHE A 122 11.89 -18.42 11.03
C PHE A 122 10.96 -17.23 10.75
N VAL A 123 10.13 -17.38 9.73
CA VAL A 123 9.07 -16.42 9.34
C VAL A 123 7.72 -17.15 9.32
N GLN A 124 6.65 -16.36 9.23
CA GLN A 124 5.23 -16.78 9.23
C GLN A 124 4.96 -17.64 7.99
N ALA A 125 4.02 -18.56 8.13
CA ALA A 125 3.42 -19.31 7.02
C ALA A 125 1.96 -19.55 7.38
N PHE A 126 1.12 -19.86 6.39
CA PHE A 126 -0.30 -20.18 6.60
C PHE A 126 -0.54 -21.61 6.12
N HIS A 127 -0.78 -22.49 7.09
CA HIS A 127 -0.81 -23.97 6.93
C HIS A 127 -1.30 -24.58 8.25
N SER A 128 -0.67 -25.66 8.69
CA SER A 128 -0.81 -26.25 10.04
C SER A 128 0.50 -26.95 10.38
N SER A 129 0.71 -27.30 11.66
CA SER A 129 1.91 -28.03 12.14
C SER A 129 1.49 -29.01 13.22
N SER A 130 1.51 -30.30 12.91
CA SER A 130 1.15 -31.41 13.82
C SER A 130 1.68 -32.73 13.28
N PHE A 131 1.82 -33.72 14.16
CA PHE A 131 2.11 -35.13 13.80
C PHE A 131 1.00 -35.95 14.45
N THR A 132 0.25 -36.67 13.62
CA THR A 132 -0.89 -37.52 14.05
C THR A 132 -0.33 -38.79 14.67
N HIS A 133 -0.67 -39.04 15.93
CA HIS A 133 -0.33 -40.27 16.68
C HIS A 133 -1.34 -41.38 16.34
N GLU A 134 -1.09 -42.59 16.85
CA GLU A 134 -1.81 -43.84 16.51
C GLU A 134 -3.32 -43.76 16.83
N ASN A 135 -3.71 -42.98 17.84
CA ASN A 135 -5.13 -42.80 18.28
C ASN A 135 -5.89 -41.87 17.33
N GLY A 136 -5.19 -41.26 16.36
CA GLY A 136 -5.77 -40.31 15.39
C GLY A 136 -5.76 -38.87 15.88
N ILE A 137 -5.19 -38.61 17.06
CA ILE A 137 -5.11 -37.24 17.65
C ILE A 137 -3.87 -36.55 17.07
N PRO A 138 -4.01 -35.40 16.38
CA PRO A 138 -2.84 -34.62 15.96
C PRO A 138 -2.16 -34.03 17.20
N VAL A 139 -0.85 -34.17 17.28
CA VAL A 139 -0.02 -33.50 18.33
C VAL A 139 0.50 -32.17 17.75
N TYR A 140 0.07 -31.07 18.35
CA TYR A 140 0.36 -29.68 17.91
C TYR A 140 1.85 -29.38 18.09
N LEU A 141 2.47 -28.75 17.09
CA LEU A 141 3.93 -28.50 17.09
C LEU A 141 4.20 -27.05 16.68
N GLY A 142 3.25 -26.16 16.96
CA GLY A 142 3.41 -24.71 16.86
C GLY A 142 2.73 -24.19 15.61
N MET A 143 2.97 -22.94 15.26
CA MET A 143 2.49 -22.40 13.96
C MET A 143 3.47 -22.88 12.89
N PRO A 144 3.00 -23.15 11.66
CA PRO A 144 3.89 -23.55 10.58
C PRO A 144 4.76 -22.33 10.24
N MET A 145 5.92 -22.55 9.62
CA MET A 145 6.89 -21.45 9.39
C MET A 145 7.56 -21.59 8.02
N GLY A 146 8.12 -20.47 7.55
CA GLY A 146 9.11 -20.42 6.47
C GLY A 146 10.49 -20.20 7.05
N ILE A 147 11.54 -20.38 6.26
CA ILE A 147 12.93 -20.17 6.74
C ILE A 147 13.62 -19.14 5.83
N VAL A 148 14.30 -18.18 6.43
CA VAL A 148 15.27 -17.29 5.74
C VAL A 148 16.66 -17.68 6.23
N PHE A 149 17.47 -18.29 5.35
CA PHE A 149 18.90 -18.57 5.59
C PHE A 149 19.74 -17.42 5.06
N GLU A 150 20.79 -17.02 5.78
CA GLU A 150 21.93 -16.21 5.25
C GLU A 150 23.18 -17.09 5.38
N VAL A 151 23.66 -17.62 4.26
CA VAL A 151 24.76 -18.64 4.17
C VAL A 151 25.67 -18.25 3.00
N GLU A 152 26.94 -17.94 3.30
CA GLU A 152 28.01 -17.58 2.33
C GLU A 152 27.54 -16.46 1.40
N GLY A 153 27.00 -15.39 2.00
CA GLY A 153 26.54 -14.17 1.30
C GLY A 153 25.27 -14.37 0.48
N LYS A 154 24.59 -15.53 0.62
CA LYS A 154 23.34 -15.82 -0.11
C LYS A 154 22.17 -15.79 0.89
N THR A 155 21.06 -15.16 0.50
CA THR A 155 19.79 -15.17 1.26
C THR A 155 18.84 -16.16 0.59
N ILE A 156 18.48 -17.23 1.31
CA ILE A 156 17.59 -18.30 0.81
C ILE A 156 16.28 -18.20 1.60
N TYR A 157 15.14 -18.06 0.90
CA TYR A 157 13.79 -18.05 1.50
C TYR A 157 13.09 -19.35 1.08
N HIS A 158 13.05 -20.32 2.01
CA HIS A 158 12.18 -21.52 1.93
C HIS A 158 10.83 -21.15 2.56
N THR A 159 9.77 -21.02 1.77
CA THR A 159 8.47 -20.45 2.23
C THR A 159 7.79 -21.41 3.21
N GLY A 160 8.26 -22.66 3.26
CA GLY A 160 7.57 -23.80 3.88
C GLY A 160 6.29 -24.11 3.13
N ASP A 161 5.46 -25.00 3.66
CA ASP A 161 4.06 -25.17 3.23
C ASP A 161 3.28 -23.91 3.61
N THR A 162 2.73 -23.19 2.64
CA THR A 162 1.98 -21.95 2.93
C THR A 162 0.97 -21.63 1.82
N GLY A 163 -0.08 -20.90 2.20
CA GLY A 163 -0.94 -20.16 1.28
C GLY A 163 -0.27 -18.85 0.90
N LEU A 164 -0.82 -18.16 -0.09
CA LEU A 164 -0.33 -16.82 -0.50
C LEU A 164 -0.56 -15.83 0.66
N PHE A 165 0.41 -14.96 0.98
CA PHE A 165 0.18 -13.85 1.95
C PHE A 165 1.05 -12.64 1.59
N SER A 166 0.49 -11.44 1.78
CA SER A 166 1.12 -10.16 1.37
C SER A 166 2.41 -9.91 2.16
N ASP A 167 2.56 -10.43 3.39
CA ASP A 167 3.78 -10.20 4.20
C ASP A 167 4.95 -11.01 3.60
N MET A 168 4.72 -11.81 2.55
CA MET A 168 5.83 -12.36 1.76
C MET A 168 6.69 -11.22 1.21
N SER A 169 6.08 -10.09 0.85
CA SER A 169 6.80 -8.89 0.33
C SER A 169 7.52 -8.20 1.49
N LEU A 170 6.97 -8.22 2.71
CA LEU A 170 7.69 -7.66 3.90
C LEU A 170 8.96 -8.48 4.15
N ILE A 171 8.85 -9.82 4.14
CA ILE A 171 10.01 -10.74 4.36
C ILE A 171 11.07 -10.48 3.29
N ALA A 172 10.66 -10.33 2.03
CA ALA A 172 11.58 -10.18 0.88
C ALA A 172 12.21 -8.78 0.87
N LYS A 173 11.46 -7.71 1.21
CA LYS A 173 12.01 -6.32 1.27
C LYS A 173 13.05 -6.20 2.41
N ARG A 174 12.81 -6.86 3.54
CA ARG A 174 13.68 -6.77 4.73
C ARG A 174 14.89 -7.68 4.52
N HIS A 175 14.76 -8.73 3.70
CA HIS A 175 15.79 -9.76 3.42
C HIS A 175 15.83 -10.07 1.93
N PRO A 176 16.38 -9.18 1.06
CA PRO A 176 16.39 -9.42 -0.38
C PRO A 176 16.90 -10.84 -0.68
N VAL A 177 16.20 -11.58 -1.55
CA VAL A 177 16.31 -13.06 -1.65
C VAL A 177 17.12 -13.42 -2.90
N ASP A 178 18.09 -14.31 -2.74
CA ASP A 178 18.88 -14.88 -3.86
C ASP A 178 18.09 -16.03 -4.46
N VAL A 179 17.68 -16.98 -3.61
CA VAL A 179 16.95 -18.22 -4.02
C VAL A 179 15.69 -18.35 -3.15
N CYS A 180 14.54 -18.53 -3.79
CA CYS A 180 13.24 -18.82 -3.11
C CYS A 180 12.80 -20.23 -3.51
N PHE A 181 12.52 -21.07 -2.52
CA PHE A 181 11.85 -22.37 -2.68
C PHE A 181 10.38 -22.18 -2.30
N VAL A 182 9.48 -22.53 -3.23
CA VAL A 182 8.05 -22.14 -3.15
C VAL A 182 7.19 -23.34 -3.57
N PRO A 183 6.21 -23.76 -2.75
CA PRO A 183 5.34 -24.89 -3.09
C PRO A 183 4.34 -24.56 -4.20
N ILE A 184 4.15 -25.48 -5.16
CA ILE A 184 3.27 -25.32 -6.36
C ILE A 184 2.28 -26.49 -6.47
N GLY A 185 2.31 -27.45 -5.53
CA GLY A 185 1.48 -28.68 -5.55
C GLY A 185 -0.01 -28.41 -5.53
N ASP A 186 -0.46 -27.33 -4.90
CA ASP A 186 -1.91 -27.06 -4.67
C ASP A 186 -2.50 -28.08 -3.69
N ASN A 187 -3.81 -27.97 -3.41
CA ASN A 187 -4.61 -28.76 -2.44
C ASN A 187 -4.18 -28.49 -0.98
N PHE A 188 -2.90 -28.66 -0.65
CA PHE A 188 -2.33 -28.46 0.71
C PHE A 188 -1.52 -27.16 0.80
N THR A 189 -1.20 -26.55 -0.34
CA THR A 189 -0.42 -25.29 -0.40
C THR A 189 -0.92 -24.46 -1.57
N MET A 190 -0.25 -23.34 -1.85
CA MET A 190 -0.39 -22.61 -3.13
C MET A 190 -0.26 -23.61 -4.28
N GLY A 191 -1.05 -23.40 -5.34
CA GLY A 191 -0.82 -24.05 -6.65
C GLY A 191 0.00 -23.14 -7.55
N ILE A 192 -0.06 -23.40 -8.86
CA ILE A 192 0.72 -22.72 -9.92
C ILE A 192 0.46 -21.20 -9.87
N ASP A 193 -0.81 -20.79 -9.91
CA ASP A 193 -1.21 -19.36 -10.00
C ASP A 193 -0.71 -18.59 -8.77
N ASP A 194 -1.02 -19.07 -7.55
CA ASP A 194 -0.69 -18.33 -6.31
C ASP A 194 0.84 -18.27 -6.15
N ALA A 195 1.55 -19.37 -6.45
CA ALA A 195 3.01 -19.46 -6.24
C ALA A 195 3.72 -18.49 -7.20
N SER A 196 3.33 -18.44 -8.48
CA SER A 196 3.86 -17.49 -9.49
C SER A 196 3.54 -16.06 -9.09
N TYR A 197 2.31 -15.78 -8.63
CA TYR A 197 1.92 -14.44 -8.11
C TYR A 197 2.86 -14.04 -6.96
N ALA A 198 3.08 -14.95 -6.01
CA ALA A 198 3.96 -14.77 -4.83
C ALA A 198 5.34 -14.27 -5.30
N ILE A 199 5.90 -14.93 -6.31
CA ILE A 199 7.25 -14.62 -6.87
C ILE A 199 7.20 -13.28 -7.61
N ASN A 200 6.22 -13.11 -8.52
CA ASN A 200 6.09 -11.91 -9.40
C ASN A 200 5.83 -10.66 -8.55
N GLU A 201 4.90 -10.75 -7.61
CA GLU A 201 4.34 -9.57 -6.91
C GLU A 201 5.13 -9.28 -5.63
N PHE A 202 5.46 -10.30 -4.82
CA PHE A 202 5.90 -10.11 -3.42
C PHE A 202 7.39 -10.39 -3.24
N ILE A 203 7.94 -11.48 -3.77
CA ILE A 203 9.28 -11.98 -3.34
C ILE A 203 10.36 -11.45 -4.28
N LYS A 204 10.16 -11.58 -5.59
CA LYS A 204 11.11 -11.08 -6.62
C LYS A 204 12.52 -11.50 -6.26
N PRO A 205 12.79 -12.82 -6.17
CA PRO A 205 14.14 -13.29 -5.90
C PRO A 205 14.94 -13.38 -7.20
N LYS A 206 16.25 -13.57 -7.11
CA LYS A 206 17.11 -13.75 -8.32
C LYS A 206 16.77 -15.13 -8.92
N ILE A 207 16.61 -16.15 -8.07
CA ILE A 207 16.32 -17.54 -8.51
C ILE A 207 15.08 -18.07 -7.77
N SER A 208 14.12 -18.64 -8.50
CA SER A 208 12.95 -19.38 -7.95
C SER A 208 13.10 -20.87 -8.28
N VAL A 209 12.80 -21.74 -7.30
CA VAL A 209 12.76 -23.22 -7.48
C VAL A 209 11.42 -23.72 -6.95
N PRO A 210 10.53 -24.31 -7.79
CA PRO A 210 9.28 -24.86 -7.30
C PRO A 210 9.53 -26.22 -6.60
N ILE A 211 8.73 -26.50 -5.57
CA ILE A 211 8.90 -27.65 -4.65
C ILE A 211 7.51 -28.18 -4.33
N HIS A 212 7.42 -29.30 -3.63
CA HIS A 212 6.17 -29.81 -3.02
C HIS A 212 5.16 -30.09 -4.14
N TYR A 213 5.58 -30.81 -5.17
CA TYR A 213 4.70 -31.33 -6.25
C TYR A 213 5.19 -32.73 -6.65
N ASP A 214 4.29 -33.51 -7.26
CA ASP A 214 4.49 -34.87 -7.88
C ASP A 214 4.70 -35.97 -6.83
N THR A 215 4.96 -35.66 -5.57
CA THR A 215 5.28 -36.68 -4.54
C THR A 215 4.07 -37.62 -4.37
N PHE A 216 2.85 -37.07 -4.39
CA PHE A 216 1.55 -37.79 -4.29
C PHE A 216 0.65 -37.39 -5.44
N PRO A 217 -0.24 -38.29 -5.92
CA PRO A 217 -1.20 -37.96 -7.00
C PRO A 217 -1.93 -36.61 -6.84
N LEU A 218 -2.33 -36.27 -5.61
CA LEU A 218 -3.14 -35.06 -5.28
C LEU A 218 -2.34 -33.78 -5.61
N ILE A 219 -1.00 -33.83 -5.66
CA ILE A 219 -0.15 -32.62 -5.87
C ILE A 219 0.72 -32.78 -7.13
N GLU A 220 0.31 -33.62 -8.09
CA GLU A 220 0.95 -33.69 -9.43
C GLU A 220 0.69 -32.36 -10.15
N GLN A 221 1.75 -31.68 -10.57
CA GLN A 221 1.67 -30.44 -11.39
C GLN A 221 2.77 -30.48 -12.45
N ASP A 222 2.58 -29.73 -13.52
CA ASP A 222 3.63 -29.43 -14.53
C ASP A 222 4.37 -28.18 -14.09
N PRO A 223 5.62 -28.29 -13.57
CA PRO A 223 6.36 -27.13 -13.09
C PRO A 223 6.69 -26.13 -14.21
N GLN A 224 6.59 -26.57 -15.46
CA GLN A 224 6.78 -25.69 -16.65
C GLN A 224 5.74 -24.56 -16.60
N GLN A 225 4.49 -24.86 -16.23
CA GLN A 225 3.38 -23.87 -16.09
C GLN A 225 3.80 -22.78 -15.08
N PHE A 226 4.44 -23.18 -13.98
CA PHE A 226 5.02 -22.25 -12.97
C PHE A 226 6.03 -21.35 -13.69
N LYS A 227 6.99 -21.95 -14.40
CA LYS A 227 8.13 -21.25 -15.06
C LYS A 227 7.59 -20.26 -16.09
N ASP A 228 6.53 -20.64 -16.83
CA ASP A 228 5.89 -19.79 -17.86
C ASP A 228 5.22 -18.57 -17.21
N ALA A 229 4.66 -18.71 -16.01
CA ALA A 229 3.88 -17.67 -15.31
C ALA A 229 4.80 -16.71 -14.53
N VAL A 230 6.04 -17.11 -14.23
CA VAL A 230 7.04 -16.27 -13.50
C VAL A 230 7.73 -15.35 -14.51
N ASN A 231 7.81 -14.04 -14.24
CA ASN A 231 8.40 -13.02 -15.17
C ASN A 231 9.65 -12.39 -14.57
N VAL A 232 10.02 -12.75 -13.34
CA VAL A 232 11.12 -12.06 -12.59
C VAL A 232 12.23 -13.07 -12.27
N GLY A 233 13.47 -12.64 -12.45
CA GLY A 233 14.67 -13.47 -12.21
C GLY A 233 14.63 -14.74 -13.03
N ASP A 234 15.30 -15.78 -12.52
CA ASP A 234 15.57 -17.08 -13.18
C ASP A 234 14.76 -18.18 -12.47
N VAL A 235 14.05 -19.03 -13.21
CA VAL A 235 13.34 -20.22 -12.66
C VAL A 235 14.14 -21.48 -13.00
N GLN A 236 14.53 -22.25 -11.99
CA GLN A 236 15.32 -23.50 -12.10
C GLN A 236 14.46 -24.66 -11.59
N ILE A 237 13.90 -25.44 -12.51
CA ILE A 237 13.07 -26.64 -12.20
C ILE A 237 14.01 -27.78 -11.84
N LEU A 238 14.47 -27.84 -10.58
CA LEU A 238 15.43 -28.87 -10.10
C LEU A 238 14.66 -30.17 -9.89
N LYS A 239 15.12 -31.26 -10.52
CA LYS A 239 14.71 -32.65 -10.19
C LYS A 239 15.44 -33.07 -8.91
N PRO A 240 14.90 -33.99 -8.08
CA PRO A 240 15.64 -34.50 -6.94
C PRO A 240 17.11 -34.81 -7.29
N GLY A 241 18.06 -34.30 -6.50
CA GLY A 241 19.50 -34.53 -6.66
C GLY A 241 20.22 -33.35 -7.30
N GLU A 242 19.50 -32.48 -8.02
CA GLU A 242 20.10 -31.36 -8.79
C GLU A 242 20.36 -30.17 -7.85
N SER A 243 21.35 -29.36 -8.19
CA SER A 243 21.82 -28.21 -7.38
C SER A 243 21.42 -26.89 -8.07
N VAL A 244 21.25 -25.84 -7.27
CA VAL A 244 21.05 -24.45 -7.78
C VAL A 244 22.36 -23.97 -8.41
N GLN A 245 22.27 -23.40 -9.61
CA GLN A 245 23.40 -22.73 -10.33
C GLN A 245 23.26 -21.23 -10.13
N PHE A 246 24.25 -20.56 -9.52
CA PHE A 246 24.19 -19.15 -9.08
C PHE A 246 24.69 -18.22 -10.19
N MET B 17 -2.43 10.24 37.47
CA MET B 17 -1.72 9.48 36.40
C MET B 17 -2.14 8.00 36.45
N MET B 18 -2.54 7.47 35.30
CA MET B 18 -2.95 6.05 35.12
C MET B 18 -1.78 5.14 35.53
N LYS B 19 -2.07 4.06 36.26
CA LYS B 19 -1.07 3.11 36.81
C LYS B 19 -0.83 1.97 35.81
N LEU B 20 0.44 1.76 35.43
CA LEU B 20 0.89 0.80 34.40
C LEU B 20 2.38 0.52 34.64
N SER B 21 2.73 -0.75 34.91
CA SER B 21 4.09 -1.17 35.33
C SER B 21 4.51 -2.46 34.62
N PHE B 22 5.83 -2.63 34.48
CA PHE B 22 6.51 -3.80 33.88
C PHE B 22 7.22 -4.60 34.96
N HIS B 23 7.09 -5.94 34.91
CA HIS B 23 7.55 -6.87 35.98
C HIS B 23 8.37 -8.02 35.40
N GLY B 24 9.01 -7.82 34.24
CA GLY B 24 9.95 -8.78 33.64
C GLY B 24 9.26 -9.68 32.64
N GLN B 25 10.05 -10.31 31.75
CA GLN B 25 9.56 -11.09 30.58
C GLN B 25 8.47 -10.24 29.87
N SER B 26 7.20 -10.65 29.95
CA SER B 26 6.05 -9.94 29.30
C SER B 26 4.96 -9.62 30.33
N THR B 27 5.27 -9.73 31.62
CA THR B 27 4.32 -9.42 32.71
C THR B 27 4.14 -7.91 32.77
N ILE B 28 2.92 -7.45 32.59
CA ILE B 28 2.55 -6.03 32.88
C ILE B 28 1.41 -6.04 33.89
N TYR B 29 1.28 -4.95 34.63
CA TYR B 29 0.24 -4.72 35.67
C TYR B 29 -0.32 -3.33 35.43
N LEU B 30 -1.64 -3.17 35.55
CA LEU B 30 -2.27 -1.84 35.40
C LEU B 30 -3.53 -1.78 36.28
N GLU B 31 -4.04 -0.57 36.47
CA GLU B 31 -5.27 -0.32 37.27
C GLU B 31 -6.21 0.59 36.49
N GLY B 32 -7.49 0.23 36.47
CA GLY B 32 -8.57 1.06 35.91
C GLY B 32 -9.82 0.94 36.76
N ASN B 33 -10.42 2.08 37.11
CA ASN B 33 -11.60 2.15 38.02
C ASN B 33 -11.35 1.25 39.23
N ASN B 34 -10.15 1.35 39.80
CA ASN B 34 -9.71 0.73 41.09
C ASN B 34 -9.66 -0.80 40.98
N LYS B 35 -9.71 -1.36 39.76
CA LYS B 35 -9.57 -2.82 39.51
C LYS B 35 -8.13 -3.10 39.08
N LYS B 36 -7.59 -4.24 39.51
CA LYS B 36 -6.17 -4.62 39.28
C LYS B 36 -6.12 -5.73 38.22
N VAL B 37 -5.34 -5.52 37.16
CA VAL B 37 -5.20 -6.46 36.00
C VAL B 37 -3.71 -6.79 35.86
N ILE B 38 -3.39 -8.09 35.75
CA ILE B 38 -2.03 -8.58 35.40
C ILE B 38 -2.11 -9.34 34.07
N VAL B 39 -1.03 -9.27 33.30
CA VAL B 39 -0.86 -9.91 31.96
C VAL B 39 0.29 -10.90 32.09
N ASP B 40 0.08 -12.15 31.64
CA ASP B 40 1.11 -13.21 31.56
C ASP B 40 1.87 -13.32 32.89
N PRO B 41 1.20 -13.77 33.98
CA PRO B 41 1.80 -13.76 35.31
C PRO B 41 2.86 -14.85 35.56
N PHE B 42 4.07 -14.61 35.07
CA PHE B 42 5.27 -15.48 35.25
C PHE B 42 6.07 -14.89 36.44
N ILE B 43 5.65 -15.23 37.66
CA ILE B 43 6.15 -14.59 38.92
C ILE B 43 7.06 -15.57 39.67
N SER B 44 6.55 -16.72 40.11
CA SER B 44 7.25 -17.67 41.01
C SER B 44 8.60 -18.13 40.42
N ASN B 45 8.69 -18.38 39.11
CA ASN B 45 9.84 -19.05 38.46
C ASN B 45 10.74 -18.06 37.69
N ASN B 46 10.39 -16.77 37.64
CA ASN B 46 11.26 -15.71 37.08
C ASN B 46 12.00 -15.01 38.22
N PRO B 47 13.31 -15.28 38.42
CA PRO B 47 14.05 -14.67 39.52
C PRO B 47 14.28 -13.15 39.38
N LYS B 48 14.14 -12.61 38.16
CA LYS B 48 14.28 -11.15 37.88
C LYS B 48 12.92 -10.42 38.05
N CYS B 49 11.83 -11.16 38.22
CA CYS B 49 10.49 -10.59 38.53
C CYS B 49 10.43 -10.18 40.00
N ASP B 50 10.05 -8.94 40.29
CA ASP B 50 10.03 -8.33 41.65
C ASP B 50 8.76 -8.73 42.39
N LEU B 51 7.78 -9.30 41.69
CA LEU B 51 6.46 -9.67 42.28
C LEU B 51 6.60 -10.96 43.10
N ASN B 52 5.66 -11.17 44.02
CA ASN B 52 5.53 -12.35 44.91
C ASN B 52 4.07 -12.84 44.81
N ILE B 53 3.85 -14.08 44.37
CA ILE B 53 2.49 -14.67 44.18
C ILE B 53 1.67 -14.54 45.46
N GLU B 54 2.31 -14.56 46.63
CA GLU B 54 1.61 -14.48 47.94
C GLU B 54 1.04 -13.07 48.14
N THR B 55 1.73 -12.02 47.69
CA THR B 55 1.33 -10.60 47.94
C THR B 55 0.60 -9.99 46.73
N VAL B 56 0.78 -10.54 45.52
CA VAL B 56 0.12 -10.02 44.27
C VAL B 56 -1.40 -10.03 44.46
N GLN B 57 -2.04 -8.87 44.31
CA GLN B 57 -3.52 -8.67 44.36
C GLN B 57 -4.01 -8.33 42.95
N VAL B 58 -4.92 -9.13 42.41
CA VAL B 58 -5.51 -8.88 41.06
C VAL B 58 -6.98 -9.29 41.06
N ASP B 59 -7.76 -8.59 40.24
CA ASP B 59 -9.19 -8.87 39.92
C ASP B 59 -9.28 -9.56 38.55
N TYR B 60 -8.25 -9.41 37.70
CA TYR B 60 -8.21 -9.95 36.31
C TYR B 60 -6.79 -10.39 35.95
N ILE B 61 -6.70 -11.52 35.24
CA ILE B 61 -5.46 -12.10 34.64
C ILE B 61 -5.72 -12.26 33.14
N VAL B 62 -4.85 -11.69 32.30
CA VAL B 62 -5.01 -11.74 30.82
C VAL B 62 -3.82 -12.51 30.24
N LEU B 63 -4.10 -13.55 29.46
CA LEU B 63 -3.07 -14.43 28.86
C LEU B 63 -3.02 -14.19 27.34
N THR B 64 -1.86 -13.76 26.83
CA THR B 64 -1.60 -13.55 25.38
C THR B 64 -1.46 -14.91 24.69
N HIS B 65 -0.82 -15.86 25.37
CA HIS B 65 -0.62 -17.26 24.90
C HIS B 65 -0.32 -18.15 26.11
N GLY B 66 -0.15 -19.45 25.88
CA GLY B 66 -0.08 -20.50 26.92
C GLY B 66 1.34 -20.93 27.28
N HIS B 67 2.40 -20.38 26.66
CA HIS B 67 3.79 -20.76 27.02
C HIS B 67 4.00 -20.52 28.52
N PHE B 68 4.78 -21.40 29.16
CA PHE B 68 5.02 -21.45 30.63
C PHE B 68 5.48 -20.08 31.13
N ASP B 69 6.25 -19.37 30.30
CA ASP B 69 6.83 -18.04 30.63
C ASP B 69 5.75 -16.95 30.52
N HIS B 70 4.48 -17.33 30.30
CA HIS B 70 3.31 -16.42 30.27
C HIS B 70 2.17 -16.97 31.13
N PHE B 71 1.77 -18.22 30.88
CA PHE B 71 0.85 -19.01 31.74
C PHE B 71 1.26 -18.81 33.20
N GLY B 72 2.54 -19.06 33.48
CA GLY B 72 3.19 -18.87 34.80
C GLY B 72 2.31 -19.40 35.91
N ASP B 73 1.98 -18.54 36.87
CA ASP B 73 1.34 -18.92 38.14
C ASP B 73 -0.18 -18.70 38.07
N VAL B 74 -0.76 -18.69 36.86
CA VAL B 74 -2.18 -18.29 36.60
C VAL B 74 -3.13 -19.13 37.46
N VAL B 75 -2.89 -20.44 37.59
CA VAL B 75 -3.82 -21.36 38.32
C VAL B 75 -3.80 -21.01 39.81
N GLU B 76 -2.62 -20.98 40.43
CA GLU B 76 -2.45 -20.65 41.88
C GLU B 76 -2.93 -19.22 42.14
N LEU B 77 -2.53 -18.27 41.28
CA LEU B 77 -2.88 -16.82 41.43
C LEU B 77 -4.40 -16.67 41.39
N ALA B 78 -5.06 -17.27 40.39
CA ALA B 78 -6.52 -17.20 40.15
C ALA B 78 -7.32 -17.72 41.36
N LYS B 79 -6.91 -18.84 41.96
CA LYS B 79 -7.64 -19.50 43.08
C LYS B 79 -7.51 -18.65 44.36
N LYS B 80 -6.32 -18.09 44.60
CA LYS B 80 -6.01 -17.28 45.81
C LYS B 80 -6.78 -15.95 45.76
N THR B 81 -6.95 -15.36 44.57
CA THR B 81 -7.54 -14.00 44.40
C THR B 81 -9.02 -14.09 43.96
N GLY B 82 -9.45 -15.21 43.37
CA GLY B 82 -10.77 -15.34 42.73
C GLY B 82 -10.86 -14.52 41.44
N ALA B 83 -9.72 -14.05 40.93
CA ALA B 83 -9.59 -13.22 39.71
C ALA B 83 -10.19 -13.96 38.51
N THR B 84 -10.79 -13.22 37.58
CA THR B 84 -11.31 -13.75 36.30
C THR B 84 -10.12 -13.83 35.32
N VAL B 85 -9.89 -15.01 34.73
CA VAL B 85 -8.84 -15.21 33.69
C VAL B 85 -9.48 -14.97 32.32
N ILE B 86 -8.96 -13.99 31.58
CA ILE B 86 -9.41 -13.64 30.20
C ILE B 86 -8.41 -14.23 29.21
N GLY B 87 -8.88 -15.00 28.23
CA GLY B 87 -7.98 -15.61 27.22
C GLY B 87 -8.75 -16.19 26.05
N SER B 88 -8.07 -16.96 25.21
CA SER B 88 -8.67 -17.73 24.08
C SER B 88 -9.74 -18.68 24.62
N ALA B 89 -10.73 -19.03 23.79
CA ALA B 89 -11.72 -20.09 24.07
C ALA B 89 -11.02 -21.33 24.64
N GLU B 90 -9.95 -21.79 23.98
CA GLU B 90 -9.22 -23.01 24.41
C GLU B 90 -8.66 -22.78 25.82
N MET B 91 -8.04 -21.63 26.07
CA MET B 91 -7.43 -21.31 27.39
C MET B 91 -8.52 -21.36 28.46
N ALA B 92 -9.68 -20.75 28.18
CA ALA B 92 -10.87 -20.76 29.06
C ALA B 92 -11.31 -22.20 29.35
N ASP B 93 -11.47 -23.05 28.32
CA ASP B 93 -11.87 -24.48 28.46
C ASP B 93 -10.86 -25.22 29.35
N TYR B 94 -9.58 -25.02 29.08
CA TYR B 94 -8.44 -25.70 29.74
C TYR B 94 -8.39 -25.30 31.23
N LEU B 95 -8.32 -24.01 31.52
CA LEU B 95 -8.23 -23.50 32.92
C LEU B 95 -9.46 -23.98 33.72
N SER B 96 -10.66 -23.89 33.14
CA SER B 96 -11.96 -24.28 33.76
C SER B 96 -12.04 -25.80 33.99
N SER B 97 -12.06 -26.59 32.90
CA SER B 97 -12.33 -28.06 32.93
C SER B 97 -11.13 -28.85 33.49
N TYR B 98 -9.90 -28.49 33.14
CA TYR B 98 -8.70 -29.28 33.54
C TYR B 98 -8.19 -28.79 34.90
N HIS B 99 -8.10 -27.48 35.12
CA HIS B 99 -7.44 -26.87 36.31
C HIS B 99 -8.47 -26.43 37.34
N GLY B 100 -9.77 -26.56 37.06
CA GLY B 100 -10.85 -26.18 38.00
C GLY B 100 -10.83 -24.71 38.39
N VAL B 101 -10.23 -23.83 37.57
CA VAL B 101 -10.23 -22.35 37.77
C VAL B 101 -11.69 -21.87 37.68
N GLU B 102 -12.14 -21.13 38.69
CA GLU B 102 -13.58 -20.82 38.92
C GLU B 102 -14.07 -19.77 37.90
N ASN B 103 -13.31 -18.68 37.72
CA ASN B 103 -13.74 -17.48 36.96
C ASN B 103 -12.84 -17.32 35.73
N VAL B 104 -13.39 -17.62 34.55
CA VAL B 104 -12.71 -17.51 33.23
C VAL B 104 -13.65 -16.81 32.25
N HIS B 105 -13.11 -16.02 31.34
CA HIS B 105 -13.85 -15.42 30.21
C HIS B 105 -13.14 -15.71 28.88
N GLY B 106 -13.67 -16.67 28.12
CA GLY B 106 -13.17 -17.04 26.79
C GLY B 106 -13.43 -15.93 25.78
N MET B 107 -12.41 -15.58 24.99
CA MET B 107 -12.54 -14.66 23.82
C MET B 107 -11.78 -15.25 22.62
N ASN B 108 -11.63 -14.49 21.55
CA ASN B 108 -10.72 -14.88 20.43
C ASN B 108 -10.35 -13.62 19.64
N ILE B 109 -9.42 -13.78 18.68
CA ILE B 109 -8.78 -12.66 17.95
C ILE B 109 -9.87 -11.78 17.31
N GLY B 110 -9.75 -10.46 17.48
CA GLY B 110 -10.70 -9.47 16.95
C GLY B 110 -11.83 -9.16 17.91
N GLY B 111 -12.11 -10.05 18.87
CA GLY B 111 -13.18 -9.89 19.86
C GLY B 111 -12.84 -8.83 20.87
N LYS B 112 -13.80 -7.97 21.19
CA LYS B 112 -13.67 -6.95 22.26
C LYS B 112 -14.70 -7.27 23.35
N ALA B 113 -14.33 -7.10 24.62
CA ALA B 113 -15.22 -7.25 25.78
C ALA B 113 -14.99 -6.08 26.74
N ASN B 114 -16.10 -5.55 27.29
CA ASN B 114 -16.12 -4.43 28.27
C ASN B 114 -16.19 -5.02 29.68
N PHE B 115 -15.26 -4.62 30.55
CA PHE B 115 -15.24 -4.99 32.00
C PHE B 115 -15.27 -3.70 32.83
N ASP B 116 -15.39 -3.83 34.15
CA ASP B 116 -15.40 -2.67 35.08
C ASP B 116 -14.06 -1.93 34.99
N PHE B 117 -12.97 -2.60 34.58
CA PHE B 117 -11.61 -1.99 34.52
C PHE B 117 -11.43 -1.13 33.27
N GLY B 118 -12.29 -1.30 32.26
CA GLY B 118 -12.06 -0.83 30.87
C GLY B 118 -12.31 -1.96 29.88
N SER B 119 -11.74 -1.87 28.67
CA SER B 119 -12.00 -2.85 27.59
C SER B 119 -10.72 -3.64 27.26
N VAL B 120 -10.90 -4.87 26.84
CA VAL B 120 -9.81 -5.74 26.32
C VAL B 120 -10.24 -6.20 24.92
N LYS B 121 -9.33 -6.12 23.96
CA LYS B 121 -9.52 -6.62 22.57
C LYS B 121 -8.29 -7.45 22.21
N PHE B 122 -8.50 -8.69 21.77
CA PHE B 122 -7.42 -9.61 21.35
C PHE B 122 -7.15 -9.36 19.87
N VAL B 123 -5.88 -9.33 19.49
CA VAL B 123 -5.43 -9.13 18.08
C VAL B 123 -4.48 -10.28 17.73
N GLN B 124 -4.11 -10.42 16.46
CA GLN B 124 -3.32 -11.59 15.99
C GLN B 124 -1.86 -11.41 16.41
N ALA B 125 -1.15 -12.53 16.49
CA ALA B 125 0.32 -12.58 16.67
C ALA B 125 0.85 -13.75 15.84
N PHE B 126 2.16 -13.81 15.62
CA PHE B 126 2.82 -14.91 14.86
C PHE B 126 3.87 -15.53 15.79
N HIS B 127 3.56 -16.71 16.33
CA HIS B 127 4.29 -17.35 17.44
C HIS B 127 3.72 -18.76 17.59
N SER B 128 3.60 -19.29 18.80
CA SER B 128 2.81 -20.53 19.06
C SER B 128 2.13 -20.37 20.42
N SER B 129 1.14 -21.22 20.72
CA SER B 129 0.41 -21.18 22.01
C SER B 129 0.11 -22.60 22.49
N SER B 130 0.86 -23.06 23.48
CA SER B 130 0.66 -24.37 24.13
C SER B 130 1.23 -24.34 25.54
N PHE B 131 0.82 -25.31 26.36
CA PHE B 131 1.51 -25.67 27.61
C PHE B 131 1.81 -27.15 27.51
N THR B 132 3.08 -27.52 27.72
CA THR B 132 3.60 -28.90 27.61
C THR B 132 3.29 -29.65 28.91
N HIS B 133 2.52 -30.74 28.79
CA HIS B 133 2.37 -31.82 29.80
C HIS B 133 3.61 -32.72 29.74
N GLU B 134 3.56 -33.89 30.39
CA GLU B 134 4.68 -34.88 30.40
C GLU B 134 5.02 -35.31 28.97
N ASN B 135 6.29 -35.64 28.74
CA ASN B 135 6.77 -36.39 27.54
C ASN B 135 6.62 -35.54 26.28
N GLY B 136 6.74 -34.20 26.41
CA GLY B 136 6.85 -33.24 25.30
C GLY B 136 5.62 -33.21 24.38
N ILE B 137 4.44 -33.55 24.92
CA ILE B 137 3.13 -33.40 24.22
C ILE B 137 2.55 -32.04 24.60
N PRO B 138 2.48 -31.06 23.66
CA PRO B 138 1.83 -29.79 23.92
C PRO B 138 0.31 -29.94 23.99
N VAL B 139 -0.31 -29.25 24.95
CA VAL B 139 -1.77 -28.94 24.94
C VAL B 139 -1.93 -27.63 24.19
N TYR B 140 -2.58 -27.68 23.03
CA TYR B 140 -2.91 -26.52 22.16
C TYR B 140 -3.88 -25.59 22.87
N LEU B 141 -3.60 -24.28 22.83
CA LEU B 141 -4.40 -23.26 23.56
C LEU B 141 -4.73 -22.08 22.64
N GLY B 142 -4.86 -22.33 21.32
CA GLY B 142 -5.35 -21.36 20.33
C GLY B 142 -4.22 -20.74 19.55
N MET B 143 -4.52 -19.74 18.73
CA MET B 143 -3.48 -18.93 18.06
C MET B 143 -2.97 -17.95 19.12
N PRO B 144 -1.67 -17.57 19.08
CA PRO B 144 -1.13 -16.60 20.01
C PRO B 144 -1.72 -15.24 19.65
N MET B 145 -1.77 -14.34 20.62
CA MET B 145 -2.50 -13.05 20.47
C MET B 145 -1.69 -11.91 21.07
N GLY B 146 -2.00 -10.69 20.63
CA GLY B 146 -1.70 -9.44 21.34
C GLY B 146 -2.96 -8.89 21.99
N ILE B 147 -2.82 -7.87 22.83
CA ILE B 147 -3.94 -7.23 23.58
C ILE B 147 -3.96 -5.74 23.26
N VAL B 148 -5.14 -5.22 22.96
CA VAL B 148 -5.42 -3.75 22.94
C VAL B 148 -6.34 -3.46 24.13
N PHE B 149 -5.78 -2.86 25.18
CA PHE B 149 -6.50 -2.32 26.36
C PHE B 149 -6.93 -0.87 26.10
N GLU B 150 -8.18 -0.54 26.42
CA GLU B 150 -8.65 0.86 26.58
C GLU B 150 -8.99 1.03 28.06
N VAL B 151 -8.10 1.69 28.81
CA VAL B 151 -8.17 1.80 30.30
C VAL B 151 -7.89 3.25 30.69
N GLU B 152 -8.85 3.89 31.36
CA GLU B 152 -8.78 5.29 31.87
C GLU B 152 -8.23 6.21 30.77
N GLY B 153 -8.85 6.18 29.60
CA GLY B 153 -8.60 7.09 28.46
C GLY B 153 -7.31 6.78 27.71
N LYS B 154 -6.58 5.70 28.05
CA LYS B 154 -5.31 5.31 27.39
C LYS B 154 -5.49 4.02 26.59
N THR B 155 -4.85 3.93 25.41
CA THR B 155 -4.80 2.70 24.59
C THR B 155 -3.42 2.04 24.77
N ILE B 156 -3.41 0.82 25.32
CA ILE B 156 -2.17 0.02 25.52
C ILE B 156 -2.20 -1.16 24.54
N TYR B 157 -1.17 -1.28 23.72
CA TYR B 157 -0.98 -2.42 22.78
C TYR B 157 0.18 -3.26 23.32
N HIS B 158 -0.14 -4.38 23.94
CA HIS B 158 0.81 -5.49 24.23
C HIS B 158 0.81 -6.40 22.99
N THR B 159 1.91 -6.45 22.22
CA THR B 159 1.97 -7.20 20.93
C THR B 159 1.99 -8.71 21.21
N GLY B 160 2.16 -9.09 22.48
CA GLY B 160 2.43 -10.48 22.89
C GLY B 160 3.79 -10.91 22.39
N ASP B 161 4.12 -12.19 22.48
CA ASP B 161 5.25 -12.79 21.73
C ASP B 161 4.84 -12.80 20.26
N THR B 162 5.61 -12.18 19.38
CA THR B 162 5.28 -12.17 17.94
C THR B 162 6.53 -11.93 17.11
N GLY B 163 6.50 -12.41 15.86
CA GLY B 163 7.33 -11.90 14.76
C GLY B 163 6.68 -10.65 14.19
N LEU B 164 7.41 -9.97 13.31
CA LEU B 164 6.97 -8.75 12.59
C LEU B 164 5.82 -9.08 11.63
N PHE B 165 4.75 -8.30 11.60
CA PHE B 165 3.67 -8.44 10.58
C PHE B 165 3.11 -7.04 10.26
N SER B 166 2.75 -6.80 9.01
CA SER B 166 2.29 -5.47 8.52
C SER B 166 0.95 -5.08 9.18
N ASP B 167 0.15 -6.05 9.64
CA ASP B 167 -1.19 -5.70 10.22
C ASP B 167 -1.00 -5.07 11.61
N MET B 168 0.22 -5.01 12.12
CA MET B 168 0.56 -4.13 13.26
C MET B 168 0.13 -2.69 12.93
N SER B 169 0.23 -2.27 11.66
CA SER B 169 -0.16 -0.90 11.22
C SER B 169 -1.69 -0.78 11.12
N LEU B 170 -2.41 -1.85 10.81
CA LEU B 170 -3.90 -1.82 10.78
C LEU B 170 -4.43 -1.68 12.22
N ILE B 171 -3.87 -2.45 13.14
CA ILE B 171 -4.25 -2.45 14.58
C ILE B 171 -4.00 -1.04 15.14
N ALA B 172 -2.82 -0.48 14.86
CA ALA B 172 -2.39 0.83 15.41
C ALA B 172 -3.21 1.96 14.78
N LYS B 173 -3.58 1.86 13.49
CA LYS B 173 -4.33 2.95 12.82
C LYS B 173 -5.79 2.91 13.29
N ARG B 174 -6.34 1.72 13.53
CA ARG B 174 -7.74 1.55 13.98
C ARG B 174 -7.85 1.84 15.49
N HIS B 175 -6.76 1.66 16.26
CA HIS B 175 -6.70 1.90 17.72
C HIS B 175 -5.43 2.67 18.06
N PRO B 176 -5.33 3.98 17.78
CA PRO B 176 -4.10 4.74 18.00
C PRO B 176 -3.54 4.48 19.42
N VAL B 177 -2.23 4.23 19.52
CA VAL B 177 -1.60 3.60 20.72
C VAL B 177 -0.88 4.67 21.57
N ASP B 178 -1.18 4.69 22.87
CA ASP B 178 -0.45 5.50 23.88
C ASP B 178 0.82 4.76 24.28
N VAL B 179 0.68 3.50 24.72
CA VAL B 179 1.84 2.65 25.14
C VAL B 179 1.82 1.35 24.33
N CYS B 180 2.96 1.01 23.72
CA CYS B 180 3.20 -0.31 23.10
C CYS B 180 4.26 -1.04 23.92
N PHE B 181 3.93 -2.25 24.36
CA PHE B 181 4.90 -3.25 24.90
C PHE B 181 5.23 -4.22 23.76
N VAL B 182 6.51 -4.31 23.41
CA VAL B 182 6.99 -5.03 22.19
C VAL B 182 8.20 -5.88 22.56
N PRO B 183 8.23 -7.18 22.20
CA PRO B 183 9.36 -8.05 22.53
C PRO B 183 10.59 -7.72 21.67
N ILE B 184 11.78 -7.75 22.28
CA ILE B 184 13.07 -7.45 21.60
C ILE B 184 14.09 -8.58 21.84
N GLY B 185 13.70 -9.70 22.47
CA GLY B 185 14.63 -10.74 22.93
C GLY B 185 15.27 -11.53 21.80
N ASP B 186 14.62 -11.59 20.62
CA ASP B 186 15.08 -12.38 19.44
C ASP B 186 14.99 -13.88 19.77
N ASN B 187 15.40 -14.73 18.83
CA ASN B 187 15.34 -16.22 18.89
C ASN B 187 13.89 -16.73 18.91
N PHE B 188 13.09 -16.32 19.90
CA PHE B 188 11.68 -16.78 20.09
C PHE B 188 10.67 -15.70 19.66
N THR B 189 11.13 -14.47 19.39
CA THR B 189 10.30 -13.32 18.98
C THR B 189 11.13 -12.38 18.09
N MET B 190 10.56 -11.25 17.71
CA MET B 190 11.33 -10.12 17.11
C MET B 190 12.55 -9.83 17.97
N GLY B 191 13.68 -9.53 17.33
CA GLY B 191 14.85 -8.92 17.97
C GLY B 191 14.84 -7.41 17.82
N ILE B 192 16.00 -6.77 18.02
CA ILE B 192 16.17 -5.28 18.07
C ILE B 192 15.68 -4.67 16.75
N ASP B 193 16.20 -5.14 15.61
CA ASP B 193 15.91 -4.57 14.26
C ASP B 193 14.42 -4.67 13.98
N ASP B 194 13.83 -5.86 14.15
CA ASP B 194 12.41 -6.10 13.80
C ASP B 194 11.53 -5.29 14.75
N ALA B 195 11.83 -5.28 16.05
CA ALA B 195 11.00 -4.58 17.05
C ALA B 195 11.00 -3.07 16.78
N SER B 196 12.16 -2.48 16.46
CA SER B 196 12.30 -1.01 16.22
C SER B 196 11.59 -0.62 14.91
N TYR B 197 11.69 -1.45 13.86
CA TYR B 197 10.95 -1.29 12.58
C TYR B 197 9.43 -1.30 12.83
N ALA B 198 8.94 -2.25 13.63
CA ALA B 198 7.52 -2.38 14.02
C ALA B 198 7.01 -1.05 14.59
N ILE B 199 7.79 -0.45 15.49
CA ILE B 199 7.47 0.82 16.20
C ILE B 199 7.55 1.98 15.19
N ASN B 200 8.65 2.09 14.46
CA ASN B 200 8.92 3.23 13.52
C ASN B 200 7.95 3.19 12.33
N GLU B 201 7.69 2.00 11.78
CA GLU B 201 6.98 1.84 10.48
C GLU B 201 5.49 1.58 10.72
N PHE B 202 5.11 0.73 11.68
CA PHE B 202 3.73 0.22 11.81
C PHE B 202 2.99 0.82 13.01
N ILE B 203 3.56 0.83 14.22
CA ILE B 203 2.75 1.07 15.45
C ILE B 203 2.74 2.58 15.78
N LYS B 204 3.90 3.24 15.79
CA LYS B 204 4.03 4.71 16.00
C LYS B 204 3.27 5.13 17.26
N PRO B 205 3.56 4.51 18.42
CA PRO B 205 2.88 4.84 19.67
C PRO B 205 3.50 6.10 20.29
N LYS B 206 2.84 6.69 21.28
CA LYS B 206 3.39 7.81 22.09
C LYS B 206 4.61 7.29 22.86
N ILE B 207 4.49 6.08 23.42
CA ILE B 207 5.51 5.48 24.33
C ILE B 207 5.75 4.02 23.92
N SER B 208 7.02 3.61 23.80
CA SER B 208 7.40 2.20 23.55
C SER B 208 8.19 1.67 24.74
N VAL B 209 7.85 0.46 25.21
CA VAL B 209 8.57 -0.26 26.30
C VAL B 209 9.00 -1.61 25.77
N PRO B 210 10.32 -1.90 25.69
CA PRO B 210 10.79 -3.21 25.25
C PRO B 210 10.56 -4.23 26.36
N ILE B 211 10.22 -5.46 26.00
CA ILE B 211 9.91 -6.57 26.95
C ILE B 211 10.55 -7.84 26.42
N HIS B 212 10.46 -8.94 27.18
CA HIS B 212 10.84 -10.29 26.72
C HIS B 212 12.33 -10.31 26.32
N TYR B 213 13.18 -9.72 27.16
CA TYR B 213 14.65 -9.81 27.04
C TYR B 213 15.28 -10.11 28.41
N ASP B 214 16.53 -10.57 28.42
CA ASP B 214 17.42 -10.74 29.60
C ASP B 214 17.02 -11.94 30.48
N THR B 215 15.76 -12.40 30.44
CA THR B 215 15.20 -13.37 31.41
C THR B 215 15.96 -14.71 31.35
N PHE B 216 16.41 -15.09 30.15
CA PHE B 216 17.20 -16.31 29.86
C PHE B 216 18.38 -15.93 28.97
N PRO B 217 19.51 -16.67 29.04
CA PRO B 217 20.70 -16.31 28.26
C PRO B 217 20.38 -16.10 26.76
N LEU B 218 19.57 -17.00 26.19
CA LEU B 218 19.21 -17.01 24.75
C LEU B 218 18.62 -15.65 24.35
N ILE B 219 17.89 -14.98 25.23
CA ILE B 219 17.16 -13.72 24.88
C ILE B 219 17.82 -12.50 25.52
N GLU B 220 19.13 -12.56 25.81
CA GLU B 220 19.87 -11.43 26.43
C GLU B 220 20.04 -10.35 25.36
N GLN B 221 19.58 -9.13 25.64
CA GLN B 221 19.69 -7.98 24.71
C GLN B 221 19.98 -6.71 25.51
N ASP B 222 20.71 -5.80 24.87
CA ASP B 222 20.92 -4.42 25.35
C ASP B 222 19.75 -3.59 24.82
N PRO B 223 18.79 -3.21 25.69
CA PRO B 223 17.64 -2.43 25.25
C PRO B 223 17.98 -1.01 24.76
N GLN B 224 19.24 -0.57 24.96
CA GLN B 224 19.76 0.72 24.43
C GLN B 224 19.89 0.65 22.91
N GLN B 225 20.13 -0.53 22.35
CA GLN B 225 20.18 -0.70 20.87
C GLN B 225 18.77 -0.49 20.28
N PHE B 226 17.71 -0.89 21.00
CA PHE B 226 16.30 -0.68 20.60
C PHE B 226 15.96 0.82 20.66
N LYS B 227 16.27 1.49 21.76
CA LYS B 227 15.99 2.93 21.97
C LYS B 227 16.71 3.77 20.92
N ASP B 228 17.98 3.48 20.63
CA ASP B 228 18.77 4.17 19.59
C ASP B 228 18.09 3.97 18.21
N ALA B 229 17.49 2.80 17.97
CA ALA B 229 16.88 2.45 16.66
C ALA B 229 15.46 3.02 16.54
N VAL B 230 14.78 3.38 17.63
CA VAL B 230 13.39 3.95 17.59
C VAL B 230 13.50 5.48 17.37
N ASN B 231 12.72 6.01 16.43
CA ASN B 231 12.76 7.42 15.97
C ASN B 231 11.45 8.13 16.28
N VAL B 232 10.44 7.41 16.79
CA VAL B 232 9.05 7.92 16.94
C VAL B 232 8.63 7.79 18.39
N GLY B 233 7.99 8.84 18.92
CA GLY B 233 7.51 8.93 20.31
C GLY B 233 8.64 8.77 21.30
N ASP B 234 8.35 8.23 22.47
CA ASP B 234 9.27 8.14 23.63
C ASP B 234 9.50 6.65 23.93
N VAL B 235 10.74 6.26 24.20
CA VAL B 235 11.11 4.88 24.62
C VAL B 235 11.45 4.92 26.11
N GLN B 236 10.75 4.11 26.91
CA GLN B 236 11.01 3.99 28.37
C GLN B 236 11.49 2.56 28.66
N ILE B 237 12.79 2.42 28.94
CA ILE B 237 13.45 1.13 29.29
C ILE B 237 13.12 0.84 30.76
N LEU B 238 12.01 0.15 31.01
CA LEU B 238 11.53 -0.19 32.37
C LEU B 238 12.29 -1.42 32.88
N LYS B 239 12.92 -1.31 34.06
CA LYS B 239 13.43 -2.47 34.84
C LYS B 239 12.23 -3.09 35.55
N PRO B 240 12.24 -4.40 35.89
CA PRO B 240 11.12 -4.99 36.62
C PRO B 240 10.76 -4.22 37.90
N GLY B 241 9.49 -3.79 37.99
CA GLY B 241 8.94 -3.04 39.14
C GLY B 241 8.66 -1.58 38.78
N GLU B 242 9.28 -1.06 37.71
CA GLU B 242 9.17 0.36 37.28
C GLU B 242 7.85 0.56 36.51
N SER B 243 7.35 1.80 36.52
CA SER B 243 6.03 2.19 35.98
C SER B 243 6.23 3.18 34.81
N VAL B 244 5.29 3.18 33.87
CA VAL B 244 5.28 4.10 32.69
C VAL B 244 4.98 5.53 33.18
N GLN B 245 5.85 6.48 32.84
CA GLN B 245 5.66 7.93 33.10
C GLN B 245 4.96 8.57 31.89
N PHE B 246 3.68 8.92 32.02
CA PHE B 246 2.90 9.62 30.97
C PHE B 246 3.23 11.12 30.98
N MET C 17 -31.39 -19.68 -10.78
CA MET C 17 -30.67 -18.93 -9.71
C MET C 17 -30.04 -19.93 -8.74
N MET C 18 -28.79 -19.69 -8.36
CA MET C 18 -27.98 -20.55 -7.46
C MET C 18 -28.64 -20.61 -6.08
N LYS C 19 -28.74 -21.81 -5.51
CA LYS C 19 -29.36 -22.07 -4.18
C LYS C 19 -28.29 -21.82 -3.11
N LEU C 20 -28.54 -20.86 -2.22
CA LEU C 20 -27.59 -20.41 -1.16
C LEU C 20 -28.41 -19.87 0.00
N SER C 21 -28.35 -20.55 1.16
CA SER C 21 -29.17 -20.21 2.35
C SER C 21 -28.32 -20.25 3.62
N PHE C 22 -28.71 -19.44 4.60
CA PHE C 22 -28.14 -19.33 5.96
C PHE C 22 -29.04 -20.08 6.94
N HIS C 23 -28.45 -20.76 7.94
CA HIS C 23 -29.20 -21.63 8.88
C HIS C 23 -28.77 -21.39 10.33
N GLY C 24 -28.24 -20.20 10.62
CA GLY C 24 -27.85 -19.77 11.98
C GLY C 24 -26.36 -19.96 12.24
N GLN C 25 -25.83 -19.17 13.18
CA GLN C 25 -24.40 -19.08 13.58
C GLN C 25 -23.55 -18.86 12.31
N SER C 26 -22.86 -19.89 11.81
CA SER C 26 -22.02 -19.83 10.58
C SER C 26 -22.44 -20.91 9.59
N THR C 27 -23.56 -21.59 9.84
CA THR C 27 -24.06 -22.68 8.95
C THR C 27 -24.66 -22.04 7.71
N ILE C 28 -24.07 -22.32 6.54
CA ILE C 28 -24.65 -21.99 5.22
C ILE C 28 -24.81 -23.30 4.46
N TYR C 29 -25.79 -23.34 3.56
CA TYR C 29 -26.11 -24.49 2.68
C TYR C 29 -26.16 -23.96 1.25
N LEU C 30 -25.64 -24.73 0.30
CA LEU C 30 -25.73 -24.36 -1.13
C LEU C 30 -25.84 -25.62 -1.99
N GLU C 31 -26.30 -25.43 -3.23
CA GLU C 31 -26.40 -26.48 -4.27
C GLU C 31 -25.54 -26.06 -5.47
N GLY C 32 -24.77 -26.98 -6.03
CA GLY C 32 -24.05 -26.82 -7.30
C GLY C 32 -24.12 -28.13 -8.08
N ASN C 33 -24.50 -28.06 -9.36
CA ASN C 33 -24.74 -29.23 -10.26
C ASN C 33 -25.51 -30.32 -9.48
N ASN C 34 -26.56 -29.92 -8.76
CA ASN C 34 -27.52 -30.79 -8.02
C ASN C 34 -26.84 -31.58 -6.89
N LYS C 35 -25.67 -31.13 -6.42
CA LYS C 35 -25.01 -31.67 -5.21
C LYS C 35 -25.23 -30.67 -4.06
N LYS C 36 -25.54 -31.18 -2.87
CA LYS C 36 -25.90 -30.36 -1.68
C LYS C 36 -24.68 -30.26 -0.76
N VAL C 37 -24.29 -29.02 -0.42
CA VAL C 37 -23.06 -28.70 0.36
C VAL C 37 -23.50 -27.93 1.60
N ILE C 38 -23.08 -28.39 2.79
CA ILE C 38 -23.29 -27.65 4.06
C ILE C 38 -21.93 -27.26 4.67
N VAL C 39 -21.88 -26.09 5.29
CA VAL C 39 -20.67 -25.53 5.97
C VAL C 39 -21.00 -25.45 7.46
N ASP C 40 -20.07 -25.90 8.31
CA ASP C 40 -20.12 -25.77 9.80
C ASP C 40 -21.52 -26.13 10.30
N PRO C 41 -21.92 -27.44 10.23
CA PRO C 41 -23.26 -27.89 10.60
C PRO C 41 -23.53 -28.00 12.11
N PHE C 42 -23.79 -26.86 12.74
CA PHE C 42 -24.20 -26.73 14.16
C PHE C 42 -25.74 -26.78 14.23
N ILE C 43 -26.31 -27.98 14.13
CA ILE C 43 -27.76 -28.18 13.84
C ILE C 43 -28.50 -28.56 15.13
N SER C 44 -28.22 -29.76 15.66
CA SER C 44 -29.00 -30.39 16.76
C SER C 44 -28.92 -29.53 18.04
N ASN C 45 -27.77 -28.89 18.31
CA ASN C 45 -27.51 -28.15 19.58
C ASN C 45 -27.67 -26.64 19.41
N ASN C 46 -28.12 -26.15 18.25
CA ASN C 46 -28.50 -24.72 18.04
C ASN C 46 -30.02 -24.64 17.95
N PRO C 47 -30.72 -24.19 19.01
CA PRO C 47 -32.18 -24.05 18.99
C PRO C 47 -32.72 -23.15 17.87
N LYS C 48 -31.94 -22.16 17.40
CA LYS C 48 -32.36 -21.16 16.38
C LYS C 48 -32.07 -21.66 14.96
N CYS C 49 -31.36 -22.78 14.82
CA CYS C 49 -31.16 -23.46 13.51
C CYS C 49 -32.49 -24.11 13.09
N ASP C 50 -33.00 -23.78 11.90
CA ASP C 50 -34.28 -24.32 11.36
C ASP C 50 -34.09 -25.76 10.85
N LEU C 51 -32.86 -26.27 10.79
CA LEU C 51 -32.56 -27.61 10.20
C LEU C 51 -32.73 -28.70 11.27
N ASN C 52 -32.81 -29.94 10.80
CA ASN C 52 -32.96 -31.17 11.63
C ASN C 52 -32.05 -32.26 11.04
N ILE C 53 -31.23 -32.88 11.90
CA ILE C 53 -30.21 -33.91 11.52
C ILE C 53 -30.87 -35.03 10.70
N GLU C 54 -32.09 -35.43 11.07
CA GLU C 54 -32.76 -36.65 10.54
C GLU C 54 -33.15 -36.46 9.07
N THR C 55 -33.42 -35.22 8.63
CA THR C 55 -34.02 -34.91 7.30
C THR C 55 -33.02 -34.21 6.39
N VAL C 56 -32.09 -33.40 6.94
CA VAL C 56 -31.05 -32.68 6.17
C VAL C 56 -30.39 -33.65 5.19
N GLN C 57 -30.36 -33.29 3.91
CA GLN C 57 -29.69 -34.07 2.83
C GLN C 57 -28.43 -33.31 2.40
N VAL C 58 -27.27 -33.97 2.39
CA VAL C 58 -25.97 -33.36 1.98
C VAL C 58 -25.08 -34.40 1.30
N ASP C 59 -24.31 -33.97 0.31
CA ASP C 59 -23.26 -34.76 -0.38
C ASP C 59 -21.88 -34.36 0.13
N TYR C 60 -21.72 -33.13 0.66
CA TYR C 60 -20.41 -32.59 1.14
C TYR C 60 -20.62 -31.73 2.39
N ILE C 61 -19.73 -31.90 3.37
CA ILE C 61 -19.64 -31.04 4.58
C ILE C 61 -18.26 -30.35 4.58
N VAL C 62 -18.23 -29.03 4.67
CA VAL C 62 -16.98 -28.23 4.73
C VAL C 62 -16.89 -27.58 6.12
N LEU C 63 -15.72 -27.68 6.76
CA LEU C 63 -15.47 -27.13 8.11
C LEU C 63 -14.39 -26.07 7.99
N THR C 64 -14.70 -24.83 8.38
CA THR C 64 -13.73 -23.70 8.48
C THR C 64 -12.77 -23.97 9.66
N HIS C 65 -13.25 -24.55 10.75
CA HIS C 65 -12.45 -24.82 11.98
C HIS C 65 -13.20 -25.81 12.89
N GLY C 66 -12.54 -26.21 13.99
CA GLY C 66 -12.92 -27.36 14.82
C GLY C 66 -13.93 -27.04 15.91
N HIS C 67 -14.15 -25.77 16.26
CA HIS C 67 -14.95 -25.38 17.46
C HIS C 67 -16.33 -26.06 17.41
N PHE C 68 -16.87 -26.38 18.59
CA PHE C 68 -18.12 -27.17 18.77
C PHE C 68 -19.26 -26.57 17.93
N ASP C 69 -19.34 -25.22 17.88
CA ASP C 69 -20.44 -24.48 17.19
C ASP C 69 -20.20 -24.47 15.66
N HIS C 70 -19.23 -25.24 15.17
CA HIS C 70 -18.95 -25.41 13.71
C HIS C 70 -18.83 -26.90 13.39
N PHE C 71 -17.95 -27.62 14.10
CA PHE C 71 -17.85 -29.10 14.07
C PHE C 71 -19.27 -29.67 14.20
N GLY C 72 -19.97 -29.29 15.27
CA GLY C 72 -21.39 -29.63 15.51
C GLY C 72 -21.66 -31.10 15.31
N ASP C 73 -22.51 -31.43 14.34
CA ASP C 73 -23.04 -32.80 14.09
C ASP C 73 -22.32 -33.47 12.92
N VAL C 74 -21.08 -33.08 12.58
CA VAL C 74 -20.38 -33.58 11.35
C VAL C 74 -20.30 -35.12 11.38
N VAL C 75 -19.95 -35.72 12.51
CA VAL C 75 -19.75 -37.19 12.58
C VAL C 75 -21.08 -37.92 12.27
N GLU C 76 -22.16 -37.58 12.97
CA GLU C 76 -23.48 -38.27 12.84
C GLU C 76 -24.07 -37.96 11.46
N LEU C 77 -23.94 -36.71 10.99
CA LEU C 77 -24.41 -36.23 9.66
C LEU C 77 -23.68 -37.00 8.56
N ALA C 78 -22.36 -37.15 8.68
CA ALA C 78 -21.51 -37.80 7.65
C ALA C 78 -21.83 -39.29 7.54
N LYS C 79 -22.13 -39.97 8.66
CA LYS C 79 -22.41 -41.44 8.62
C LYS C 79 -23.82 -41.66 8.07
N LYS C 80 -24.82 -40.93 8.56
CA LYS C 80 -26.23 -41.01 8.07
C LYS C 80 -26.30 -40.77 6.56
N THR C 81 -25.48 -39.86 6.00
CA THR C 81 -25.60 -39.36 4.61
C THR C 81 -24.54 -39.98 3.69
N GLY C 82 -23.40 -40.39 4.25
CA GLY C 82 -22.19 -40.76 3.48
C GLY C 82 -21.56 -39.55 2.78
N ALA C 83 -21.87 -38.33 3.23
CA ALA C 83 -21.29 -37.08 2.69
C ALA C 83 -19.76 -37.09 2.89
N THR C 84 -19.01 -36.55 1.93
CA THR C 84 -17.54 -36.34 2.05
C THR C 84 -17.29 -35.09 2.88
N VAL C 85 -16.44 -35.18 3.91
CA VAL C 85 -16.07 -34.01 4.79
C VAL C 85 -14.75 -33.41 4.28
N ILE C 86 -14.79 -32.14 3.88
CA ILE C 86 -13.62 -31.36 3.37
C ILE C 86 -13.14 -30.43 4.49
N GLY C 87 -11.85 -30.42 4.76
CA GLY C 87 -11.27 -29.67 5.89
C GLY C 87 -9.77 -29.70 5.87
N SER C 88 -9.16 -29.20 6.94
CA SER C 88 -7.69 -29.26 7.20
C SER C 88 -7.23 -30.72 7.18
N ALA C 89 -5.95 -30.96 6.89
CA ALA C 89 -5.31 -32.29 6.95
C ALA C 89 -5.58 -32.89 8.34
N GLU C 90 -5.38 -32.11 9.41
CA GLU C 90 -5.61 -32.54 10.81
C GLU C 90 -7.08 -32.93 10.99
N MET C 91 -8.00 -32.10 10.49
CA MET C 91 -9.46 -32.41 10.56
C MET C 91 -9.72 -33.77 9.90
N ALA C 92 -9.19 -33.98 8.69
CA ALA C 92 -9.36 -35.23 7.92
C ALA C 92 -8.79 -36.42 8.71
N ASP C 93 -7.58 -36.29 9.28
CA ASP C 93 -6.95 -37.34 10.13
C ASP C 93 -7.89 -37.63 11.30
N TYR C 94 -8.21 -36.61 12.09
CA TYR C 94 -9.05 -36.71 13.31
C TYR C 94 -10.36 -37.42 12.95
N LEU C 95 -11.10 -36.92 11.96
CA LEU C 95 -12.45 -37.46 11.64
C LEU C 95 -12.32 -38.93 11.22
N SER C 96 -11.33 -39.23 10.37
CA SER C 96 -11.06 -40.57 9.79
C SER C 96 -10.57 -41.55 10.87
N SER C 97 -9.44 -41.27 11.52
CA SER C 97 -8.73 -42.22 12.42
C SER C 97 -9.38 -42.29 13.80
N TYR C 98 -9.93 -41.18 14.33
CA TYR C 98 -10.50 -41.12 15.69
C TYR C 98 -12.01 -41.40 15.65
N HIS C 99 -12.75 -40.73 14.78
CA HIS C 99 -14.25 -40.84 14.71
C HIS C 99 -14.67 -41.84 13.63
N GLY C 100 -13.76 -42.36 12.81
CA GLY C 100 -14.07 -43.39 11.79
C GLY C 100 -15.06 -42.88 10.74
N VAL C 101 -14.94 -41.61 10.34
CA VAL C 101 -15.71 -41.06 9.18
C VAL C 101 -15.16 -41.73 7.92
N GLU C 102 -16.05 -42.24 7.07
CA GLU C 102 -15.70 -43.06 5.87
C GLU C 102 -15.03 -42.18 4.81
N ASN C 103 -15.58 -40.98 4.57
CA ASN C 103 -15.23 -40.16 3.38
C ASN C 103 -14.74 -38.78 3.84
N VAL C 104 -13.43 -38.54 3.70
CA VAL C 104 -12.79 -37.24 4.03
C VAL C 104 -11.90 -36.83 2.86
N HIS C 105 -11.70 -35.51 2.72
CA HIS C 105 -10.70 -34.93 1.80
C HIS C 105 -9.93 -33.85 2.56
N GLY C 106 -8.68 -34.16 2.91
CA GLY C 106 -7.75 -33.25 3.61
C GLY C 106 -7.26 -32.17 2.66
N MET C 107 -7.30 -30.92 3.11
CA MET C 107 -6.77 -29.74 2.36
C MET C 107 -6.00 -28.85 3.33
N ASN C 108 -5.45 -27.74 2.85
CA ASN C 108 -4.86 -26.72 3.76
C ASN C 108 -4.92 -25.35 3.07
N ILE C 109 -4.54 -24.31 3.79
CA ILE C 109 -4.73 -22.89 3.38
C ILE C 109 -4.04 -22.65 2.04
N GLY C 110 -4.73 -21.96 1.12
CA GLY C 110 -4.20 -21.64 -0.22
C GLY C 110 -4.48 -22.77 -1.21
N GLY C 111 -4.91 -23.93 -0.71
CA GLY C 111 -5.21 -25.12 -1.53
C GLY C 111 -6.60 -25.03 -2.11
N LYS C 112 -6.73 -25.40 -3.39
CA LYS C 112 -8.00 -25.43 -4.15
C LYS C 112 -8.22 -26.84 -4.70
N ALA C 113 -9.44 -27.36 -4.59
CA ALA C 113 -9.82 -28.70 -5.10
C ALA C 113 -11.16 -28.59 -5.85
N ASN C 114 -11.25 -29.29 -6.98
CA ASN C 114 -12.43 -29.31 -7.89
C ASN C 114 -13.28 -30.55 -7.57
N PHE C 115 -14.53 -30.33 -7.21
CA PHE C 115 -15.53 -31.41 -7.00
C PHE C 115 -16.58 -31.28 -8.12
N ASP C 116 -17.65 -32.07 -8.06
CA ASP C 116 -18.73 -32.04 -9.07
C ASP C 116 -19.75 -30.95 -8.69
N PHE C 117 -19.70 -30.40 -7.46
CA PHE C 117 -20.55 -29.26 -7.02
C PHE C 117 -19.96 -27.93 -7.53
N GLY C 118 -18.66 -27.90 -7.83
CA GLY C 118 -17.88 -26.67 -8.01
C GLY C 118 -16.54 -26.78 -7.31
N SER C 119 -15.87 -25.66 -7.05
CA SER C 119 -14.53 -25.63 -6.40
C SER C 119 -14.65 -25.08 -4.98
N VAL C 120 -13.72 -25.51 -4.13
CA VAL C 120 -13.56 -25.03 -2.74
C VAL C 120 -12.07 -24.71 -2.59
N LYS C 121 -11.76 -23.49 -2.15
CA LYS C 121 -10.38 -23.04 -1.83
C LYS C 121 -10.39 -22.54 -0.38
N PHE C 122 -9.48 -23.06 0.45
CA PHE C 122 -9.29 -22.60 1.84
C PHE C 122 -8.36 -21.38 1.81
N VAL C 123 -8.70 -20.40 2.64
CA VAL C 123 -7.89 -19.17 2.85
C VAL C 123 -7.71 -19.01 4.35
N GLN C 124 -6.87 -18.05 4.73
CA GLN C 124 -6.45 -17.85 6.14
C GLN C 124 -7.59 -17.22 6.93
N ALA C 125 -7.60 -17.47 8.23
CA ALA C 125 -8.43 -16.78 9.24
C ALA C 125 -7.57 -16.59 10.49
N PHE C 126 -7.97 -15.69 11.38
CA PHE C 126 -7.25 -15.40 12.64
C PHE C 126 -8.23 -15.67 13.78
N HIS C 127 -8.00 -16.77 14.49
CA HIS C 127 -8.98 -17.41 15.40
C HIS C 127 -8.26 -18.56 16.10
N SER C 128 -8.95 -19.69 16.32
CA SER C 128 -8.35 -20.96 16.77
C SER C 128 -9.19 -22.11 16.18
N SER C 129 -8.66 -23.33 16.21
CA SER C 129 -9.31 -24.53 15.64
C SER C 129 -8.95 -25.74 16.49
N SER C 130 -9.91 -26.20 17.30
CA SER C 130 -9.81 -27.37 18.20
C SER C 130 -11.22 -27.84 18.58
N PHE C 131 -11.35 -29.10 18.96
CA PHE C 131 -12.54 -29.65 19.64
C PHE C 131 -12.09 -30.07 21.04
N THR C 132 -12.73 -29.52 22.08
CA THR C 132 -12.40 -29.79 23.50
C THR C 132 -13.09 -31.07 23.94
N HIS C 133 -12.31 -32.07 24.38
CA HIS C 133 -12.79 -33.37 24.89
C HIS C 133 -13.22 -33.24 26.36
N GLU C 134 -13.95 -34.24 26.87
CA GLU C 134 -14.49 -34.33 28.26
C GLU C 134 -13.53 -33.69 29.28
N ASN C 135 -12.24 -33.98 29.17
CA ASN C 135 -11.19 -33.69 30.19
C ASN C 135 -10.65 -32.26 30.09
N GLY C 136 -11.17 -31.41 29.20
CA GLY C 136 -10.77 -29.99 29.05
C GLY C 136 -9.52 -29.80 28.18
N ILE C 137 -9.04 -30.87 27.54
CA ILE C 137 -7.87 -30.86 26.63
C ILE C 137 -8.38 -30.63 25.21
N PRO C 138 -8.04 -29.50 24.54
CA PRO C 138 -8.39 -29.31 23.14
C PRO C 138 -7.65 -30.29 22.22
N VAL C 139 -8.31 -30.80 21.18
CA VAL C 139 -7.61 -31.48 20.05
C VAL C 139 -7.38 -30.44 18.94
N TYR C 140 -6.11 -30.22 18.59
CA TYR C 140 -5.67 -29.29 17.53
C TYR C 140 -6.13 -29.85 16.18
N LEU C 141 -6.74 -29.00 15.36
CA LEU C 141 -7.33 -29.37 14.06
C LEU C 141 -6.84 -28.40 12.97
N GLY C 142 -5.66 -27.79 13.17
CA GLY C 142 -4.99 -26.95 12.14
C GLY C 142 -5.18 -25.47 12.43
N MET C 143 -4.74 -24.61 11.51
CA MET C 143 -5.06 -23.16 11.59
C MET C 143 -6.51 -22.98 11.14
N PRO C 144 -7.25 -22.02 11.72
CA PRO C 144 -8.62 -21.76 11.31
C PRO C 144 -8.59 -21.18 9.89
N MET C 145 -9.68 -21.32 9.14
CA MET C 145 -9.71 -20.96 7.71
C MET C 145 -11.03 -20.28 7.34
N GLY C 146 -11.02 -19.53 6.25
CA GLY C 146 -12.21 -19.16 5.47
C GLY C 146 -12.25 -20.00 4.21
N ILE C 147 -13.34 -19.89 3.44
CA ILE C 147 -13.62 -20.69 2.22
C ILE C 147 -13.99 -19.75 1.09
N VAL C 148 -13.34 -19.93 -0.06
CA VAL C 148 -13.78 -19.36 -1.37
C VAL C 148 -14.35 -20.52 -2.19
N PHE C 149 -15.67 -20.54 -2.36
CA PHE C 149 -16.40 -21.44 -3.29
C PHE C 149 -16.56 -20.75 -4.65
N GLU C 150 -16.30 -21.48 -5.73
CA GLU C 150 -16.79 -21.13 -7.09
C GLU C 150 -17.85 -22.16 -7.47
N VAL C 151 -19.11 -21.78 -7.39
CA VAL C 151 -20.29 -22.66 -7.62
C VAL C 151 -21.27 -21.95 -8.56
N GLU C 152 -21.49 -22.52 -9.75
CA GLU C 152 -22.47 -22.07 -10.76
C GLU C 152 -22.22 -20.59 -11.08
N GLY C 153 -20.96 -20.24 -11.36
CA GLY C 153 -20.52 -18.90 -11.81
C GLY C 153 -20.54 -17.86 -10.71
N LYS C 154 -20.73 -18.26 -9.44
CA LYS C 154 -20.76 -17.36 -8.26
C LYS C 154 -19.49 -17.59 -7.42
N THR C 155 -18.88 -16.51 -6.94
CA THR C 155 -17.75 -16.58 -5.96
C THR C 155 -18.30 -16.26 -4.58
N ILE C 156 -18.28 -17.25 -3.68
CA ILE C 156 -18.78 -17.12 -2.29
C ILE C 156 -17.59 -17.13 -1.33
N TYR C 157 -17.47 -16.10 -0.51
CA TYR C 157 -16.42 -15.97 0.53
C TYR C 157 -17.10 -16.04 1.89
N HIS C 158 -17.04 -17.23 2.50
CA HIS C 158 -17.28 -17.45 3.94
C HIS C 158 -15.94 -17.18 4.64
N THR C 159 -15.86 -16.14 5.47
CA THR C 159 -14.57 -15.72 6.11
C THR C 159 -14.21 -16.68 7.24
N GLY C 160 -15.14 -17.56 7.62
CA GLY C 160 -15.04 -18.37 8.85
C GLY C 160 -15.08 -17.46 10.07
N ASP C 161 -14.77 -18.00 11.24
CA ASP C 161 -14.50 -17.19 12.45
C ASP C 161 -13.12 -16.55 12.29
N THR C 162 -13.06 -15.22 12.30
CA THR C 162 -11.81 -14.46 12.08
C THR C 162 -11.89 -13.09 12.75
N GLY C 163 -10.73 -12.55 13.13
CA GLY C 163 -10.52 -11.10 13.30
C GLY C 163 -10.27 -10.43 11.96
N LEU C 164 -10.31 -9.10 11.93
CA LEU C 164 -9.99 -8.27 10.74
C LEU C 164 -8.54 -8.53 10.29
N PHE C 165 -8.30 -8.71 9.00
CA PHE C 165 -6.91 -8.80 8.46
C PHE C 165 -6.86 -8.24 7.04
N SER C 166 -5.78 -7.51 6.71
CA SER C 166 -5.66 -6.74 5.44
C SER C 166 -5.63 -7.68 4.22
N ASP C 167 -5.23 -8.95 4.39
CA ASP C 167 -5.16 -9.92 3.25
C ASP C 167 -6.58 -10.35 2.86
N MET C 168 -7.60 -9.92 3.61
CA MET C 168 -9.01 -10.02 3.13
C MET C 168 -9.11 -9.33 1.77
N SER C 169 -8.34 -8.26 1.57
CA SER C 169 -8.31 -7.47 0.31
C SER C 169 -7.59 -8.28 -0.78
N LEU C 170 -6.55 -9.02 -0.44
CA LEU C 170 -5.81 -9.88 -1.42
C LEU C 170 -6.73 -11.03 -1.88
N ILE C 171 -7.35 -11.75 -0.93
CA ILE C 171 -8.34 -12.82 -1.24
C ILE C 171 -9.39 -12.24 -2.20
N ALA C 172 -9.92 -11.05 -1.91
CA ALA C 172 -11.04 -10.43 -2.67
C ALA C 172 -10.58 -9.95 -4.06
N LYS C 173 -9.38 -9.38 -4.17
CA LYS C 173 -8.80 -8.90 -5.47
C LYS C 173 -8.58 -10.10 -6.40
N ARG C 174 -8.05 -11.20 -5.86
CA ARG C 174 -7.67 -12.43 -6.62
C ARG C 174 -8.93 -13.25 -6.93
N HIS C 175 -10.01 -13.07 -6.15
CA HIS C 175 -11.29 -13.82 -6.29
C HIS C 175 -12.45 -12.86 -6.04
N PRO C 176 -12.78 -11.96 -6.99
CA PRO C 176 -13.85 -10.98 -6.78
C PRO C 176 -15.10 -11.69 -6.27
N VAL C 177 -15.73 -11.13 -5.23
CA VAL C 177 -16.72 -11.84 -4.37
C VAL C 177 -18.14 -11.43 -4.79
N ASP C 178 -19.02 -12.43 -4.97
CA ASP C 178 -20.48 -12.25 -5.17
C ASP C 178 -21.16 -12.14 -3.81
N VAL C 179 -21.00 -13.14 -2.95
CA VAL C 179 -21.59 -13.11 -1.58
C VAL C 179 -20.46 -13.30 -0.57
N CYS C 180 -20.44 -12.50 0.49
CA CYS C 180 -19.54 -12.65 1.66
C CYS C 180 -20.37 -12.89 2.92
N PHE C 181 -20.15 -14.02 3.58
CA PHE C 181 -20.63 -14.30 4.95
C PHE C 181 -19.54 -13.86 5.92
N VAL C 182 -19.90 -12.95 6.84
CA VAL C 182 -18.91 -12.25 7.70
C VAL C 182 -19.47 -12.20 9.12
N PRO C 183 -18.72 -12.70 10.12
CA PRO C 183 -19.19 -12.69 11.51
C PRO C 183 -19.21 -11.29 12.13
N ILE C 184 -20.29 -10.97 12.87
CA ILE C 184 -20.52 -9.65 13.52
C ILE C 184 -20.73 -9.80 15.02
N GLY C 185 -20.66 -11.02 15.56
CA GLY C 185 -21.04 -11.34 16.95
C GLY C 185 -20.15 -10.66 17.98
N ASP C 186 -18.87 -10.39 17.64
CA ASP C 186 -17.86 -9.82 18.57
C ASP C 186 -17.49 -10.85 19.66
N ASN C 187 -16.60 -10.46 20.57
CA ASN C 187 -16.07 -11.27 21.70
C ASN C 187 -15.18 -12.39 21.16
N PHE C 188 -15.69 -13.22 20.24
CA PHE C 188 -15.01 -14.41 19.65
C PHE C 188 -14.54 -14.12 18.22
N THR C 189 -15.03 -13.05 17.60
CA THR C 189 -14.76 -12.67 16.19
C THR C 189 -14.84 -11.15 16.07
N MET C 190 -14.70 -10.64 14.85
CA MET C 190 -15.04 -9.22 14.54
C MET C 190 -16.46 -8.95 15.10
N GLY C 191 -16.66 -7.79 15.69
CA GLY C 191 -17.98 -7.19 15.93
C GLY C 191 -18.41 -6.33 14.75
N ILE C 192 -19.32 -5.38 15.01
CA ILE C 192 -19.99 -4.53 13.99
C ILE C 192 -18.94 -3.70 13.22
N ASP C 193 -18.13 -2.91 13.92
CA ASP C 193 -17.19 -1.92 13.32
C ASP C 193 -16.19 -2.64 12.41
N ASP C 194 -15.56 -3.72 12.88
CA ASP C 194 -14.49 -4.43 12.14
C ASP C 194 -15.10 -5.15 10.93
N ALA C 195 -16.23 -5.84 11.11
CA ALA C 195 -16.91 -6.60 10.03
C ALA C 195 -17.30 -5.65 8.90
N SER C 196 -17.90 -4.51 9.24
CA SER C 196 -18.32 -3.46 8.27
C SER C 196 -17.08 -2.84 7.61
N TYR C 197 -15.98 -2.65 8.35
CA TYR C 197 -14.70 -2.13 7.79
C TYR C 197 -14.13 -3.16 6.81
N ALA C 198 -14.15 -4.45 7.18
CA ALA C 198 -13.74 -5.58 6.32
C ALA C 198 -14.48 -5.50 4.98
N ILE C 199 -15.80 -5.26 5.01
CA ILE C 199 -16.65 -5.21 3.78
C ILE C 199 -16.33 -3.94 2.97
N ASN C 200 -16.29 -2.76 3.60
CA ASN C 200 -16.14 -1.44 2.94
C ASN C 200 -14.71 -1.29 2.38
N GLU C 201 -13.71 -1.72 3.14
CA GLU C 201 -12.29 -1.44 2.83
C GLU C 201 -11.66 -2.59 2.02
N PHE C 202 -11.89 -3.86 2.40
CA PHE C 202 -11.07 -5.00 1.92
C PHE C 202 -11.83 -5.84 0.86
N ILE C 203 -13.07 -6.24 1.13
CA ILE C 203 -13.73 -7.37 0.40
C ILE C 203 -14.59 -6.82 -0.74
N LYS C 204 -15.43 -5.82 -0.44
CA LYS C 204 -16.30 -5.09 -1.41
C LYS C 204 -17.09 -6.09 -2.24
N PRO C 205 -17.91 -6.96 -1.63
CA PRO C 205 -18.66 -7.97 -2.38
C PRO C 205 -19.92 -7.35 -3.00
N LYS C 206 -20.56 -8.06 -3.93
CA LYS C 206 -21.89 -7.68 -4.47
C LYS C 206 -22.90 -7.76 -3.31
N ILE C 207 -22.82 -8.82 -2.51
CA ILE C 207 -23.76 -9.12 -1.39
C ILE C 207 -22.98 -9.44 -0.11
N SER C 208 -23.31 -8.79 1.01
CA SER C 208 -22.80 -9.10 2.38
C SER C 208 -23.91 -9.70 3.25
N VAL C 209 -23.63 -10.82 3.91
CA VAL C 209 -24.55 -11.49 4.89
C VAL C 209 -23.84 -11.58 6.24
N PRO C 210 -24.33 -10.91 7.29
CA PRO C 210 -23.72 -11.01 8.60
C PRO C 210 -24.10 -12.38 9.19
N ILE C 211 -23.16 -13.04 9.87
CA ILE C 211 -23.37 -14.38 10.48
C ILE C 211 -22.79 -14.32 11.90
N HIS C 212 -22.98 -15.39 12.67
CA HIS C 212 -22.29 -15.61 13.95
C HIS C 212 -22.70 -14.55 14.96
N TYR C 213 -24.01 -14.30 15.11
CA TYR C 213 -24.60 -13.42 16.16
C TYR C 213 -25.89 -14.04 16.74
N ASP C 214 -26.28 -13.64 17.95
CA ASP C 214 -27.57 -13.92 18.65
C ASP C 214 -27.68 -15.37 19.16
N THR C 215 -26.90 -16.31 18.63
CA THR C 215 -26.94 -17.75 19.01
C THR C 215 -26.73 -17.90 20.52
N PHE C 216 -25.86 -17.07 21.11
CA PHE C 216 -25.54 -17.08 22.56
C PHE C 216 -25.62 -15.64 23.06
N PRO C 217 -25.90 -15.42 24.36
CA PRO C 217 -26.05 -14.06 24.90
C PRO C 217 -24.82 -13.18 24.59
N LEU C 218 -23.64 -13.77 24.65
CA LEU C 218 -22.33 -13.08 24.53
C LEU C 218 -22.13 -12.51 23.11
N ILE C 219 -22.78 -13.09 22.09
CA ILE C 219 -22.65 -12.65 20.67
C ILE C 219 -23.98 -12.06 20.16
N GLU C 220 -24.80 -11.51 21.05
CA GLU C 220 -26.04 -10.79 20.66
C GLU C 220 -25.64 -9.47 20.01
N GLN C 221 -26.07 -9.25 18.77
CA GLN C 221 -25.86 -7.98 18.04
C GLN C 221 -27.14 -7.68 17.24
N ASP C 222 -27.42 -6.39 17.05
CA ASP C 222 -28.40 -5.89 16.05
C ASP C 222 -27.70 -5.86 14.69
N PRO C 223 -28.03 -6.79 13.75
CA PRO C 223 -27.45 -6.75 12.42
C PRO C 223 -27.79 -5.47 11.65
N GLN C 224 -28.83 -4.73 12.04
CA GLN C 224 -29.21 -3.47 11.35
C GLN C 224 -28.06 -2.46 11.51
N GLN C 225 -27.35 -2.49 12.64
CA GLN C 225 -26.13 -1.67 12.89
C GLN C 225 -25.06 -2.03 11.84
N PHE C 226 -24.97 -3.30 11.46
CA PHE C 226 -24.00 -3.79 10.43
C PHE C 226 -24.40 -3.22 9.07
N LYS C 227 -25.68 -3.38 8.70
CA LYS C 227 -26.21 -2.91 7.39
C LYS C 227 -26.11 -1.38 7.29
N ASP C 228 -26.38 -0.66 8.37
CA ASP C 228 -26.20 0.82 8.46
C ASP C 228 -24.75 1.21 8.11
N ALA C 229 -23.75 0.46 8.58
CA ALA C 229 -22.32 0.84 8.51
C ALA C 229 -21.69 0.39 7.18
N VAL C 230 -22.36 -0.46 6.39
CA VAL C 230 -21.83 -0.96 5.08
C VAL C 230 -22.29 -0.03 3.95
N ASN C 231 -21.37 0.46 3.12
CA ASN C 231 -21.64 1.46 2.05
C ASN C 231 -21.48 0.83 0.66
N VAL C 232 -21.07 -0.44 0.59
CA VAL C 232 -20.70 -1.11 -0.70
C VAL C 232 -21.60 -2.32 -0.90
N GLY C 233 -22.07 -2.50 -2.12
CA GLY C 233 -22.93 -3.63 -2.53
C GLY C 233 -24.23 -3.64 -1.74
N ASP C 234 -24.77 -4.84 -1.50
CA ASP C 234 -26.11 -5.05 -0.90
C ASP C 234 -25.94 -5.93 0.34
N VAL C 235 -26.50 -5.51 1.49
CA VAL C 235 -26.52 -6.30 2.75
C VAL C 235 -27.88 -6.99 2.86
N GLN C 236 -27.87 -8.33 2.95
CA GLN C 236 -29.09 -9.16 3.11
C GLN C 236 -29.03 -9.81 4.50
N ILE C 237 -29.77 -9.25 5.45
CA ILE C 237 -29.90 -9.79 6.83
C ILE C 237 -30.81 -11.02 6.77
N LEU C 238 -30.22 -12.21 6.78
CA LEU C 238 -30.97 -13.50 6.64
C LEU C 238 -31.18 -14.09 8.03
N LYS C 239 -32.44 -14.44 8.34
CA LYS C 239 -32.81 -15.32 9.47
C LYS C 239 -32.56 -16.76 9.04
N PRO C 240 -32.29 -17.69 9.98
CA PRO C 240 -32.11 -19.10 9.62
C PRO C 240 -33.25 -19.63 8.74
N GLY C 241 -32.90 -20.24 7.61
CA GLY C 241 -33.86 -20.81 6.63
C GLY C 241 -33.96 -19.96 5.37
N GLU C 242 -33.58 -18.68 5.44
CA GLU C 242 -33.73 -17.69 4.34
C GLU C 242 -32.56 -17.82 3.37
N SER C 243 -32.82 -17.63 2.07
CA SER C 243 -31.85 -17.79 0.97
C SER C 243 -31.39 -16.41 0.49
N VAL C 244 -30.23 -16.35 -0.15
CA VAL C 244 -29.68 -15.12 -0.78
C VAL C 244 -30.46 -14.87 -2.08
N GLN C 245 -30.90 -13.64 -2.29
CA GLN C 245 -31.54 -13.20 -3.56
C GLN C 245 -30.45 -12.60 -4.47
N PHE C 246 -30.10 -13.34 -5.54
CA PHE C 246 -29.17 -12.88 -6.60
C PHE C 246 -29.94 -11.99 -7.59
N MET D 17 -31.85 21.80 4.69
CA MET D 17 -30.96 20.91 3.86
C MET D 17 -30.00 21.79 3.05
N MET D 18 -28.72 21.42 3.06
CA MET D 18 -27.64 22.14 2.36
C MET D 18 -27.99 22.28 0.87
N LYS D 19 -27.92 23.51 0.33
CA LYS D 19 -28.19 23.81 -1.09
C LYS D 19 -26.91 23.56 -1.90
N LEU D 20 -27.00 22.70 -2.91
CA LEU D 20 -25.89 22.24 -3.78
C LEU D 20 -26.50 21.74 -5.09
N SER D 21 -26.23 22.40 -6.21
CA SER D 21 -26.84 22.06 -7.51
C SER D 21 -25.79 22.00 -8.63
N PHE D 22 -26.09 21.21 -9.67
CA PHE D 22 -25.30 21.03 -10.90
C PHE D 22 -25.97 21.84 -12.00
N HIS D 23 -25.19 22.44 -12.91
CA HIS D 23 -25.70 23.35 -13.97
C HIS D 23 -25.01 23.08 -15.32
N GLY D 24 -24.46 21.87 -15.51
CA GLY D 24 -23.85 21.44 -16.77
C GLY D 24 -22.33 21.57 -16.77
N GLN D 25 -21.68 20.84 -17.67
CA GLN D 25 -20.20 20.65 -17.73
C GLN D 25 -19.69 20.37 -16.31
N SER D 26 -18.98 21.31 -15.69
CA SER D 26 -18.40 21.16 -14.33
C SER D 26 -18.94 22.25 -13.39
N THR D 27 -19.99 22.96 -13.80
CA THR D 27 -20.55 24.09 -13.04
C THR D 27 -21.38 23.54 -11.89
N ILE D 28 -20.98 23.84 -10.64
CA ILE D 28 -21.81 23.57 -9.43
C ILE D 28 -22.08 24.88 -8.69
N TYR D 29 -23.22 24.92 -7.99
CA TYR D 29 -23.69 26.08 -7.21
C TYR D 29 -23.95 25.59 -5.79
N LEU D 30 -23.59 26.37 -4.79
CA LEU D 30 -23.96 26.00 -3.40
C LEU D 30 -24.16 27.26 -2.56
N GLU D 31 -24.75 27.07 -1.39
CA GLU D 31 -24.93 28.14 -0.38
C GLU D 31 -24.39 27.62 0.95
N GLY D 32 -23.62 28.47 1.63
CA GLY D 32 -23.28 28.31 3.04
C GLY D 32 -23.49 29.62 3.75
N ASN D 33 -24.15 29.59 4.91
CA ASN D 33 -24.44 30.77 5.76
C ASN D 33 -24.96 31.92 4.88
N ASN D 34 -25.89 31.60 3.98
CA ASN D 34 -26.60 32.51 3.04
C ASN D 34 -25.59 33.34 2.23
N LYS D 35 -24.48 32.71 1.82
CA LYS D 35 -23.50 33.24 0.85
C LYS D 35 -23.45 32.28 -0.35
N LYS D 36 -23.51 32.81 -1.56
CA LYS D 36 -23.71 32.05 -2.83
C LYS D 36 -22.35 31.80 -3.48
N VAL D 37 -22.05 30.55 -3.84
CA VAL D 37 -20.76 30.13 -4.46
C VAL D 37 -21.04 29.37 -5.75
N ILE D 38 -20.41 29.78 -6.85
CA ILE D 38 -20.40 29.04 -8.14
C ILE D 38 -18.97 28.56 -8.43
N VAL D 39 -18.85 27.38 -9.03
CA VAL D 39 -17.59 26.77 -9.51
C VAL D 39 -17.64 26.72 -11.02
N ASP D 40 -16.56 27.13 -11.70
CA ASP D 40 -16.35 26.91 -13.16
C ASP D 40 -17.59 27.37 -13.93
N PRO D 41 -17.92 28.69 -13.90
CA PRO D 41 -19.16 29.21 -14.48
C PRO D 41 -19.14 29.39 -16.00
N PHE D 42 -19.28 28.27 -16.73
CA PHE D 42 -19.43 28.20 -18.20
C PHE D 42 -20.91 28.34 -18.55
N ILE D 43 -21.43 29.57 -18.54
CA ILE D 43 -22.89 29.86 -18.48
C ILE D 43 -23.37 30.27 -19.88
N SER D 44 -22.95 31.45 -20.36
CA SER D 44 -23.48 32.10 -21.59
C SER D 44 -23.25 31.21 -22.81
N ASN D 45 -22.08 30.56 -22.93
CA ASN D 45 -21.66 29.77 -24.12
C ASN D 45 -21.94 28.28 -23.96
N ASN D 46 -22.58 27.85 -22.86
CA ASN D 46 -23.10 26.46 -22.73
C ASN D 46 -24.62 26.48 -22.91
N PRO D 47 -25.15 26.06 -24.09
CA PRO D 47 -26.60 26.08 -24.32
C PRO D 47 -27.38 25.14 -23.40
N LYS D 48 -26.75 24.07 -22.89
CA LYS D 48 -27.39 23.10 -21.96
C LYS D 48 -27.37 23.62 -20.52
N CYS D 49 -26.65 24.72 -20.24
CA CYS D 49 -26.63 25.39 -18.90
C CYS D 49 -27.95 26.14 -18.67
N ASP D 50 -28.65 25.83 -17.57
CA ASP D 50 -29.98 26.41 -17.23
C ASP D 50 -29.84 27.84 -16.68
N LEU D 51 -28.62 28.32 -16.41
CA LEU D 51 -28.37 29.64 -15.77
C LEU D 51 -28.30 30.74 -16.84
N ASN D 52 -28.39 32.00 -16.42
CA ASN D 52 -28.24 33.21 -17.27
C ASN D 52 -27.34 34.21 -16.52
N ILE D 53 -26.42 34.84 -17.24
CA ILE D 53 -25.40 35.78 -16.67
C ILE D 53 -26.09 36.97 -16.00
N GLU D 54 -27.20 37.44 -16.57
CA GLU D 54 -27.91 38.67 -16.13
C GLU D 54 -28.55 38.43 -14.75
N THR D 55 -29.06 37.22 -14.49
CA THR D 55 -29.92 36.91 -13.31
C THR D 55 -29.09 36.28 -12.18
N VAL D 56 -28.11 35.43 -12.51
CA VAL D 56 -27.28 34.65 -11.55
C VAL D 56 -26.72 35.58 -10.45
N GLN D 57 -27.00 35.26 -9.18
CA GLN D 57 -26.47 35.99 -8.00
C GLN D 57 -25.36 35.15 -7.36
N VAL D 58 -24.16 35.73 -7.15
CA VAL D 58 -23.01 35.02 -6.50
C VAL D 58 -22.20 36.00 -5.64
N ASP D 59 -21.65 35.48 -4.54
CA ASP D 59 -20.69 36.20 -3.65
C ASP D 59 -19.27 35.69 -3.91
N TYR D 60 -19.10 34.44 -4.37
CA TYR D 60 -17.77 33.81 -4.62
C TYR D 60 -17.80 32.98 -5.91
N ILE D 61 -16.72 33.07 -6.69
CA ILE D 61 -16.45 32.21 -7.88
C ILE D 61 -15.15 31.44 -7.60
N VAL D 62 -15.18 30.12 -7.70
CA VAL D 62 -14.00 29.22 -7.55
C VAL D 62 -13.75 28.56 -8.90
N LEU D 63 -12.50 28.60 -9.38
CA LEU D 63 -12.07 27.97 -10.65
C LEU D 63 -11.10 26.83 -10.34
N THR D 64 -11.38 25.64 -10.87
CA THR D 64 -10.49 24.45 -10.76
C THR D 64 -9.30 24.65 -11.70
N HIS D 65 -9.54 25.20 -12.90
CA HIS D 65 -8.50 25.48 -13.92
C HIS D 65 -8.99 26.53 -14.94
N GLY D 66 -8.14 26.92 -15.89
CA GLY D 66 -8.34 28.11 -16.74
C GLY D 66 -9.00 27.83 -18.09
N HIS D 67 -9.26 26.58 -18.44
CA HIS D 67 -9.85 26.20 -19.76
C HIS D 67 -11.16 26.96 -19.97
N PHE D 68 -11.46 27.32 -21.23
CA PHE D 68 -12.62 28.15 -21.66
C PHE D 68 -13.93 27.63 -21.03
N ASP D 69 -14.08 26.30 -20.95
CA ASP D 69 -15.33 25.63 -20.49
C ASP D 69 -15.38 25.58 -18.95
N HIS D 70 -14.52 26.34 -18.26
CA HIS D 70 -14.53 26.50 -16.78
C HIS D 70 -14.36 27.98 -16.43
N PHE D 71 -13.31 28.61 -16.97
CA PHE D 71 -13.06 30.07 -16.89
C PHE D 71 -14.36 30.78 -17.27
N GLY D 72 -14.90 30.41 -18.44
CA GLY D 72 -16.24 30.83 -18.91
C GLY D 72 -16.44 32.33 -18.78
N ASP D 73 -17.48 32.74 -18.07
CA ASP D 73 -17.91 34.16 -17.96
C ASP D 73 -17.43 34.78 -16.65
N VAL D 74 -16.28 34.35 -16.12
CA VAL D 74 -15.80 34.77 -14.76
C VAL D 74 -15.60 36.29 -14.74
N VAL D 75 -15.00 36.86 -15.78
CA VAL D 75 -14.70 38.33 -15.83
C VAL D 75 -16.02 39.11 -15.74
N GLU D 76 -16.95 38.88 -16.66
CA GLU D 76 -18.24 39.65 -16.69
C GLU D 76 -19.04 39.37 -15.40
N LEU D 77 -19.04 38.13 -14.91
CA LEU D 77 -19.83 37.70 -13.72
C LEU D 77 -19.30 38.39 -12.48
N ALA D 78 -17.98 38.40 -12.29
CA ALA D 78 -17.32 39.05 -11.13
C ALA D 78 -17.63 40.55 -11.15
N LYS D 79 -17.54 41.19 -12.32
CA LYS D 79 -17.72 42.65 -12.50
C LYS D 79 -19.17 43.02 -12.18
N LYS D 80 -20.14 42.27 -12.71
CA LYS D 80 -21.59 42.50 -12.52
C LYS D 80 -21.99 42.30 -11.05
N THR D 81 -21.41 41.33 -10.34
CA THR D 81 -21.87 40.88 -9.00
C THR D 81 -20.96 41.41 -7.88
N GLY D 82 -19.70 41.75 -8.17
CA GLY D 82 -18.69 42.08 -7.13
C GLY D 82 -18.16 40.84 -6.41
N ALA D 83 -18.44 39.64 -6.92
CA ALA D 83 -18.02 38.35 -6.32
C ALA D 83 -16.48 38.25 -6.24
N THR D 84 -15.95 37.72 -5.14
CA THR D 84 -14.51 37.39 -5.02
C THR D 84 -14.25 36.13 -5.84
N VAL D 85 -13.21 36.13 -6.67
CA VAL D 85 -12.81 34.94 -7.48
C VAL D 85 -11.66 34.25 -6.74
N ILE D 86 -11.87 32.99 -6.35
CA ILE D 86 -10.87 32.16 -5.63
C ILE D 86 -10.22 31.23 -6.66
N GLY D 87 -8.88 31.18 -6.70
CA GLY D 87 -8.14 30.38 -7.69
C GLY D 87 -6.66 30.28 -7.38
N SER D 88 -5.89 29.72 -8.31
CA SER D 88 -4.42 29.67 -8.25
C SER D 88 -3.86 31.09 -8.15
N ALA D 89 -2.64 31.23 -7.64
CA ALA D 89 -1.88 32.50 -7.60
C ALA D 89 -1.85 33.12 -9.01
N GLU D 90 -1.62 32.31 -10.05
CA GLU D 90 -1.54 32.76 -11.46
C GLU D 90 -2.93 33.26 -11.90
N MET D 91 -3.99 32.50 -11.61
CA MET D 91 -5.37 32.90 -11.95
C MET D 91 -5.65 34.28 -11.35
N ALA D 92 -5.34 34.45 -10.05
CA ALA D 92 -5.55 35.70 -9.29
C ALA D 92 -4.80 36.84 -9.97
N ASP D 93 -3.52 36.65 -10.30
CA ASP D 93 -2.67 37.66 -10.99
C ASP D 93 -3.33 38.03 -12.33
N TYR D 94 -3.61 37.04 -13.17
CA TYR D 94 -4.16 37.21 -14.54
C TYR D 94 -5.49 37.96 -14.46
N LEU D 95 -6.39 37.52 -13.59
CA LEU D 95 -7.74 38.13 -13.44
C LEU D 95 -7.58 39.57 -12.98
N SER D 96 -6.73 39.80 -11.97
CA SER D 96 -6.52 41.12 -11.34
C SER D 96 -5.82 42.06 -12.33
N SER D 97 -4.62 41.71 -12.79
CA SER D 97 -3.70 42.62 -13.52
C SER D 97 -4.07 42.73 -15.00
N TYR D 98 -4.55 41.67 -15.65
CA TYR D 98 -4.83 41.69 -17.10
C TYR D 98 -6.31 42.00 -17.36
N HIS D 99 -7.24 41.43 -16.58
CA HIS D 99 -8.70 41.61 -16.77
C HIS D 99 -9.30 42.62 -15.79
N GLY D 100 -8.52 43.18 -14.87
CA GLY D 100 -9.00 44.21 -13.93
C GLY D 100 -10.17 43.75 -13.09
N VAL D 101 -10.20 42.47 -12.70
CA VAL D 101 -11.19 41.95 -11.70
C VAL D 101 -10.78 42.53 -10.34
N GLU D 102 -11.76 43.05 -9.59
CA GLU D 102 -11.52 43.85 -8.36
C GLU D 102 -11.20 42.93 -7.18
N ASN D 103 -11.90 41.80 -7.04
CA ASN D 103 -11.84 40.98 -5.81
C ASN D 103 -11.37 39.57 -6.18
N VAL D 104 -10.11 39.27 -5.86
CA VAL D 104 -9.50 37.93 -6.06
C VAL D 104 -8.91 37.45 -4.74
N HIS D 105 -8.78 36.13 -4.60
CA HIS D 105 -8.03 35.48 -3.52
C HIS D 105 -7.20 34.36 -4.14
N GLY D 106 -5.90 34.61 -4.33
CA GLY D 106 -4.92 33.62 -4.80
C GLY D 106 -4.69 32.55 -3.74
N MET D 107 -4.64 31.30 -4.18
CA MET D 107 -4.32 30.13 -3.33
C MET D 107 -3.46 29.17 -4.15
N ASN D 108 -3.16 28.00 -3.61
CA ASN D 108 -2.47 26.95 -4.38
C ASN D 108 -2.77 25.60 -3.72
N ILE D 109 -2.36 24.54 -4.40
CA ILE D 109 -2.70 23.12 -4.05
C ILE D 109 -2.25 22.86 -2.62
N GLY D 110 -3.14 22.23 -1.84
CA GLY D 110 -2.92 21.93 -0.41
C GLY D 110 -3.37 23.08 0.46
N GLY D 111 -3.50 24.28 -0.10
CA GLY D 111 -3.90 25.49 0.63
C GLY D 111 -5.36 25.46 1.01
N LYS D 112 -5.67 25.80 2.26
CA LYS D 112 -7.05 25.91 2.78
C LYS D 112 -7.27 27.35 3.23
N ALA D 113 -8.45 27.89 2.98
CA ALA D 113 -8.84 29.27 3.38
C ALA D 113 -10.28 29.26 3.89
N ASN D 114 -10.55 29.96 4.99
CA ASN D 114 -11.89 30.07 5.61
C ASN D 114 -12.57 31.36 5.13
N PHE D 115 -13.77 31.24 4.59
CA PHE D 115 -14.64 32.36 4.13
C PHE D 115 -15.95 32.32 4.92
N ASP D 116 -16.80 33.33 4.77
CA ASP D 116 -18.07 33.43 5.55
C ASP D 116 -19.01 32.28 5.12
N PHE D 117 -18.82 31.69 3.93
CA PHE D 117 -19.65 30.55 3.43
C PHE D 117 -19.14 29.20 3.96
N GLY D 118 -17.91 29.14 4.50
CA GLY D 118 -17.22 27.88 4.86
C GLY D 118 -15.83 27.85 4.28
N SER D 119 -15.24 26.65 4.15
CA SER D 119 -13.82 26.46 3.74
C SER D 119 -13.72 25.91 2.31
N VAL D 120 -12.60 26.23 1.66
CA VAL D 120 -12.20 25.75 0.32
C VAL D 120 -10.74 25.34 0.46
N LYS D 121 -10.42 24.15 -0.02
CA LYS D 121 -9.06 23.59 -0.02
C LYS D 121 -8.81 23.10 -1.45
N PHE D 122 -7.76 23.58 -2.06
CA PHE D 122 -7.38 23.12 -3.42
C PHE D 122 -6.55 21.85 -3.26
N VAL D 123 -6.83 20.87 -4.10
CA VAL D 123 -6.06 19.59 -4.13
C VAL D 123 -5.57 19.41 -5.56
N GLN D 124 -4.72 18.41 -5.77
CA GLN D 124 -4.03 18.14 -7.06
C GLN D 124 -5.07 17.64 -8.06
N ALA D 125 -4.77 17.82 -9.34
CA ALA D 125 -5.44 17.18 -10.49
C ALA D 125 -4.40 16.94 -11.59
N PHE D 126 -4.70 16.06 -12.53
CA PHE D 126 -3.85 15.77 -13.71
C PHE D 126 -4.62 16.10 -14.97
N HIS D 127 -4.15 17.13 -15.68
CA HIS D 127 -4.91 17.85 -16.72
C HIS D 127 -4.00 18.96 -17.22
N SER D 128 -4.54 20.13 -17.52
CA SER D 128 -3.77 21.35 -17.86
C SER D 128 -4.59 22.56 -17.43
N SER D 129 -3.98 23.75 -17.39
CA SER D 129 -4.68 24.98 -16.93
C SER D 129 -4.09 26.18 -17.65
N SER D 130 -4.85 26.67 -18.62
CA SER D 130 -4.51 27.84 -19.47
C SER D 130 -5.81 28.38 -20.06
N PHE D 131 -5.77 29.64 -20.50
CA PHE D 131 -6.80 30.26 -21.37
C PHE D 131 -6.10 30.69 -22.66
N THR D 132 -6.58 30.20 -23.79
CA THR D 132 -5.96 30.41 -25.12
C THR D 132 -6.46 31.74 -25.69
N HIS D 133 -5.53 32.66 -25.94
CA HIS D 133 -5.79 33.98 -26.57
C HIS D 133 -6.00 33.77 -28.08
N GLU D 134 -6.62 34.75 -28.77
CA GLU D 134 -7.04 34.65 -30.20
C GLU D 134 -5.90 34.13 -31.08
N ASN D 135 -4.64 34.43 -30.74
CA ASN D 135 -3.45 34.10 -31.57
C ASN D 135 -3.05 32.61 -31.41
N GLY D 136 -3.68 31.88 -30.49
CA GLY D 136 -3.44 30.44 -30.26
C GLY D 136 -2.37 30.17 -29.22
N ILE D 137 -1.94 31.19 -28.48
CA ILE D 137 -0.92 31.11 -27.38
C ILE D 137 -1.68 30.91 -26.07
N PRO D 138 -1.52 29.76 -25.37
CA PRO D 138 -2.10 29.60 -24.04
C PRO D 138 -1.48 30.59 -23.03
N VAL D 139 -2.31 31.15 -22.14
CA VAL D 139 -1.84 31.82 -20.90
C VAL D 139 -1.86 30.78 -19.78
N TYR D 140 -0.69 30.41 -19.25
CA TYR D 140 -0.50 29.48 -18.12
C TYR D 140 -1.18 30.06 -16.87
N LEU D 141 -2.00 29.25 -16.20
CA LEU D 141 -2.83 29.67 -15.04
C LEU D 141 -2.59 28.70 -13.86
N GLY D 142 -1.44 28.01 -13.85
CA GLY D 142 -0.99 27.15 -12.74
C GLY D 142 -1.23 25.69 -13.07
N MET D 143 -1.06 24.81 -12.08
CA MET D 143 -1.43 23.38 -12.21
C MET D 143 -2.95 23.29 -12.03
N PRO D 144 -3.62 22.38 -12.76
CA PRO D 144 -5.05 22.17 -12.59
C PRO D 144 -5.31 21.58 -11.21
N MET D 145 -6.51 21.81 -10.67
CA MET D 145 -6.82 21.53 -9.26
C MET D 145 -8.23 20.93 -9.13
N GLY D 146 -8.44 20.16 -8.07
CA GLY D 146 -9.75 19.85 -7.50
C GLY D 146 -10.03 20.73 -6.30
N ILE D 147 -11.26 20.71 -5.80
CA ILE D 147 -11.74 21.54 -4.67
C ILE D 147 -12.33 20.61 -3.61
N VAL D 148 -11.93 20.80 -2.35
CA VAL D 148 -12.61 20.19 -1.17
C VAL D 148 -13.25 21.35 -0.39
N PHE D 149 -14.59 21.40 -0.42
CA PHE D 149 -15.42 22.36 0.36
C PHE D 149 -15.83 21.73 1.69
N GLU D 150 -15.73 22.49 2.78
CA GLU D 150 -16.47 22.22 4.04
C GLU D 150 -17.52 23.31 4.21
N VAL D 151 -18.78 22.96 3.98
CA VAL D 151 -19.93 23.90 3.91
C VAL D 151 -21.11 23.28 4.66
N GLU D 152 -21.51 23.89 5.78
CA GLU D 152 -22.68 23.53 6.60
C GLU D 152 -22.63 22.03 6.90
N GLY D 153 -21.50 21.55 7.42
CA GLY D 153 -21.32 20.18 7.90
C GLY D 153 -21.04 19.17 6.79
N LYS D 154 -21.10 19.56 5.51
CA LYS D 154 -20.91 18.66 4.34
C LYS D 154 -19.51 18.85 3.75
N THR D 155 -18.82 17.76 3.45
CA THR D 155 -17.53 17.74 2.70
C THR D 155 -17.81 17.44 1.24
N ILE D 156 -17.51 18.40 0.36
CA ILE D 156 -17.76 18.28 -1.10
C ILE D 156 -16.40 18.28 -1.82
N TYR D 157 -16.19 17.25 -2.64
CA TYR D 157 -14.96 17.04 -3.46
C TYR D 157 -15.39 17.12 -4.93
N HIS D 158 -15.10 18.25 -5.55
CA HIS D 158 -15.08 18.46 -7.02
C HIS D 158 -13.67 18.10 -7.47
N THR D 159 -13.52 17.04 -8.27
CA THR D 159 -12.19 16.50 -8.67
C THR D 159 -11.53 17.47 -9.64
N GLY D 160 -12.29 18.45 -10.14
CA GLY D 160 -11.96 19.22 -11.34
C GLY D 160 -11.82 18.30 -12.54
N ASP D 161 -11.31 18.82 -13.65
CA ASP D 161 -10.90 18.00 -14.82
C ASP D 161 -9.63 17.27 -14.43
N THR D 162 -9.63 15.94 -14.45
CA THR D 162 -8.46 15.15 -14.00
C THR D 162 -8.45 13.78 -14.67
N GLY D 163 -7.26 13.19 -14.76
CA GLY D 163 -7.11 11.73 -14.93
C GLY D 163 -7.17 11.05 -13.57
N LEU D 164 -7.27 9.74 -13.57
CA LEU D 164 -7.28 8.89 -12.35
C LEU D 164 -5.93 9.00 -11.65
N PHE D 165 -5.92 9.13 -10.33
CA PHE D 165 -4.65 9.13 -9.54
C PHE D 165 -4.91 8.60 -8.14
N SER D 166 -3.97 7.82 -7.61
CA SER D 166 -4.14 7.07 -6.32
C SER D 166 -4.28 8.04 -5.14
N ASP D 167 -3.73 9.25 -5.22
CA ASP D 167 -3.81 10.24 -4.10
C ASP D 167 -5.23 10.81 -3.96
N MET D 168 -6.15 10.47 -4.87
CA MET D 168 -7.61 10.63 -4.65
C MET D 168 -8.02 9.93 -3.34
N SER D 169 -7.39 8.79 -3.03
CA SER D 169 -7.65 8.02 -1.78
C SER D 169 -7.08 8.78 -0.59
N LEU D 170 -5.96 9.50 -0.75
CA LEU D 170 -5.34 10.30 0.34
C LEU D 170 -6.26 11.49 0.64
N ILE D 171 -6.71 12.21 -0.40
CA ILE D 171 -7.66 13.35 -0.28
C ILE D 171 -8.92 12.84 0.45
N ALA D 172 -9.47 11.71 0.03
CA ALA D 172 -10.74 11.15 0.56
C ALA D 172 -10.56 10.66 2.00
N LYS D 173 -9.47 9.97 2.32
CA LYS D 173 -9.17 9.45 3.69
C LYS D 173 -9.00 10.63 4.67
N ARG D 174 -8.32 11.69 4.26
CA ARG D 174 -7.99 12.87 5.10
C ARG D 174 -9.23 13.75 5.27
N HIS D 175 -10.13 13.75 4.27
CA HIS D 175 -11.36 14.56 4.20
C HIS D 175 -12.51 13.67 3.71
N PRO D 176 -13.08 12.81 4.58
CA PRO D 176 -14.15 11.90 4.15
C PRO D 176 -15.27 12.69 3.45
N VAL D 177 -15.71 12.19 2.29
CA VAL D 177 -16.48 12.95 1.26
C VAL D 177 -17.97 12.64 1.40
N ASP D 178 -18.82 13.67 1.48
CA ASP D 178 -20.30 13.54 1.43
C ASP D 178 -20.72 13.45 -0.03
N VAL D 179 -20.32 14.42 -0.84
CA VAL D 179 -20.65 14.49 -2.30
C VAL D 179 -19.34 14.63 -3.09
N CYS D 180 -19.17 13.82 -4.12
CA CYS D 180 -18.06 13.88 -5.11
C CYS D 180 -18.63 14.17 -6.49
N PHE D 181 -18.18 15.25 -7.13
CA PHE D 181 -18.44 15.56 -8.55
C PHE D 181 -17.26 15.03 -9.35
N VAL D 182 -17.49 14.17 -10.34
CA VAL D 182 -16.42 13.38 -11.00
C VAL D 182 -16.68 13.36 -12.50
N PRO D 183 -15.70 13.79 -13.33
CA PRO D 183 -15.89 13.81 -14.78
C PRO D 183 -15.94 12.39 -15.37
N ILE D 184 -16.77 12.18 -16.39
CA ILE D 184 -16.96 10.86 -17.07
C ILE D 184 -16.92 11.02 -18.59
N GLY D 185 -16.70 12.23 -19.12
CA GLY D 185 -16.85 12.54 -20.55
C GLY D 185 -15.81 11.83 -21.41
N ASP D 186 -14.65 11.53 -20.85
CA ASP D 186 -13.49 10.86 -21.51
C ASP D 186 -12.85 11.85 -22.48
N ASN D 187 -11.83 11.38 -23.21
CA ASN D 187 -11.05 12.16 -24.19
C ASN D 187 -10.21 13.23 -23.48
N PHE D 188 -10.84 14.13 -22.72
CA PHE D 188 -10.21 15.28 -22.03
C PHE D 188 -10.03 14.99 -20.54
N THR D 189 -10.69 13.95 -20.04
CA THR D 189 -10.71 13.55 -18.61
C THR D 189 -10.84 12.02 -18.51
N MET D 190 -10.98 11.50 -17.29
CA MET D 190 -11.45 10.12 -17.06
C MET D 190 -12.77 9.93 -17.84
N GLY D 191 -12.96 8.74 -18.40
CA GLY D 191 -14.26 8.25 -18.87
C GLY D 191 -14.95 7.43 -17.81
N ILE D 192 -15.81 6.50 -18.23
CA ILE D 192 -16.76 5.75 -17.35
C ILE D 192 -15.94 4.83 -16.44
N ASP D 193 -15.03 4.04 -17.01
CA ASP D 193 -14.24 3.00 -16.29
C ASP D 193 -13.38 3.64 -15.20
N ASP D 194 -12.61 4.68 -15.56
CA ASP D 194 -11.66 5.36 -14.65
C ASP D 194 -12.44 6.11 -13.57
N ALA D 195 -13.51 6.82 -13.94
CA ALA D 195 -14.34 7.61 -12.99
C ALA D 195 -14.94 6.67 -11.94
N SER D 196 -15.52 5.54 -12.38
CA SER D 196 -16.16 4.52 -11.53
C SER D 196 -15.12 3.84 -10.64
N TYR D 197 -13.91 3.61 -11.16
CA TYR D 197 -12.78 3.03 -10.39
C TYR D 197 -12.38 4.02 -9.29
N ALA D 198 -12.28 5.31 -9.64
CA ALA D 198 -11.96 6.40 -8.68
C ALA D 198 -12.94 6.37 -7.51
N ILE D 199 -14.23 6.27 -7.81
CA ILE D 199 -15.32 6.26 -6.79
C ILE D 199 -15.27 4.97 -5.97
N ASN D 200 -15.13 3.79 -6.59
CA ASN D 200 -15.18 2.47 -5.90
C ASN D 200 -13.93 2.25 -5.06
N GLU D 201 -12.76 2.57 -5.62
CA GLU D 201 -11.44 2.21 -5.03
C GLU D 201 -10.89 3.34 -4.14
N PHE D 202 -10.95 4.60 -4.59
CA PHE D 202 -10.22 5.72 -3.93
C PHE D 202 -11.15 6.58 -3.06
N ILE D 203 -12.31 7.02 -3.57
CA ILE D 203 -13.03 8.19 -2.98
C ILE D 203 -14.12 7.71 -2.01
N LYS D 204 -14.96 6.76 -2.42
CA LYS D 204 -16.00 6.12 -1.58
C LYS D 204 -16.85 7.19 -0.90
N PRO D 205 -17.46 8.11 -1.65
CA PRO D 205 -18.30 9.15 -1.05
C PRO D 205 -19.66 8.55 -0.67
N LYS D 206 -20.46 9.30 0.08
CA LYS D 206 -21.88 8.95 0.34
C LYS D 206 -22.66 9.14 -0.97
N ILE D 207 -22.38 10.21 -1.71
CA ILE D 207 -23.07 10.56 -3.00
C ILE D 207 -22.03 10.85 -4.10
N SER D 208 -22.25 10.28 -5.29
CA SER D 208 -21.49 10.54 -6.54
C SER D 208 -22.39 11.21 -7.57
N VAL D 209 -21.88 12.27 -8.20
CA VAL D 209 -22.54 12.98 -9.34
C VAL D 209 -21.56 13.01 -10.51
N PRO D 210 -21.88 12.36 -11.65
CA PRO D 210 -21.03 12.46 -12.83
C PRO D 210 -21.21 13.86 -13.45
N ILE D 211 -20.11 14.45 -13.90
CA ILE D 211 -20.10 15.79 -14.55
C ILE D 211 -19.29 15.68 -15.84
N HIS D 212 -19.26 16.76 -16.61
CA HIS D 212 -18.34 16.94 -17.75
C HIS D 212 -18.61 15.88 -18.82
N TYR D 213 -19.88 15.68 -19.19
CA TYR D 213 -20.30 14.80 -20.31
C TYR D 213 -21.41 15.49 -21.11
N ASP D 214 -21.57 15.07 -22.38
CA ASP D 214 -22.67 15.46 -23.31
C ASP D 214 -22.55 16.91 -23.79
N THR D 215 -21.78 17.77 -23.13
CA THR D 215 -21.71 19.24 -23.44
C THR D 215 -21.26 19.44 -24.90
N PHE D 216 -20.37 18.59 -25.41
CA PHE D 216 -19.87 18.58 -26.80
C PHE D 216 -19.90 17.14 -27.30
N PRO D 217 -19.89 16.89 -28.63
CA PRO D 217 -20.08 15.54 -29.17
C PRO D 217 -19.02 14.55 -28.65
N LEU D 218 -17.78 15.02 -28.55
CA LEU D 218 -16.59 14.21 -28.19
C LEU D 218 -16.75 13.62 -26.79
N ILE D 219 -17.42 14.35 -25.88
CA ILE D 219 -17.59 13.94 -24.45
C ILE D 219 -19.03 13.44 -24.20
N GLU D 220 -19.73 12.97 -25.25
CA GLU D 220 -21.06 12.33 -25.10
C GLU D 220 -20.88 10.97 -24.43
N GLN D 221 -21.60 10.74 -23.34
CA GLN D 221 -21.57 9.48 -22.57
C GLN D 221 -22.97 9.18 -22.02
N ASP D 222 -23.19 7.90 -21.72
CA ASP D 222 -24.37 7.38 -21.00
C ASP D 222 -24.09 7.38 -19.49
N PRO D 223 -24.60 8.36 -18.71
CA PRO D 223 -24.30 8.42 -17.28
C PRO D 223 -24.80 7.19 -16.50
N GLN D 224 -25.74 6.42 -17.07
CA GLN D 224 -26.28 5.18 -16.45
C GLN D 224 -25.19 4.10 -16.40
N GLN D 225 -24.32 4.04 -17.42
CA GLN D 225 -23.13 3.16 -17.45
C GLN D 225 -22.24 3.43 -16.22
N PHE D 226 -22.14 4.69 -15.77
CA PHE D 226 -21.34 5.09 -14.57
C PHE D 226 -22.06 4.61 -13.30
N LYS D 227 -23.37 4.87 -13.21
CA LYS D 227 -24.22 4.48 -12.06
C LYS D 227 -24.16 2.95 -11.85
N ASP D 228 -24.24 2.19 -12.95
CA ASP D 228 -24.22 0.70 -12.95
C ASP D 228 -22.85 0.20 -12.45
N ALA D 229 -21.77 0.92 -12.74
CA ALA D 229 -20.38 0.52 -12.41
C ALA D 229 -19.97 1.01 -11.01
N VAL D 230 -20.74 1.90 -10.38
CA VAL D 230 -20.47 2.38 -8.99
C VAL D 230 -21.18 1.47 -8.00
N ASN D 231 -20.47 0.97 -6.99
CA ASN D 231 -20.96 -0.06 -6.04
C ASN D 231 -21.03 0.52 -4.63
N VAL D 232 -20.62 1.78 -4.44
CA VAL D 232 -20.44 2.42 -3.10
C VAL D 232 -21.28 3.70 -3.05
N GLY D 233 -21.99 3.91 -1.93
CA GLY D 233 -22.89 5.06 -1.72
C GLY D 233 -23.94 5.17 -2.81
N ASP D 234 -24.53 6.35 -2.96
CA ASP D 234 -25.65 6.64 -3.91
C ASP D 234 -25.07 7.45 -5.08
N VAL D 235 -25.47 7.11 -6.31
CA VAL D 235 -25.19 7.93 -7.52
C VAL D 235 -26.45 8.71 -7.86
N GLN D 236 -26.36 10.04 -7.92
CA GLN D 236 -27.47 10.93 -8.35
C GLN D 236 -27.06 11.59 -9.66
N ILE D 237 -27.67 11.14 -10.76
CA ILE D 237 -27.47 11.70 -12.12
C ILE D 237 -28.32 12.98 -12.24
N LEU D 238 -27.72 14.12 -11.93
CA LEU D 238 -28.38 15.45 -11.94
C LEU D 238 -28.35 16.00 -13.37
N LYS D 239 -29.49 16.50 -13.83
CA LYS D 239 -29.59 17.38 -15.03
C LYS D 239 -29.29 18.80 -14.59
N PRO D 240 -28.83 19.69 -15.50
CA PRO D 240 -28.65 21.10 -15.17
C PRO D 240 -29.89 21.71 -14.48
N GLY D 241 -29.70 22.28 -13.28
CA GLY D 241 -30.75 22.92 -12.46
C GLY D 241 -31.22 22.03 -11.32
N GLU D 242 -30.84 20.74 -11.32
CA GLU D 242 -31.23 19.76 -10.28
C GLU D 242 -30.26 19.87 -9.10
N SER D 243 -30.79 19.66 -7.90
CA SER D 243 -30.06 19.76 -6.61
C SER D 243 -29.73 18.35 -6.09
N VAL D 244 -28.65 18.25 -5.33
CA VAL D 244 -28.25 17.02 -4.59
C VAL D 244 -29.29 16.79 -3.49
N GLN D 245 -29.84 15.58 -3.42
CA GLN D 245 -30.83 15.15 -2.39
C GLN D 245 -30.06 14.49 -1.24
N PHE D 246 -30.01 15.16 -0.09
CA PHE D 246 -29.48 14.61 1.19
C PHE D 246 -30.65 13.95 1.95
N MET E 17 31.26 19.84 11.19
CA MET E 17 29.87 19.39 10.89
C MET E 17 29.32 20.17 9.69
N MET E 18 28.45 19.52 8.92
CA MET E 18 27.90 20.04 7.63
C MET E 18 27.19 21.38 7.91
N LYS E 19 27.48 22.41 7.12
CA LYS E 19 26.92 23.79 7.30
C LYS E 19 25.63 23.93 6.48
N LEU E 20 24.52 24.23 7.14
CA LEU E 20 23.16 24.30 6.57
C LEU E 20 22.33 25.26 7.43
N SER E 21 21.89 26.38 6.86
CA SER E 21 21.15 27.43 7.60
C SER E 21 19.87 27.82 6.85
N PHE E 22 18.90 28.34 7.59
CA PHE E 22 17.60 28.86 7.09
C PHE E 22 17.64 30.39 7.17
N HIS E 23 17.02 31.08 6.22
CA HIS E 23 17.15 32.56 6.03
C HIS E 23 15.81 33.22 5.71
N GLY E 24 14.69 32.56 6.04
CA GLY E 24 13.32 33.08 5.85
C GLY E 24 12.66 32.55 4.58
N GLN E 25 11.34 32.50 4.57
CA GLN E 25 10.48 31.93 3.49
C GLN E 25 10.96 30.49 3.22
N SER E 26 11.57 30.24 2.05
CA SER E 26 12.09 28.91 1.64
C SER E 26 13.59 28.98 1.37
N THR E 27 14.25 30.09 1.73
CA THR E 27 15.69 30.31 1.48
C THR E 27 16.50 29.47 2.45
N ILE E 28 17.32 28.54 1.93
CA ILE E 28 18.30 27.77 2.73
C ILE E 28 19.68 27.97 2.10
N TYR E 29 20.71 27.87 2.93
CA TYR E 29 22.13 28.04 2.54
C TYR E 29 22.88 26.79 3.01
N LEU E 30 23.83 26.31 2.22
CA LEU E 30 24.68 25.17 2.64
C LEU E 30 26.03 25.24 1.95
N GLU E 31 27.02 24.60 2.56
CA GLU E 31 28.40 24.46 2.02
C GLU E 31 28.69 22.97 1.86
N GLY E 32 29.20 22.59 0.68
CA GLY E 32 29.80 21.27 0.42
C GLY E 32 31.14 21.46 -0.26
N ASN E 33 32.19 20.77 0.22
CA ASN E 33 33.58 20.91 -0.29
C ASN E 33 33.91 22.38 -0.53
N ASN E 34 33.60 23.25 0.43
CA ASN E 34 33.95 24.71 0.46
C ASN E 34 33.32 25.45 -0.73
N LYS E 35 32.25 24.91 -1.33
CA LYS E 35 31.40 25.60 -2.33
C LYS E 35 30.08 26.01 -1.65
N LYS E 36 29.60 27.21 -1.94
CA LYS E 36 28.44 27.84 -1.26
C LYS E 36 27.21 27.74 -2.17
N VAL E 37 26.09 27.30 -1.61
CA VAL E 37 24.82 26.99 -2.35
C VAL E 37 23.68 27.69 -1.63
N ILE E 38 22.85 28.42 -2.37
CA ILE E 38 21.61 29.05 -1.83
C ILE E 38 20.40 28.55 -2.64
N VAL E 39 19.28 28.36 -1.96
CA VAL E 39 17.99 27.93 -2.55
C VAL E 39 17.02 29.11 -2.42
N ASP E 40 16.37 29.50 -3.52
CA ASP E 40 15.16 30.37 -3.49
C ASP E 40 15.54 31.67 -2.77
N PRO E 41 16.48 32.45 -3.35
CA PRO E 41 17.04 33.64 -2.69
C PRO E 41 16.16 34.91 -2.74
N PHE E 42 15.08 34.88 -1.96
CA PHE E 42 14.19 36.04 -1.68
C PHE E 42 14.84 36.87 -0.55
N ILE E 43 15.77 37.74 -0.90
CA ILE E 43 16.66 38.47 0.06
C ILE E 43 16.19 39.93 0.19
N SER E 44 16.39 40.77 -0.82
CA SER E 44 16.20 42.25 -0.71
C SER E 44 14.74 42.61 -0.34
N ASN E 45 13.77 41.79 -0.74
CA ASN E 45 12.31 42.11 -0.59
C ASN E 45 11.68 41.32 0.57
N ASN E 46 12.48 40.57 1.34
CA ASN E 46 12.01 39.91 2.59
C ASN E 46 12.66 40.61 3.78
N PRO E 47 11.93 41.54 4.45
CA PRO E 47 12.48 42.22 5.63
C PRO E 47 12.92 41.27 6.76
N LYS E 48 12.34 40.07 6.87
CA LYS E 48 12.68 39.06 7.91
C LYS E 48 13.90 38.22 7.51
N CYS E 49 14.36 38.30 6.25
CA CYS E 49 15.60 37.61 5.80
C CYS E 49 16.82 38.39 6.30
N ASP E 50 17.73 37.70 6.99
CA ASP E 50 18.92 38.29 7.65
C ASP E 50 20.03 38.53 6.62
N LEU E 51 19.90 38.00 5.41
CA LEU E 51 20.96 38.07 4.38
C LEU E 51 20.94 39.46 3.72
N ASN E 52 22.01 39.80 3.02
CA ASN E 52 22.20 41.09 2.31
C ASN E 52 22.80 40.77 0.93
N ILE E 53 22.07 41.04 -0.15
CA ILE E 53 22.50 40.65 -1.54
C ILE E 53 23.89 41.22 -1.84
N GLU E 54 24.31 42.28 -1.14
CA GLU E 54 25.61 42.95 -1.39
C GLU E 54 26.77 42.09 -0.85
N THR E 55 26.54 41.32 0.23
CA THR E 55 27.61 40.59 0.98
C THR E 55 27.50 39.08 0.77
N VAL E 56 26.33 38.56 0.36
CA VAL E 56 26.09 37.10 0.15
C VAL E 56 27.10 36.53 -0.85
N GLN E 57 27.82 35.48 -0.44
CA GLN E 57 28.81 34.75 -1.29
C GLN E 57 28.20 33.39 -1.64
N VAL E 58 28.09 33.08 -2.94
CA VAL E 58 27.47 31.83 -3.45
C VAL E 58 28.18 31.41 -4.75
N ASP E 59 28.35 30.10 -4.94
CA ASP E 59 28.90 29.49 -6.16
C ASP E 59 27.75 28.94 -7.01
N TYR E 60 26.62 28.60 -6.38
CA TYR E 60 25.41 28.03 -7.01
C TYR E 60 24.15 28.60 -6.37
N ILE E 61 23.11 28.70 -7.20
CA ILE E 61 21.73 29.07 -6.82
C ILE E 61 20.82 28.02 -7.42
N VAL E 62 20.01 27.38 -6.59
CA VAL E 62 19.01 26.35 -7.01
C VAL E 62 17.62 26.93 -6.79
N LEU E 63 16.74 26.83 -7.79
CA LEU E 63 15.35 27.35 -7.70
C LEU E 63 14.38 26.18 -7.79
N THR E 64 13.49 26.06 -6.80
CA THR E 64 12.42 25.02 -6.77
C THR E 64 11.34 25.38 -7.78
N HIS E 65 11.17 26.67 -8.08
CA HIS E 65 10.09 27.18 -8.96
C HIS E 65 10.21 28.69 -9.09
N GLY E 66 9.36 29.30 -9.93
CA GLY E 66 9.60 30.63 -10.52
C GLY E 66 8.89 31.75 -9.78
N HIS E 67 8.04 31.44 -8.81
CA HIS E 67 7.27 32.46 -8.03
C HIS E 67 8.25 33.50 -7.45
N PHE E 68 7.79 34.75 -7.36
CA PHE E 68 8.60 35.94 -6.98
C PHE E 68 9.29 35.69 -5.63
N ASP E 69 8.62 35.00 -4.73
CA ASP E 69 9.10 34.80 -3.33
C ASP E 69 10.15 33.67 -3.30
N HIS E 70 10.56 33.16 -4.46
CA HIS E 70 11.65 32.14 -4.59
C HIS E 70 12.71 32.62 -5.58
N PHE E 71 12.26 32.98 -6.78
CA PHE E 71 13.02 33.69 -7.82
C PHE E 71 13.83 34.83 -7.17
N GLY E 72 13.16 35.72 -6.45
CA GLY E 72 13.80 36.75 -5.60
C GLY E 72 14.88 37.49 -6.36
N ASP E 73 16.11 37.47 -5.86
CA ASP E 73 17.26 38.26 -6.39
C ASP E 73 18.19 37.42 -7.26
N VAL E 74 17.76 36.23 -7.71
CA VAL E 74 18.62 35.27 -8.46
C VAL E 74 19.40 36.02 -9.55
N VAL E 75 18.76 36.92 -10.30
CA VAL E 75 19.41 37.56 -11.47
C VAL E 75 20.57 38.44 -10.97
N GLU E 76 20.28 39.36 -10.05
CA GLU E 76 21.32 40.26 -9.45
C GLU E 76 22.40 39.40 -8.77
N LEU E 77 22.00 38.39 -8.00
CA LEU E 77 22.95 37.51 -7.26
C LEU E 77 23.88 36.81 -8.26
N ALA E 78 23.29 36.11 -9.25
CA ALA E 78 24.05 35.36 -10.29
C ALA E 78 25.07 36.29 -10.96
N LYS E 79 24.65 37.47 -11.43
CA LYS E 79 25.51 38.40 -12.20
C LYS E 79 26.64 38.93 -11.30
N LYS E 80 26.36 39.25 -10.05
CA LYS E 80 27.38 39.78 -9.09
C LYS E 80 28.43 38.69 -8.80
N THR E 81 27.98 37.48 -8.44
CA THR E 81 28.85 36.39 -7.91
C THR E 81 29.43 35.55 -9.05
N GLY E 82 28.75 35.47 -10.20
CA GLY E 82 29.11 34.53 -11.28
C GLY E 82 28.65 33.12 -10.97
N ALA E 83 27.77 32.95 -9.98
CA ALA E 83 27.19 31.66 -9.56
C ALA E 83 26.46 30.99 -10.74
N THR E 84 26.52 29.65 -10.81
CA THR E 84 25.70 28.84 -11.75
C THR E 84 24.29 28.67 -11.15
N VAL E 85 23.25 29.03 -11.90
CA VAL E 85 21.84 28.87 -11.45
C VAL E 85 21.36 27.51 -11.93
N ILE E 86 20.90 26.67 -11.00
CA ILE E 86 20.36 25.32 -11.31
C ILE E 86 18.84 25.38 -11.18
N GLY E 87 18.11 24.96 -12.21
CA GLY E 87 16.63 24.86 -12.19
C GLY E 87 16.11 24.07 -13.37
N SER E 88 14.81 24.14 -13.63
CA SER E 88 14.14 23.50 -14.78
C SER E 88 14.77 24.00 -16.09
N ALA E 89 14.62 23.22 -17.17
CA ALA E 89 15.04 23.59 -18.54
C ALA E 89 14.47 24.97 -18.90
N GLU E 90 13.17 25.18 -18.64
CA GLU E 90 12.47 26.46 -18.88
C GLU E 90 13.14 27.57 -18.07
N MET E 91 13.45 27.34 -16.79
CA MET E 91 14.05 28.37 -15.91
C MET E 91 15.43 28.79 -16.47
N ALA E 92 16.23 27.84 -16.94
CA ALA E 92 17.60 28.07 -17.46
C ALA E 92 17.52 28.93 -18.74
N ASP E 93 16.63 28.56 -19.67
CA ASP E 93 16.37 29.31 -20.93
C ASP E 93 15.97 30.75 -20.59
N TYR E 94 15.05 30.90 -19.63
CA TYR E 94 14.48 32.20 -19.20
C TYR E 94 15.61 33.08 -18.65
N LEU E 95 16.36 32.56 -17.68
CA LEU E 95 17.51 33.26 -17.03
C LEU E 95 18.53 33.67 -18.10
N SER E 96 18.84 32.74 -19.00
CA SER E 96 19.84 32.90 -20.10
C SER E 96 19.39 33.96 -21.11
N SER E 97 18.25 33.77 -21.76
CA SER E 97 17.83 34.51 -22.98
C SER E 97 17.00 35.75 -22.64
N TYR E 98 16.32 35.76 -21.50
CA TYR E 98 15.51 36.93 -21.08
C TYR E 98 16.36 37.83 -20.18
N HIS E 99 17.09 37.26 -19.22
CA HIS E 99 17.83 38.05 -18.20
C HIS E 99 19.33 38.17 -18.50
N GLY E 100 19.89 37.36 -19.42
CA GLY E 100 21.34 37.40 -19.76
C GLY E 100 22.22 36.80 -18.66
N VAL E 101 21.71 35.87 -17.85
CA VAL E 101 22.56 35.16 -16.84
C VAL E 101 23.49 34.24 -17.61
N GLU E 102 24.79 34.28 -17.29
CA GLU E 102 25.89 33.68 -18.10
C GLU E 102 25.93 32.17 -17.85
N ASN E 103 25.74 31.76 -16.59
CA ASN E 103 26.04 30.39 -16.11
C ASN E 103 24.75 29.78 -15.54
N VAL E 104 24.12 28.92 -16.33
CA VAL E 104 22.86 28.22 -15.97
C VAL E 104 23.07 26.73 -16.21
N HIS E 105 22.37 25.88 -15.45
CA HIS E 105 22.33 24.42 -15.66
C HIS E 105 20.87 23.96 -15.61
N GLY E 106 20.33 23.60 -16.77
CA GLY E 106 18.95 23.10 -16.94
C GLY E 106 18.85 21.65 -16.51
N MET E 107 17.77 21.31 -15.81
CA MET E 107 17.44 19.93 -15.37
C MET E 107 15.92 19.76 -15.45
N ASN E 108 15.40 18.62 -14.98
CA ASN E 108 13.95 18.44 -14.82
C ASN E 108 13.75 17.33 -13.79
N ILE E 109 12.49 17.02 -13.49
CA ILE E 109 12.08 16.12 -12.37
C ILE E 109 12.69 14.73 -12.61
N GLY E 110 13.23 14.14 -11.53
CA GLY E 110 13.91 12.82 -11.59
C GLY E 110 15.38 13.01 -11.92
N GLY E 111 15.74 14.16 -12.49
CA GLY E 111 17.11 14.50 -12.89
C GLY E 111 18.05 14.67 -11.71
N LYS E 112 19.20 14.01 -11.75
CA LYS E 112 20.30 14.17 -10.77
C LYS E 112 21.55 14.64 -11.52
N ALA E 113 22.30 15.54 -10.89
CA ALA E 113 23.55 16.13 -11.42
C ALA E 113 24.58 16.16 -10.29
N ASN E 114 25.82 15.78 -10.60
CA ASN E 114 26.96 15.83 -9.65
C ASN E 114 27.78 17.09 -9.93
N PHE E 115 27.90 17.95 -8.92
CA PHE E 115 28.74 19.17 -8.91
C PHE E 115 29.84 18.96 -7.87
N ASP E 116 30.79 19.89 -7.79
CA ASP E 116 31.92 19.83 -6.83
C ASP E 116 31.39 19.99 -5.40
N PHE E 117 30.20 20.57 -5.18
CA PHE E 117 29.61 20.73 -3.82
C PHE E 117 29.00 19.40 -3.34
N GLY E 118 28.62 18.53 -4.28
CA GLY E 118 27.77 17.36 -4.05
C GLY E 118 26.74 17.22 -5.16
N SER E 119 25.64 16.52 -4.89
CA SER E 119 24.61 16.18 -5.92
C SER E 119 23.34 17.00 -5.68
N VAL E 120 22.65 17.33 -6.77
CA VAL E 120 21.29 17.95 -6.74
C VAL E 120 20.37 17.04 -7.57
N LYS E 121 19.27 16.61 -6.97
CA LYS E 121 18.20 15.84 -7.65
C LYS E 121 16.88 16.60 -7.51
N PHE E 122 16.23 16.95 -8.61
CA PHE E 122 14.88 17.55 -8.61
C PHE E 122 13.85 16.43 -8.51
N VAL E 123 12.84 16.64 -7.67
CA VAL E 123 11.66 15.73 -7.48
C VAL E 123 10.37 16.55 -7.66
N GLN E 124 9.26 15.84 -7.75
CA GLN E 124 7.91 16.39 -8.05
C GLN E 124 7.44 17.25 -6.87
N ALA E 125 6.58 18.22 -7.19
CA ALA E 125 5.84 19.05 -6.22
C ALA E 125 4.49 19.38 -6.84
N PHE E 126 3.53 19.77 -6.00
CA PHE E 126 2.15 20.12 -6.41
C PHE E 126 1.86 21.57 -6.01
N HIS E 127 1.93 22.46 -7.01
CA HIS E 127 2.00 23.93 -6.82
C HIS E 127 1.84 24.56 -8.20
N SER E 128 2.58 25.64 -8.50
CA SER E 128 2.77 26.18 -9.87
C SER E 128 4.15 26.83 -9.96
N SER E 129 4.57 27.21 -11.17
CA SER E 129 5.88 27.83 -11.44
C SER E 129 5.75 28.84 -12.58
N SER E 130 5.79 30.11 -12.24
CA SER E 130 5.66 31.23 -13.21
C SER E 130 6.17 32.49 -12.55
N PHE E 131 6.54 33.46 -13.39
CA PHE E 131 6.79 34.85 -12.98
C PHE E 131 5.86 35.73 -13.80
N THR E 132 5.03 36.50 -13.12
CA THR E 132 4.03 37.41 -13.74
C THR E 132 4.75 38.66 -14.22
N HIS E 133 4.71 38.92 -15.53
CA HIS E 133 5.25 40.13 -16.21
C HIS E 133 4.27 41.30 -16.03
N GLU E 134 4.64 42.50 -16.51
CA GLU E 134 3.94 43.78 -16.24
C GLU E 134 2.55 43.81 -16.88
N ASN E 135 2.33 43.13 -18.00
CA ASN E 135 1.00 43.03 -18.67
C ASN E 135 0.04 42.15 -17.85
N GLY E 136 0.55 41.42 -16.84
CA GLY E 136 -0.27 40.56 -15.96
C GLY E 136 -0.37 39.13 -16.47
N ILE E 137 0.44 38.76 -17.45
CA ILE E 137 0.51 37.37 -18.00
C ILE E 137 1.60 36.62 -17.25
N PRO E 138 1.28 35.48 -16.61
CA PRO E 138 2.30 34.58 -16.07
C PRO E 138 3.16 33.94 -17.18
N VAL E 139 4.48 34.03 -17.03
CA VAL E 139 5.47 33.30 -17.87
C VAL E 139 5.75 31.95 -17.20
N TYR E 140 5.45 30.85 -17.88
CA TYR E 140 5.58 29.45 -17.40
C TYR E 140 7.05 29.10 -17.26
N LEU E 141 7.45 28.49 -16.15
CA LEU E 141 8.87 28.16 -15.87
C LEU E 141 8.99 26.69 -15.42
N GLY E 142 8.03 25.86 -15.84
CA GLY E 142 8.09 24.39 -15.77
C GLY E 142 7.12 23.87 -14.75
N MET E 143 7.23 22.60 -14.37
CA MET E 143 6.49 22.09 -13.19
C MET E 143 7.26 22.51 -11.95
N PRO E 144 6.59 22.83 -10.83
CA PRO E 144 7.29 23.17 -9.59
C PRO E 144 7.97 21.90 -9.06
N MET E 145 9.01 22.06 -8.26
CA MET E 145 9.87 20.92 -7.85
C MET E 145 10.26 21.01 -6.37
N GLY E 146 10.60 19.86 -5.80
CA GLY E 146 11.40 19.74 -4.57
C GLY E 146 12.84 19.45 -4.93
N ILE E 147 13.74 19.55 -3.96
CA ILE E 147 15.18 19.24 -4.17
C ILE E 147 15.60 18.17 -3.17
N VAL E 148 16.30 17.15 -3.64
CA VAL E 148 17.08 16.22 -2.78
C VAL E 148 18.55 16.52 -3.01
N PHE E 149 19.22 17.05 -1.97
CA PHE E 149 20.68 17.25 -1.93
C PHE E 149 21.35 16.04 -1.25
N GLU E 150 22.48 15.59 -1.81
CA GLU E 150 23.50 14.75 -1.11
C GLU E 150 24.78 15.57 -1.04
N VAL E 151 25.06 16.11 0.16
CA VAL E 151 26.19 17.02 0.48
C VAL E 151 26.84 16.53 1.79
N GLU E 152 28.15 16.23 1.75
CA GLU E 152 29.00 15.83 2.90
C GLU E 152 28.34 14.69 3.69
N GLY E 153 27.88 13.66 2.98
CA GLY E 153 27.25 12.46 3.55
C GLY E 153 25.88 12.72 4.16
N LYS E 154 25.28 13.90 3.90
CA LYS E 154 23.92 14.25 4.40
C LYS E 154 22.92 14.29 3.22
N THR E 155 21.71 13.76 3.43
CA THR E 155 20.60 13.80 2.44
C THR E 155 19.60 14.84 2.91
N ILE E 156 19.42 15.91 2.14
CA ILE E 156 18.54 17.06 2.51
C ILE E 156 17.40 17.12 1.48
N TYR E 157 16.16 17.00 1.95
CA TYR E 157 14.93 17.12 1.11
C TYR E 157 14.27 18.46 1.45
N HIS E 158 14.43 19.44 0.58
CA HIS E 158 13.63 20.70 0.52
C HIS E 158 12.41 20.43 -0.38
N THR E 159 11.20 20.32 0.20
CA THR E 159 10.00 19.84 -0.54
C THR E 159 9.57 20.85 -1.60
N GLY E 160 10.12 22.07 -1.54
CA GLY E 160 9.62 23.25 -2.27
C GLY E 160 8.23 23.65 -1.79
N ASP E 161 7.57 24.55 -2.50
CA ASP E 161 6.12 24.83 -2.27
C ASP E 161 5.35 23.62 -2.80
N THR E 162 4.57 22.98 -1.94
CA THR E 162 3.83 21.76 -2.35
C THR E 162 2.61 21.51 -1.48
N GLY E 163 1.59 20.89 -2.08
CA GLY E 163 0.53 20.17 -1.36
C GLY E 163 1.05 18.83 -0.91
N LEU E 164 0.33 18.16 -0.02
CA LEU E 164 0.66 16.80 0.44
C LEU E 164 0.57 15.82 -0.73
N PHE E 165 1.51 14.91 -0.87
CA PHE E 165 1.41 13.78 -1.86
C PHE E 165 2.12 12.54 -1.33
N SER E 166 1.55 11.37 -1.60
CA SER E 166 2.04 10.06 -1.09
C SER E 166 3.44 9.74 -1.64
N ASP E 167 3.82 10.25 -2.82
CA ASP E 167 5.16 9.95 -3.39
C ASP E 167 6.24 10.72 -2.60
N MET E 168 5.85 11.54 -1.63
CA MET E 168 6.81 12.02 -0.61
C MET E 168 7.43 10.81 0.11
N SER E 169 6.68 9.72 0.27
CA SER E 169 7.18 8.47 0.91
C SER E 169 8.15 7.73 -0.04
N LEU E 170 7.87 7.72 -1.34
CA LEU E 170 8.78 7.09 -2.34
C LEU E 170 10.11 7.84 -2.33
N ILE E 171 10.06 9.18 -2.36
CA ILE E 171 11.26 10.05 -2.38
C ILE E 171 12.12 9.75 -1.14
N ALA E 172 11.50 9.69 0.04
CA ALA E 172 12.20 9.47 1.33
C ALA E 172 12.69 8.02 1.43
N LYS E 173 11.91 7.07 0.93
CA LYS E 173 12.22 5.61 0.95
C LYS E 173 13.49 5.34 0.13
N ARG E 174 13.65 5.99 -1.03
CA ARG E 174 14.79 5.75 -1.95
C ARG E 174 15.96 6.68 -1.62
N HIS E 175 15.71 7.77 -0.90
CA HIS E 175 16.72 8.77 -0.44
C HIS E 175 16.48 9.07 1.03
N PRO E 176 16.80 8.16 1.97
CA PRO E 176 16.54 8.40 3.39
C PRO E 176 17.09 9.78 3.79
N VAL E 177 16.28 10.56 4.51
CA VAL E 177 16.44 12.04 4.66
C VAL E 177 17.02 12.34 6.04
N ASP E 178 18.11 13.10 6.06
CA ASP E 178 18.72 13.66 7.30
C ASP E 178 17.91 14.89 7.72
N VAL E 179 17.75 15.85 6.81
CA VAL E 179 17.01 17.13 7.08
C VAL E 179 15.94 17.36 6.00
N CYS E 180 14.69 17.55 6.43
CA CYS E 180 13.56 17.96 5.57
C CYS E 180 13.18 19.40 5.93
N PHE E 181 13.15 20.28 4.92
CA PHE E 181 12.52 21.62 4.98
C PHE E 181 11.13 21.49 4.35
N VAL E 182 10.09 21.83 5.10
CA VAL E 182 8.68 21.58 4.70
C VAL E 182 7.86 22.83 4.97
N PRO E 183 7.04 23.30 3.99
CA PRO E 183 6.22 24.49 4.17
C PRO E 183 5.00 24.22 5.07
N ILE E 184 4.70 25.16 5.98
CA ILE E 184 3.61 25.04 6.99
C ILE E 184 2.69 26.27 6.91
N GLY E 185 2.92 27.20 5.97
CA GLY E 185 2.24 28.51 5.92
C GLY E 185 0.76 28.42 5.58
N ASP E 186 0.32 27.34 4.93
CA ASP E 186 -1.07 27.17 4.41
C ASP E 186 -1.37 28.22 3.33
N ASN E 187 -2.60 28.19 2.81
CA ASN E 187 -3.15 29.04 1.70
C ASN E 187 -2.49 28.72 0.35
N PHE E 188 -1.15 28.81 0.26
CA PHE E 188 -0.37 28.55 -0.97
C PHE E 188 0.33 27.19 -0.94
N THR E 189 0.35 26.53 0.22
CA THR E 189 1.05 25.25 0.46
C THR E 189 0.30 24.47 1.53
N MET E 190 0.80 23.28 1.87
CA MET E 190 0.41 22.60 3.12
C MET E 190 0.43 23.60 4.28
N GLY E 191 -0.53 23.46 5.19
CA GLY E 191 -0.50 24.08 6.53
C GLY E 191 0.06 23.11 7.56
N ILE E 192 -0.28 23.32 8.83
CA ILE E 192 0.32 22.61 9.99
C ILE E 192 -0.02 21.12 9.92
N ASP E 193 -1.30 20.79 9.74
CA ASP E 193 -1.80 19.39 9.77
C ASP E 193 -1.19 18.58 8.61
N ASP E 194 -1.19 19.11 7.39
CA ASP E 194 -0.70 18.36 6.20
C ASP E 194 0.81 18.19 6.30
N ALA E 195 1.54 19.24 6.70
CA ALA E 195 3.01 19.21 6.81
C ALA E 195 3.43 18.17 7.86
N SER E 196 2.81 18.17 9.04
CA SER E 196 3.13 17.22 10.14
C SER E 196 2.82 15.78 9.70
N TYR E 197 1.70 15.59 8.98
CA TYR E 197 1.31 14.29 8.40
C TYR E 197 2.38 13.84 7.40
N ALA E 198 2.88 14.74 6.55
CA ALA E 198 3.94 14.47 5.56
C ALA E 198 5.17 13.92 6.28
N ILE E 199 5.56 14.54 7.40
CA ILE E 199 6.76 14.18 8.20
C ILE E 199 6.50 12.84 8.91
N ASN E 200 5.37 12.69 9.59
CA ASN E 200 5.00 11.51 10.43
C ASN E 200 4.84 10.27 9.55
N GLU E 201 4.08 10.41 8.47
CA GLU E 201 3.57 9.27 7.67
C GLU E 201 4.55 8.95 6.53
N PHE E 202 5.03 9.97 5.78
CA PHE E 202 5.72 9.76 4.49
C PHE E 202 7.24 9.96 4.60
N ILE E 203 7.73 11.02 5.23
CA ILE E 203 9.16 11.43 5.05
C ILE E 203 10.05 10.85 6.17
N LYS E 204 9.63 10.98 7.43
CA LYS E 204 10.33 10.41 8.61
C LYS E 204 11.80 10.77 8.56
N PRO E 205 12.14 12.08 8.52
CA PRO E 205 13.54 12.49 8.48
C PRO E 205 14.14 12.45 9.90
N LYS E 206 15.47 12.53 10.01
CA LYS E 206 16.15 12.70 11.32
C LYS E 206 15.74 14.06 11.90
N ILE E 207 15.74 15.11 11.06
CA ILE E 207 15.46 16.51 11.47
C ILE E 207 14.44 17.14 10.51
N SER E 208 13.36 17.72 11.05
CA SER E 208 12.36 18.52 10.30
C SER E 208 12.55 20.01 10.65
N VAL E 209 12.55 20.88 9.63
CA VAL E 209 12.56 22.37 9.79
C VAL E 209 11.37 22.95 9.05
N PRO E 210 10.40 23.61 9.74
CA PRO E 210 9.30 24.26 9.05
C PRO E 210 9.82 25.52 8.35
N ILE E 211 9.24 25.85 7.19
CA ILE E 211 9.62 27.02 6.37
C ILE E 211 8.34 27.62 5.78
N HIS E 212 8.48 28.76 5.10
CA HIS E 212 7.41 29.35 4.27
C HIS E 212 6.21 29.68 5.17
N TYR E 213 6.48 30.36 6.28
CA TYR E 213 5.45 30.97 7.16
C TYR E 213 5.94 32.34 7.65
N ASP E 214 5.00 33.15 8.16
CA ASP E 214 5.20 34.48 8.81
C ASP E 214 5.63 35.57 7.81
N THR E 215 6.12 35.22 6.61
CA THR E 215 6.70 36.19 5.65
C THR E 215 5.63 37.20 5.24
N PHE E 216 4.39 36.74 5.07
CA PHE E 216 3.20 37.57 4.73
C PHE E 216 2.10 37.25 5.73
N PRO E 217 1.21 38.23 6.04
CA PRO E 217 0.07 38.00 6.93
C PRO E 217 -0.72 36.71 6.67
N LEU E 218 -1.00 36.43 5.39
CA LEU E 218 -1.80 35.27 4.91
C LEU E 218 -1.17 33.95 5.39
N ILE E 219 0.15 33.89 5.54
CA ILE E 219 0.88 32.62 5.87
C ILE E 219 1.47 32.69 7.29
N GLU E 220 0.94 33.55 8.16
CA GLU E 220 1.32 33.57 9.60
C GLU E 220 0.79 32.28 10.25
N GLN E 221 1.68 31.58 10.94
CA GLN E 221 1.42 30.28 11.59
C GLN E 221 2.32 30.21 12.81
N ASP E 222 1.93 29.44 13.81
CA ASP E 222 2.79 29.15 14.98
C ASP E 222 3.56 27.86 14.69
N PRO E 223 4.89 27.90 14.46
CA PRO E 223 5.65 26.71 14.12
C PRO E 223 5.70 25.68 15.26
N GLN E 224 5.43 26.11 16.49
CA GLN E 224 5.36 25.22 17.68
C GLN E 224 4.24 24.17 17.46
N GLN E 225 3.12 24.57 16.84
CA GLN E 225 1.97 23.67 16.53
C GLN E 225 2.43 22.56 15.57
N PHE E 226 3.30 22.88 14.61
CA PHE E 226 3.99 21.89 13.73
C PHE E 226 4.78 20.92 14.64
N LYS E 227 5.62 21.48 15.51
CA LYS E 227 6.53 20.71 16.40
C LYS E 227 5.72 19.77 17.30
N ASP E 228 4.59 20.25 17.84
CA ASP E 228 3.69 19.46 18.71
C ASP E 228 3.10 18.29 17.91
N ALA E 229 2.72 18.51 16.64
CA ALA E 229 2.03 17.50 15.79
C ALA E 229 3.02 16.44 15.28
N VAL E 230 4.33 16.73 15.27
CA VAL E 230 5.36 15.80 14.71
C VAL E 230 5.86 14.88 15.84
N ASN E 231 5.94 13.57 15.56
CA ASN E 231 6.24 12.51 16.56
C ASN E 231 7.54 11.79 16.19
N VAL E 232 8.19 12.18 15.09
CA VAL E 232 9.32 11.41 14.50
C VAL E 232 10.53 12.34 14.35
N GLY E 233 11.71 11.84 14.72
CA GLY E 233 12.97 12.59 14.69
C GLY E 233 12.93 13.82 15.60
N ASP E 234 13.60 14.88 15.17
CA ASP E 234 13.80 16.14 15.93
C ASP E 234 13.27 17.28 15.06
N VAL E 235 12.51 18.21 15.64
CA VAL E 235 12.07 19.46 14.95
C VAL E 235 12.92 20.62 15.47
N GLN E 236 13.57 21.35 14.56
CA GLN E 236 14.36 22.57 14.86
C GLN E 236 13.65 23.76 14.19
N ILE E 237 12.96 24.57 15.00
CA ILE E 237 12.30 25.83 14.55
C ILE E 237 13.39 26.90 14.39
N LEU E 238 14.09 26.88 13.25
CA LEU E 238 15.16 27.85 12.91
C LEU E 238 14.54 29.21 12.60
N LYS E 239 15.05 30.27 13.21
CA LYS E 239 14.80 31.68 12.80
C LYS E 239 15.79 32.02 11.70
N PRO E 240 15.48 33.01 10.82
CA PRO E 240 16.44 33.45 9.81
C PRO E 240 17.84 33.66 10.39
N GLY E 241 18.86 33.07 9.76
CA GLY E 241 20.28 33.19 10.13
C GLY E 241 20.77 32.01 10.96
N GLU E 242 19.87 31.16 11.47
CA GLU E 242 20.22 30.02 12.36
C GLU E 242 20.55 28.77 11.54
N SER E 243 21.41 27.91 12.10
CA SER E 243 21.99 26.71 11.44
C SER E 243 21.36 25.43 12.02
N VAL E 244 21.23 24.38 11.20
CA VAL E 244 20.78 23.04 11.64
C VAL E 244 21.87 22.47 12.56
N GLN E 245 21.49 21.95 13.72
CA GLN E 245 22.40 21.25 14.68
C GLN E 245 22.28 19.75 14.45
N PHE E 246 23.36 19.09 14.04
CA PHE E 246 23.40 17.66 13.63
C PHE E 246 23.73 16.78 14.85
N MET F 17 3.80 -10.24 -37.11
CA MET F 17 4.42 -9.55 -35.95
C MET F 17 4.15 -8.04 -36.05
N MET F 18 3.54 -7.48 -35.00
CA MET F 18 3.19 -6.03 -34.88
C MET F 18 4.45 -5.20 -35.11
N LYS F 19 4.35 -4.10 -35.88
CA LYS F 19 5.48 -3.24 -36.30
C LYS F 19 5.65 -2.07 -35.30
N LEU F 20 6.81 -2.01 -34.63
CA LEU F 20 7.12 -1.04 -33.54
C LEU F 20 8.63 -0.82 -33.53
N SER F 21 9.07 0.42 -33.71
CA SER F 21 10.50 0.77 -33.92
C SER F 21 10.88 2.03 -33.14
N PHE F 22 12.17 2.15 -32.81
CA PHE F 22 12.80 3.27 -32.08
C PHE F 22 13.77 4.00 -33.01
N HIS F 23 13.75 5.33 -33.02
CA HIS F 23 14.48 6.17 -34.02
C HIS F 23 15.26 7.30 -33.34
N GLY F 24 15.66 7.10 -32.07
CA GLY F 24 16.50 8.04 -31.31
C GLY F 24 15.70 8.95 -30.41
N GLN F 25 16.34 9.48 -29.37
CA GLN F 25 15.72 10.26 -28.25
C GLN F 25 14.50 9.47 -27.76
N SER F 26 13.27 9.99 -27.98
CA SER F 26 11.99 9.35 -27.55
C SER F 26 11.10 9.09 -28.76
N THR F 27 11.66 9.16 -29.97
CA THR F 27 10.90 8.93 -31.21
C THR F 27 10.61 7.45 -31.34
N ILE F 28 9.34 7.08 -31.42
CA ILE F 28 8.93 5.72 -31.81
C ILE F 28 7.94 5.81 -32.96
N TYR F 29 7.83 4.72 -33.70
CA TYR F 29 7.01 4.57 -34.92
C TYR F 29 6.33 3.21 -34.80
N LEU F 30 5.05 3.12 -35.12
CA LEU F 30 4.33 1.83 -35.14
C LEU F 30 3.27 1.85 -36.24
N GLU F 31 2.75 0.68 -36.59
CA GLU F 31 1.65 0.53 -37.57
C GLU F 31 0.56 -0.32 -36.95
N GLY F 32 -0.70 0.09 -37.15
CA GLY F 32 -1.89 -0.68 -36.79
C GLY F 32 -2.93 -0.53 -37.87
N ASN F 33 -3.53 -1.66 -38.29
CA ASN F 33 -4.56 -1.72 -39.35
C ASN F 33 -4.12 -0.83 -40.53
N ASN F 34 -2.83 -0.93 -40.89
CA ASN F 34 -2.18 -0.34 -42.10
C ASN F 34 -2.09 1.19 -41.97
N LYS F 35 -2.13 1.73 -40.76
CA LYS F 35 -1.96 3.19 -40.51
C LYS F 35 -0.63 3.39 -39.78
N LYS F 36 0.06 4.47 -40.13
CA LYS F 36 1.44 4.77 -39.65
C LYS F 36 1.36 5.87 -38.60
N VAL F 37 2.00 5.65 -37.45
CA VAL F 37 1.99 6.56 -36.26
C VAL F 37 3.44 6.83 -35.85
N ILE F 38 3.78 8.09 -35.58
CA ILE F 38 5.11 8.47 -35.04
C ILE F 38 4.91 9.27 -33.75
N VAL F 39 5.80 9.07 -32.76
CA VAL F 39 5.77 9.74 -31.43
C VAL F 39 6.99 10.65 -31.35
N ASP F 40 6.79 11.88 -30.89
CA ASP F 40 7.87 12.87 -30.59
C ASP F 40 8.84 12.92 -31.77
N PRO F 41 8.42 13.45 -32.95
CA PRO F 41 9.21 13.36 -34.17
C PRO F 41 10.36 14.37 -34.28
N PHE F 42 11.42 14.14 -33.50
CA PHE F 42 12.70 14.89 -33.50
C PHE F 42 13.64 14.25 -34.53
N ILE F 43 13.58 14.70 -35.80
CA ILE F 43 14.24 14.04 -36.96
C ILE F 43 15.36 14.94 -37.50
N SER F 44 15.01 16.07 -38.11
CA SER F 44 15.93 16.96 -38.86
C SER F 44 17.17 17.30 -38.02
N ASN F 45 17.00 17.54 -36.72
CA ASN F 45 18.03 18.13 -35.83
C ASN F 45 18.64 17.09 -34.88
N ASN F 46 18.28 15.81 -35.02
CA ASN F 46 18.94 14.69 -34.29
C ASN F 46 19.83 13.95 -35.28
N PRO F 47 21.16 14.18 -35.27
CA PRO F 47 22.07 13.46 -36.18
C PRO F 47 22.19 11.94 -35.92
N LYS F 48 21.67 11.43 -34.80
CA LYS F 48 21.63 9.98 -34.49
C LYS F 48 20.30 9.37 -34.94
N CYS F 49 19.33 10.18 -35.34
CA CYS F 49 18.04 9.71 -35.90
C CYS F 49 18.26 9.25 -37.34
N ASP F 50 17.76 8.07 -37.71
CA ASP F 50 17.99 7.42 -39.02
C ASP F 50 16.94 7.91 -40.03
N LEU F 51 15.83 8.49 -39.56
CA LEU F 51 14.70 8.93 -40.42
C LEU F 51 15.03 10.26 -41.12
N ASN F 52 14.23 10.59 -42.13
CA ASN F 52 14.34 11.81 -42.98
C ASN F 52 12.91 12.32 -43.22
N ILE F 53 12.62 13.60 -42.92
CA ILE F 53 11.28 14.24 -43.08
C ILE F 53 10.79 14.04 -44.51
N GLU F 54 11.69 14.13 -45.50
CA GLU F 54 11.36 14.10 -46.95
C GLU F 54 10.79 12.72 -47.33
N THR F 55 11.05 11.67 -46.54
CA THR F 55 10.62 10.28 -46.83
C THR F 55 9.61 9.77 -45.79
N VAL F 56 9.76 10.11 -44.52
CA VAL F 56 8.90 9.57 -43.43
C VAL F 56 7.44 9.79 -43.84
N GLN F 57 6.65 8.71 -43.88
CA GLN F 57 5.19 8.72 -44.18
C GLN F 57 4.43 8.38 -42.90
N VAL F 58 3.47 9.21 -42.49
CA VAL F 58 2.67 8.98 -41.27
C VAL F 58 1.24 9.45 -41.53
N ASP F 59 0.27 8.76 -40.92
CA ASP F 59 -1.15 9.16 -40.83
C ASP F 59 -1.38 9.90 -39.50
N TYR F 60 -0.51 9.71 -38.50
CA TYR F 60 -0.67 10.27 -37.12
C TYR F 60 0.68 10.63 -36.51
N ILE F 61 0.73 11.76 -35.82
CA ILE F 61 1.88 12.21 -35.00
C ILE F 61 1.35 12.38 -33.57
N VAL F 62 1.98 11.75 -32.58
CA VAL F 62 1.56 11.84 -31.15
C VAL F 62 2.69 12.50 -30.38
N LEU F 63 2.36 13.52 -29.59
CA LEU F 63 3.33 14.33 -28.81
C LEU F 63 3.08 14.09 -27.32
N THR F 64 4.10 13.60 -26.61
CA THR F 64 4.07 13.46 -25.12
C THR F 64 4.13 14.85 -24.49
N HIS F 65 4.90 15.78 -25.07
CA HIS F 65 5.06 17.16 -24.57
C HIS F 65 5.71 18.04 -25.65
N GLY F 66 5.91 19.32 -25.36
CA GLY F 66 6.22 20.36 -26.35
C GLY F 66 7.68 20.75 -26.42
N HIS F 67 8.58 20.08 -25.69
CA HIS F 67 10.04 20.38 -25.75
C HIS F 67 10.56 20.14 -27.17
N PHE F 68 11.59 20.89 -27.57
CA PHE F 68 12.15 20.96 -28.94
C PHE F 68 12.55 19.56 -29.40
N ASP F 69 13.09 18.75 -28.48
CA ASP F 69 13.60 17.38 -28.77
C ASP F 69 12.44 16.38 -28.82
N HIS F 70 11.19 16.84 -28.88
CA HIS F 70 9.97 15.99 -29.04
C HIS F 70 9.04 16.63 -30.07
N PHE F 71 8.73 17.92 -29.90
CA PHE F 71 8.01 18.76 -30.89
C PHE F 71 8.66 18.55 -32.26
N GLY F 72 9.98 18.74 -32.32
CA GLY F 72 10.82 18.48 -33.51
C GLY F 72 10.23 19.09 -34.77
N ASP F 73 10.00 18.27 -35.79
CA ASP F 73 9.58 18.71 -37.15
C ASP F 73 8.06 18.57 -37.32
N VAL F 74 7.28 18.52 -36.23
CA VAL F 74 5.83 18.17 -36.27
C VAL F 74 5.10 19.06 -37.28
N VAL F 75 5.37 20.37 -37.28
CA VAL F 75 4.64 21.36 -38.13
C VAL F 75 4.95 21.05 -39.60
N GLU F 76 6.23 20.95 -39.97
CA GLU F 76 6.67 20.61 -41.35
C GLU F 76 6.12 19.23 -41.73
N LEU F 77 6.28 18.22 -40.85
CA LEU F 77 5.88 16.83 -41.14
C LEU F 77 4.37 16.74 -41.31
N ALA F 78 3.58 17.43 -40.47
CA ALA F 78 2.11 17.49 -40.53
C ALA F 78 1.63 18.05 -41.87
N LYS F 79 2.24 19.15 -42.35
CA LYS F 79 1.90 19.80 -43.64
C LYS F 79 2.17 18.83 -44.80
N LYS F 80 3.40 18.30 -44.93
CA LYS F 80 3.82 17.45 -46.07
C LYS F 80 2.92 16.20 -46.16
N THR F 81 2.51 15.63 -45.02
CA THR F 81 1.82 14.31 -44.96
C THR F 81 0.30 14.48 -44.78
N GLY F 82 -0.17 15.61 -44.26
CA GLY F 82 -1.58 15.81 -43.84
C GLY F 82 -1.95 15.00 -42.61
N ALA F 83 -0.97 14.46 -41.88
CA ALA F 83 -1.15 13.60 -40.68
C ALA F 83 -2.00 14.35 -39.62
N THR F 84 -2.80 13.63 -38.83
CA THR F 84 -3.55 14.20 -37.67
C THR F 84 -2.59 14.22 -36.46
N VAL F 85 -2.37 15.40 -35.88
CA VAL F 85 -1.50 15.59 -34.67
C VAL F 85 -2.39 15.41 -33.43
N ILE F 86 -2.04 14.43 -32.60
CA ILE F 86 -2.76 14.09 -31.34
C ILE F 86 -1.94 14.60 -30.16
N GLY F 87 -2.55 15.36 -29.26
CA GLY F 87 -1.83 15.92 -28.10
C GLY F 87 -2.76 16.59 -27.12
N SER F 88 -2.19 17.30 -26.16
CA SER F 88 -2.92 18.11 -25.15
C SER F 88 -3.84 19.10 -25.89
N ALA F 89 -4.87 19.60 -25.21
CA ALA F 89 -5.74 20.68 -25.73
C ALA F 89 -4.89 21.90 -26.12
N GLU F 90 -3.91 22.27 -25.28
CA GLU F 90 -3.01 23.43 -25.53
C GLU F 90 -2.23 23.19 -26.82
N MET F 91 -1.62 22.02 -26.96
CA MET F 91 -0.80 21.63 -28.15
C MET F 91 -1.66 21.76 -29.42
N ALA F 92 -2.88 21.24 -29.41
CA ALA F 92 -3.86 21.30 -30.51
C ALA F 92 -4.20 22.76 -30.85
N ASP F 93 -4.57 23.58 -29.85
CA ASP F 93 -4.87 25.02 -30.01
C ASP F 93 -3.67 25.73 -30.65
N TYR F 94 -2.47 25.43 -30.16
CA TYR F 94 -1.18 26.05 -30.58
C TYR F 94 -0.86 25.67 -32.04
N LEU F 95 -0.77 24.38 -32.31
CA LEU F 95 -0.50 23.83 -33.68
C LEU F 95 -1.53 24.38 -34.69
N SER F 96 -2.82 24.29 -34.34
CA SER F 96 -3.95 24.77 -35.17
C SER F 96 -3.86 26.29 -35.39
N SER F 97 -4.09 27.10 -34.34
CA SER F 97 -4.32 28.56 -34.43
C SER F 97 -3.01 29.33 -34.69
N TYR F 98 -1.86 28.84 -34.22
CA TYR F 98 -0.57 29.58 -34.35
C TYR F 98 0.24 29.06 -35.55
N HIS F 99 0.40 27.75 -35.72
CA HIS F 99 1.22 27.16 -36.80
C HIS F 99 0.36 26.81 -38.02
N GLY F 100 -0.97 26.91 -37.93
CA GLY F 100 -1.89 26.61 -39.03
C GLY F 100 -1.83 25.15 -39.48
N VAL F 101 -1.58 24.20 -38.58
CA VAL F 101 -1.65 22.73 -38.84
C VAL F 101 -3.12 22.37 -39.08
N GLU F 102 -3.39 21.61 -40.14
CA GLU F 102 -4.75 21.33 -40.68
C GLU F 102 -5.54 20.40 -39.75
N ASN F 103 -4.93 19.29 -39.34
CA ASN F 103 -5.60 18.15 -38.66
C ASN F 103 -4.97 17.95 -37.28
N VAL F 104 -5.72 18.31 -36.24
CA VAL F 104 -5.29 18.16 -34.82
C VAL F 104 -6.42 17.45 -34.08
N HIS F 105 -6.07 16.63 -33.09
CA HIS F 105 -7.04 16.08 -32.11
C HIS F 105 -6.56 16.36 -30.68
N GLY F 106 -7.13 17.39 -30.05
CA GLY F 106 -6.90 17.74 -28.63
C GLY F 106 -7.37 16.64 -27.69
N MET F 107 -6.55 16.29 -26.69
CA MET F 107 -6.91 15.39 -25.57
C MET F 107 -6.30 15.92 -24.26
N ASN F 108 -6.42 15.15 -23.17
CA ASN F 108 -5.75 15.44 -21.89
C ASN F 108 -5.63 14.15 -21.07
N ILE F 109 -4.93 14.24 -19.95
CA ILE F 109 -4.51 13.07 -19.12
C ILE F 109 -5.75 12.29 -18.71
N GLY F 110 -5.66 10.95 -18.75
CA GLY F 110 -6.78 10.06 -18.43
C GLY F 110 -7.65 9.81 -19.65
N GLY F 111 -7.55 10.68 -20.66
CA GLY F 111 -8.43 10.63 -21.85
C GLY F 111 -8.02 9.53 -22.81
N LYS F 112 -8.99 8.82 -23.38
CA LYS F 112 -8.74 7.74 -24.36
C LYS F 112 -9.55 8.05 -25.62
N ALA F 113 -8.97 7.76 -26.78
CA ALA F 113 -9.56 7.98 -28.12
C ALA F 113 -9.26 6.75 -28.97
N ASN F 114 -10.25 6.29 -29.74
CA ASN F 114 -10.15 5.14 -30.67
C ASN F 114 -10.01 5.69 -32.09
N PHE F 115 -8.90 5.39 -32.76
CA PHE F 115 -8.64 5.72 -34.19
C PHE F 115 -8.67 4.44 -35.00
N ASP F 116 -8.56 4.56 -36.32
CA ASP F 116 -8.50 3.40 -37.25
C ASP F 116 -7.26 2.55 -36.90
N PHE F 117 -6.19 3.15 -36.37
CA PHE F 117 -4.94 2.41 -36.02
C PHE F 117 -5.09 1.60 -34.73
N GLY F 118 -6.08 1.91 -33.89
CA GLY F 118 -6.12 1.47 -32.48
C GLY F 118 -6.37 2.64 -31.55
N SER F 119 -6.09 2.48 -30.25
CA SER F 119 -6.46 3.47 -29.19
C SER F 119 -5.20 4.21 -28.71
N VAL F 120 -5.39 5.48 -28.33
CA VAL F 120 -4.38 6.31 -27.60
C VAL F 120 -5.04 6.72 -26.29
N LYS F 121 -4.31 6.55 -25.19
CA LYS F 121 -4.68 7.04 -23.83
C LYS F 121 -3.51 7.85 -23.31
N PHE F 122 -3.74 9.12 -22.96
CA PHE F 122 -2.71 9.96 -22.32
C PHE F 122 -2.75 9.67 -20.82
N VAL F 123 -1.56 9.63 -20.21
CA VAL F 123 -1.39 9.41 -18.74
C VAL F 123 -0.42 10.48 -18.20
N GLN F 124 -0.30 10.57 -16.88
CA GLN F 124 0.48 11.65 -16.23
C GLN F 124 1.98 11.40 -16.44
N ALA F 125 2.75 12.48 -16.39
CA ALA F 125 4.22 12.45 -16.29
C ALA F 125 4.65 13.60 -15.38
N PHE F 126 5.89 13.56 -14.90
CA PHE F 126 6.48 14.63 -14.05
C PHE F 126 7.70 15.19 -14.77
N HIS F 127 7.55 16.37 -15.36
CA HIS F 127 8.52 16.97 -16.32
C HIS F 127 8.08 18.43 -16.55
N SER F 128 8.24 18.97 -17.75
CA SER F 128 7.61 20.24 -18.15
C SER F 128 7.15 20.12 -19.60
N SER F 129 6.34 21.06 -20.09
CA SER F 129 5.83 21.04 -21.48
C SER F 129 5.66 22.46 -21.99
N SER F 130 6.49 22.82 -22.97
CA SER F 130 6.54 24.18 -23.57
C SER F 130 7.45 24.14 -24.79
N PHE F 131 7.29 25.11 -25.67
CA PHE F 131 8.24 25.43 -26.77
C PHE F 131 8.68 26.88 -26.56
N THR F 132 9.99 27.11 -26.51
CA THR F 132 10.57 28.45 -26.27
C THR F 132 10.47 29.24 -27.58
N HIS F 133 9.73 30.35 -27.57
CA HIS F 133 9.79 31.42 -28.59
C HIS F 133 11.02 32.28 -28.26
N GLU F 134 11.18 33.45 -28.87
CA GLU F 134 12.42 34.25 -28.67
C GLU F 134 12.52 34.75 -27.22
N ASN F 135 13.74 35.07 -26.80
CA ASN F 135 14.06 35.76 -25.52
C ASN F 135 13.70 34.85 -24.34
N GLY F 136 13.68 33.53 -24.53
CA GLY F 136 13.53 32.52 -23.47
C GLY F 136 12.16 32.57 -22.78
N ILE F 137 11.13 33.04 -23.49
CA ILE F 137 9.72 33.01 -23.01
C ILE F 137 9.12 31.70 -23.50
N PRO F 138 8.84 30.72 -22.59
CA PRO F 138 8.14 29.50 -22.99
C PRO F 138 6.67 29.77 -23.35
N VAL F 139 6.18 29.07 -24.36
CA VAL F 139 4.74 28.86 -24.63
C VAL F 139 4.35 27.56 -23.93
N TYR F 140 3.47 27.63 -22.94
CA TYR F 140 2.94 26.49 -22.15
C TYR F 140 2.08 25.60 -23.03
N LEU F 141 2.28 24.29 -22.97
CA LEU F 141 1.59 23.32 -23.85
C LEU F 141 0.99 22.18 -23.03
N GLY F 142 0.63 22.45 -21.77
CA GLY F 142 -0.14 21.54 -20.90
C GLY F 142 0.77 20.84 -19.92
N MET F 143 0.25 19.87 -19.17
CA MET F 143 1.10 19.00 -18.31
C MET F 143 1.73 17.98 -19.24
N PRO F 144 2.99 17.56 -18.97
CA PRO F 144 3.63 16.53 -19.77
C PRO F 144 2.91 15.20 -19.49
N MET F 145 3.00 14.27 -20.45
CA MET F 145 2.18 13.04 -20.48
C MET F 145 3.02 11.87 -20.96
N GLY F 146 2.61 10.66 -20.57
CA GLY F 146 2.94 9.41 -21.25
C GLY F 146 1.79 8.98 -22.14
N ILE F 147 2.01 7.95 -22.96
CA ILE F 147 1.00 7.38 -23.89
C ILE F 147 0.83 5.90 -23.56
N VAL F 148 -0.41 5.44 -23.44
CA VAL F 148 -0.74 4.00 -23.50
C VAL F 148 -1.44 3.74 -24.85
N PHE F 149 -0.73 3.07 -25.76
CA PHE F 149 -1.29 2.54 -27.04
C PHE F 149 -1.85 1.13 -26.81
N GLU F 150 -3.04 0.86 -27.35
CA GLU F 150 -3.53 -0.51 -27.66
C GLU F 150 -3.59 -0.64 -29.19
N VAL F 151 -2.61 -1.32 -29.78
CA VAL F 151 -2.45 -1.46 -31.26
C VAL F 151 -2.17 -2.93 -31.58
N GLU F 152 -3.07 -3.55 -32.36
CA GLU F 152 -2.98 -4.96 -32.84
C GLU F 152 -2.77 -5.88 -31.63
N GLY F 153 -3.60 -5.74 -30.59
CA GLY F 153 -3.61 -6.60 -29.38
C GLY F 153 -2.36 -6.45 -28.52
N LYS F 154 -1.54 -5.41 -28.75
CA LYS F 154 -0.33 -5.09 -27.93
C LYS F 154 -0.58 -3.78 -27.16
N THR F 155 -0.27 -3.76 -25.86
CA THR F 155 -0.32 -2.55 -25.01
C THR F 155 1.09 -1.96 -24.89
N ILE F 156 1.30 -0.76 -25.41
CA ILE F 156 2.61 -0.04 -25.43
C ILE F 156 2.51 1.15 -24.46
N TYR F 157 3.43 1.22 -23.50
CA TYR F 157 3.52 2.34 -22.52
C TYR F 157 4.80 3.09 -22.83
N HIS F 158 4.67 4.22 -23.52
CA HIS F 158 5.70 5.28 -23.61
C HIS F 158 5.51 6.18 -22.39
N THR F 159 6.47 6.24 -21.46
CA THR F 159 6.31 6.95 -20.18
C THR F 159 6.42 8.46 -20.44
N GLY F 160 6.85 8.83 -21.65
CA GLY F 160 7.26 10.21 -22.00
C GLY F 160 8.49 10.58 -21.18
N ASP F 161 8.94 11.83 -21.26
CA ASP F 161 9.96 12.36 -20.32
C ASP F 161 9.33 12.44 -18.95
N THR F 162 9.89 11.74 -17.98
CA THR F 162 9.28 11.73 -16.62
C THR F 162 10.34 11.38 -15.57
N GLY F 163 10.11 11.90 -14.37
CA GLY F 163 10.67 11.33 -13.12
C GLY F 163 9.85 10.12 -12.73
N LEU F 164 10.38 9.33 -11.79
CA LEU F 164 9.72 8.15 -11.19
C LEU F 164 8.46 8.60 -10.42
N PHE F 165 7.36 7.88 -10.55
CA PHE F 165 6.14 8.12 -9.73
C PHE F 165 5.39 6.80 -9.54
N SER F 166 4.78 6.61 -8.39
CA SER F 166 4.17 5.32 -7.99
C SER F 166 2.93 5.03 -8.84
N ASP F 167 2.30 6.05 -9.43
CA ASP F 167 1.09 5.82 -10.26
C ASP F 167 1.51 5.17 -11.59
N MET F 168 2.81 4.99 -11.83
CA MET F 168 3.31 4.05 -12.87
C MET F 168 2.71 2.65 -12.61
N SER F 169 2.57 2.23 -11.35
CA SER F 169 1.99 0.90 -10.97
C SER F 169 0.49 0.89 -11.23
N LEU F 170 -0.22 2.00 -11.02
CA LEU F 170 -1.69 2.08 -11.28
C LEU F 170 -1.92 1.94 -12.79
N ILE F 171 -1.14 2.66 -13.60
CA ILE F 171 -1.23 2.66 -15.09
C ILE F 171 -1.00 1.22 -15.58
N ALA F 172 0.06 0.56 -15.13
CA ALA F 172 0.44 -0.79 -15.58
C ALA F 172 -0.60 -1.83 -15.10
N LYS F 173 -1.13 -1.72 -13.88
CA LYS F 173 -2.15 -2.67 -13.36
C LYS F 173 -3.46 -2.55 -14.15
N ARG F 174 -3.86 -1.33 -14.50
CA ARG F 174 -5.14 -1.07 -15.22
C ARG F 174 -4.96 -1.37 -16.71
N HIS F 175 -3.72 -1.34 -17.23
CA HIS F 175 -3.39 -1.53 -18.67
C HIS F 175 -2.10 -2.33 -18.76
N PRO F 176 -2.14 -3.66 -18.47
CA PRO F 176 -0.92 -4.47 -18.43
C PRO F 176 -0.14 -4.34 -19.75
N VAL F 177 1.18 -4.18 -19.63
CA VAL F 177 2.06 -3.58 -20.67
C VAL F 177 2.84 -4.67 -21.40
N ASP F 178 2.81 -4.64 -22.74
CA ASP F 178 3.65 -5.52 -23.59
C ASP F 178 5.03 -4.90 -23.73
N VAL F 179 5.10 -3.65 -24.17
CA VAL F 179 6.38 -2.91 -24.37
C VAL F 179 6.33 -1.60 -23.59
N CYS F 180 7.34 -1.35 -22.76
CA CYS F 180 7.54 -0.06 -22.07
C CYS F 180 8.75 0.63 -22.69
N PHE F 181 8.57 1.86 -23.17
CA PHE F 181 9.69 2.76 -23.54
C PHE F 181 9.93 3.69 -22.34
N VAL F 182 11.13 3.65 -21.76
CA VAL F 182 11.41 4.34 -20.46
C VAL F 182 12.72 5.13 -20.60
N PRO F 183 12.73 6.44 -20.26
CA PRO F 183 13.94 7.24 -20.36
C PRO F 183 14.96 6.92 -19.27
N ILE F 184 16.25 6.88 -19.62
CA ILE F 184 17.39 6.54 -18.70
C ILE F 184 18.48 7.62 -18.78
N GLY F 185 18.29 8.70 -19.54
CA GLY F 185 19.35 9.69 -19.84
C GLY F 185 19.84 10.42 -18.60
N ASP F 186 18.98 10.57 -17.58
CA ASP F 186 19.24 11.34 -16.33
C ASP F 186 19.30 12.84 -16.65
N ASN F 187 19.56 13.65 -15.63
CA ASN F 187 19.60 15.14 -15.64
C ASN F 187 18.23 15.75 -15.94
N PHE F 188 17.59 15.38 -17.05
CA PHE F 188 16.27 15.92 -17.50
C PHE F 188 15.14 14.90 -17.25
N THR F 189 15.48 13.66 -16.90
CA THR F 189 14.52 12.56 -16.65
C THR F 189 15.13 11.59 -15.65
N MET F 190 14.42 10.52 -15.35
CA MET F 190 14.98 9.35 -14.64
C MET F 190 16.33 8.98 -15.27
N GLY F 191 17.30 8.63 -14.43
CA GLY F 191 18.53 7.92 -14.83
C GLY F 191 18.35 6.41 -14.67
N ILE F 192 19.45 5.67 -14.74
CA ILE F 192 19.51 4.19 -14.79
C ILE F 192 18.76 3.60 -13.59
N ASP F 193 19.10 4.02 -12.38
CA ASP F 193 18.54 3.47 -11.12
C ASP F 193 17.02 3.68 -11.12
N ASP F 194 16.54 4.89 -11.40
CA ASP F 194 15.10 5.20 -11.29
C ASP F 194 14.34 4.46 -12.39
N ALA F 195 14.85 4.47 -13.63
CA ALA F 195 14.23 3.75 -14.78
C ALA F 195 14.10 2.26 -14.43
N SER F 196 15.17 1.61 -13.96
CA SER F 196 15.16 0.15 -13.65
C SER F 196 14.20 -0.16 -12.49
N TYR F 197 14.17 0.69 -11.46
CA TYR F 197 13.20 0.58 -10.33
C TYR F 197 11.77 0.69 -10.87
N ALA F 198 11.49 1.68 -11.71
CA ALA F 198 10.18 1.88 -12.37
C ALA F 198 9.73 0.56 -13.01
N ILE F 199 10.65 -0.09 -13.73
CA ILE F 199 10.32 -1.32 -14.52
C ILE F 199 10.10 -2.48 -13.54
N ASN F 200 11.04 -2.68 -12.61
CA ASN F 200 11.04 -3.82 -11.66
C ASN F 200 9.86 -3.73 -10.69
N GLU F 201 9.57 -2.55 -10.14
CA GLU F 201 8.62 -2.38 -9.01
C GLU F 201 7.22 -2.00 -9.53
N PHE F 202 7.11 -1.13 -10.54
CA PHE F 202 5.82 -0.48 -10.92
C PHE F 202 5.25 -1.04 -12.23
N ILE F 203 6.04 -1.09 -13.31
CA ILE F 203 5.50 -1.30 -14.68
C ILE F 203 5.45 -2.80 -15.00
N LYS F 204 6.57 -3.50 -14.86
CA LYS F 204 6.66 -4.98 -15.05
C LYS F 204 6.19 -5.37 -16.44
N PRO F 205 6.77 -4.79 -17.51
CA PRO F 205 6.31 -5.08 -18.86
C PRO F 205 6.89 -6.43 -19.33
N LYS F 206 6.33 -7.02 -20.39
CA LYS F 206 6.93 -8.19 -21.10
C LYS F 206 8.28 -7.74 -21.64
N ILE F 207 8.35 -6.52 -22.19
CA ILE F 207 9.54 -5.98 -22.90
C ILE F 207 9.78 -4.52 -22.47
N SER F 208 11.03 -4.18 -22.15
CA SER F 208 11.49 -2.81 -21.83
C SER F 208 12.52 -2.34 -22.86
N VAL F 209 12.39 -1.11 -23.34
CA VAL F 209 13.34 -0.44 -24.27
C VAL F 209 13.76 0.88 -23.63
N PRO F 210 15.06 1.06 -23.26
CA PRO F 210 15.52 2.34 -22.74
C PRO F 210 15.54 3.36 -23.88
N ILE F 211 15.18 4.60 -23.57
CA ILE F 211 15.13 5.71 -24.59
C ILE F 211 15.76 6.94 -23.97
N HIS F 212 15.83 8.02 -24.75
CA HIS F 212 16.20 9.37 -24.25
C HIS F 212 17.58 9.31 -23.57
N TYR F 213 18.56 8.68 -24.23
CA TYR F 213 19.99 8.75 -23.84
C TYR F 213 20.86 9.00 -25.08
N ASP F 214 22.10 9.46 -24.86
CA ASP F 214 23.21 9.54 -25.85
C ASP F 214 23.08 10.73 -26.82
N THR F 215 21.88 11.28 -27.03
CA THR F 215 21.61 12.32 -28.07
C THR F 215 22.50 13.54 -27.84
N PHE F 216 22.70 13.92 -26.58
CA PHE F 216 23.56 15.06 -26.14
C PHE F 216 24.52 14.53 -25.08
N PRO F 217 25.73 15.13 -24.94
CA PRO F 217 26.72 14.64 -24.00
C PRO F 217 26.16 14.48 -22.58
N LEU F 218 25.31 15.43 -22.18
CA LEU F 218 24.75 15.57 -20.80
C LEU F 218 23.93 14.32 -20.45
N ILE F 219 23.32 13.66 -21.43
CA ILE F 219 22.44 12.47 -21.22
C ILE F 219 23.11 11.19 -21.77
N GLU F 220 24.43 11.17 -21.92
CA GLU F 220 25.19 9.96 -22.29
C GLU F 220 25.08 8.93 -21.14
N GLN F 221 24.62 7.73 -21.46
CA GLN F 221 24.49 6.60 -20.50
C GLN F 221 24.85 5.30 -21.22
N ASP F 222 25.21 4.28 -20.45
CA ASP F 222 25.43 2.90 -20.95
C ASP F 222 24.16 2.11 -20.71
N PRO F 223 23.36 1.77 -21.76
CA PRO F 223 22.09 1.09 -21.56
C PRO F 223 22.23 -0.33 -20.98
N GLN F 224 23.46 -0.86 -20.95
CA GLN F 224 23.82 -2.17 -20.35
C GLN F 224 23.72 -2.09 -18.83
N GLN F 225 23.99 -0.93 -18.23
CA GLN F 225 23.73 -0.72 -16.79
C GLN F 225 22.22 -0.87 -16.56
N PHE F 226 21.37 -0.40 -17.48
CA PHE F 226 19.89 -0.50 -17.37
C PHE F 226 19.43 -1.95 -17.54
N LYS F 227 19.95 -2.68 -18.53
CA LYS F 227 19.62 -4.10 -18.79
C LYS F 227 19.94 -4.96 -17.55
N ASP F 228 21.16 -4.81 -17.02
CA ASP F 228 21.66 -5.58 -15.85
C ASP F 228 20.78 -5.29 -14.63
N ALA F 229 20.31 -4.05 -14.45
CA ALA F 229 19.50 -3.63 -13.28
C ALA F 229 18.05 -4.13 -13.40
N VAL F 230 17.53 -4.44 -14.60
CA VAL F 230 16.14 -4.92 -14.82
C VAL F 230 16.10 -6.44 -14.59
N ASN F 231 15.12 -6.93 -13.81
CA ASN F 231 14.98 -8.36 -13.40
C ASN F 231 13.68 -8.95 -13.93
N VAL F 232 12.84 -8.13 -14.56
CA VAL F 232 11.46 -8.53 -14.97
C VAL F 232 11.41 -8.44 -16.49
N GLY F 233 10.85 -9.49 -17.13
CA GLY F 233 10.62 -9.56 -18.58
C GLY F 233 11.93 -9.52 -19.35
N ASP F 234 11.90 -8.92 -20.54
CA ASP F 234 13.03 -8.88 -21.51
C ASP F 234 13.39 -7.40 -21.72
N VAL F 235 14.68 -7.11 -21.79
CA VAL F 235 15.24 -5.77 -22.16
C VAL F 235 15.81 -5.84 -23.58
N GLN F 236 15.31 -5.03 -24.50
CA GLN F 236 15.84 -4.92 -25.89
C GLN F 236 16.43 -3.53 -26.09
N ILE F 237 17.76 -3.43 -26.04
CA ILE F 237 18.50 -2.16 -26.30
C ILE F 237 18.45 -1.91 -27.81
N LEU F 238 17.45 -1.16 -28.27
CA LEU F 238 17.29 -0.80 -29.70
C LEU F 238 18.19 0.38 -30.04
N LYS F 239 18.96 0.26 -31.13
CA LYS F 239 19.62 1.40 -31.82
C LYS F 239 18.58 2.08 -32.70
N PRO F 240 18.71 3.39 -33.03
CA PRO F 240 17.80 4.04 -33.96
C PRO F 240 17.65 3.24 -35.26
N GLY F 241 16.41 3.00 -35.67
CA GLY F 241 16.06 2.21 -36.87
C GLY F 241 15.74 0.76 -36.54
N GLU F 242 16.07 0.27 -35.34
CA GLU F 242 15.82 -1.15 -34.93
C GLU F 242 14.38 -1.29 -34.44
N SER F 243 13.78 -2.46 -34.70
CA SER F 243 12.36 -2.80 -34.38
C SER F 243 12.34 -3.69 -33.14
N VAL F 244 11.21 -3.72 -32.43
CA VAL F 244 11.00 -4.59 -31.24
C VAL F 244 10.71 -6.01 -31.75
N GLN F 245 11.38 -7.00 -31.17
CA GLN F 245 11.16 -8.45 -31.46
C GLN F 245 10.21 -9.02 -30.40
N PHE F 246 8.98 -9.36 -30.78
CA PHE F 246 7.90 -9.80 -29.85
C PHE F 246 8.06 -11.29 -29.52
#